data_5QRK
# 
_entry.id   5QRK 
# 
_audit_conform.dict_name       mmcif_pdbx.dic 
_audit_conform.dict_version    5.387 
_audit_conform.dict_location   http://mmcif.pdb.org/dictionaries/ascii/mmcif_pdbx.dic 
# 
loop_
_database_2.database_id 
_database_2.database_code 
_database_2.pdbx_database_accession 
_database_2.pdbx_DOI 
PDB   5QRK         pdb_00005qrk 10.2210/pdb5qrk/pdb 
WWPDB D_1001402317 ?            ?                   
# 
loop_
_pdbx_audit_revision_history.ordinal 
_pdbx_audit_revision_history.data_content_type 
_pdbx_audit_revision_history.major_revision 
_pdbx_audit_revision_history.minor_revision 
_pdbx_audit_revision_history.revision_date 
1 'Structure model' 1 0 2019-07-10 
2 'Structure model' 1 1 2019-08-07 
3 'Structure model' 1 2 2024-03-06 
# 
_pdbx_audit_revision_details.ordinal             1 
_pdbx_audit_revision_details.revision_ordinal    1 
_pdbx_audit_revision_details.data_content_type   'Structure model' 
_pdbx_audit_revision_details.provider            repository 
_pdbx_audit_revision_details.type                'Initial release' 
_pdbx_audit_revision_details.description         ? 
_pdbx_audit_revision_details.details             ? 
# 
loop_
_pdbx_audit_revision_group.ordinal 
_pdbx_audit_revision_group.revision_ordinal 
_pdbx_audit_revision_group.data_content_type 
_pdbx_audit_revision_group.group 
1 2 'Structure model' 'Author supporting evidence' 
2 2 'Structure model' 'Data collection'            
3 2 'Structure model' 'Structure summary'          
4 3 'Structure model' 'Data collection'            
5 3 'Structure model' 'Database references'        
6 3 'Structure model' 'Derived calculations'       
# 
loop_
_pdbx_audit_revision_category.ordinal 
_pdbx_audit_revision_category.revision_ordinal 
_pdbx_audit_revision_category.data_content_type 
_pdbx_audit_revision_category.category 
1 2 'Structure model' pdbx_entity_instance_feature 
2 2 'Structure model' pdbx_entry_details           
3 3 'Structure model' chem_comp_atom               
4 3 'Structure model' chem_comp_bond               
5 3 'Structure model' database_2                   
6 3 'Structure model' pdbx_struct_conn_angle       
7 3 'Structure model' struct_conn                  
# 
loop_
_pdbx_audit_revision_item.ordinal 
_pdbx_audit_revision_item.revision_ordinal 
_pdbx_audit_revision_item.data_content_type 
_pdbx_audit_revision_item.item 
1  3 'Structure model' '_database_2.pdbx_DOI'                        
2  3 'Structure model' '_database_2.pdbx_database_accession'         
3  3 'Structure model' '_pdbx_struct_conn_angle.ptnr1_auth_comp_id'  
4  3 'Structure model' '_pdbx_struct_conn_angle.ptnr1_auth_seq_id'   
5  3 'Structure model' '_pdbx_struct_conn_angle.ptnr1_label_alt_id'  
6  3 'Structure model' '_pdbx_struct_conn_angle.ptnr1_label_asym_id' 
7  3 'Structure model' '_pdbx_struct_conn_angle.ptnr1_label_atom_id' 
8  3 'Structure model' '_pdbx_struct_conn_angle.ptnr1_label_comp_id' 
9  3 'Structure model' '_pdbx_struct_conn_angle.ptnr1_label_seq_id'  
10 3 'Structure model' '_pdbx_struct_conn_angle.ptnr1_symmetry'      
11 3 'Structure model' '_pdbx_struct_conn_angle.ptnr3_auth_comp_id'  
12 3 'Structure model' '_pdbx_struct_conn_angle.ptnr3_auth_seq_id'   
13 3 'Structure model' '_pdbx_struct_conn_angle.ptnr3_label_alt_id'  
14 3 'Structure model' '_pdbx_struct_conn_angle.ptnr3_label_asym_id' 
15 3 'Structure model' '_pdbx_struct_conn_angle.ptnr3_label_atom_id' 
16 3 'Structure model' '_pdbx_struct_conn_angle.ptnr3_label_comp_id' 
17 3 'Structure model' '_pdbx_struct_conn_angle.ptnr3_label_seq_id'  
18 3 'Structure model' '_pdbx_struct_conn_angle.ptnr3_symmetry'      
19 3 'Structure model' '_pdbx_struct_conn_angle.value'               
20 3 'Structure model' '_struct_conn.pdbx_dist_value'                
21 3 'Structure model' '_struct_conn.pdbx_ptnr1_label_alt_id'        
22 3 'Structure model' '_struct_conn.ptnr1_auth_comp_id'             
23 3 'Structure model' '_struct_conn.ptnr1_auth_seq_id'              
24 3 'Structure model' '_struct_conn.ptnr1_label_asym_id'            
25 3 'Structure model' '_struct_conn.ptnr1_label_atom_id'            
26 3 'Structure model' '_struct_conn.ptnr1_label_comp_id'            
27 3 'Structure model' '_struct_conn.ptnr1_label_seq_id'             
28 3 'Structure model' '_struct_conn.ptnr2_auth_comp_id'             
29 3 'Structure model' '_struct_conn.ptnr2_auth_seq_id'              
30 3 'Structure model' '_struct_conn.ptnr2_label_asym_id'            
31 3 'Structure model' '_struct_conn.ptnr2_label_atom_id'            
32 3 'Structure model' '_struct_conn.ptnr2_label_comp_id'            
33 3 'Structure model' '_struct_conn.ptnr2_symmetry'                 
# 
_pdbx_database_status.entry_id                        5QRK 
_pdbx_database_status.status_code                     REL 
_pdbx_database_status.status_code_sf                  REL 
_pdbx_database_status.status_code_mr                  ? 
_pdbx_database_status.status_code_cs                  ? 
_pdbx_database_status.recvd_initial_deposition_date   2019-05-25 
_pdbx_database_status.deposit_site                    RCSB 
_pdbx_database_status.process_site                    RCSB 
_pdbx_database_status.SG_entry                        ? 
_pdbx_database_status.pdb_format_compatible           Y 
_pdbx_database_status.methods_development_category    ? 
_pdbx_database_status.status_code_nmr_data            ? 
# 
loop_
_audit_author.name 
_audit_author.pdbx_ordinal 
'Newman, J.A.'        1  
'Gavard, A.E.'        2  
'Fernandez-Cid, A.'   3  
'Sherestha, L.'       4  
'Burgess-Brown, N.A.' 5  
'von Delft, F.'       6  
'Arrowsmith, C.H.'    7  
'Edwards, A.'         8  
'Bountra, C.'         9  
'Gileadi, O.'         10 
# 
_citation.id                        primary 
_citation.title                     'PanDDA analysis group deposition' 
_citation.journal_abbrev            'To Be Published' 
_citation.journal_volume            ? 
_citation.page_first                ? 
_citation.page_last                 ? 
_citation.year                      ? 
_citation.journal_id_ASTM           ? 
_citation.country                   ? 
_citation.journal_id_ISSN           ? 
_citation.journal_id_CSD            0353 
_citation.book_publisher            ? 
_citation.pdbx_database_id_PubMed   ? 
_citation.pdbx_database_id_DOI      ? 
# 
loop_
_citation_author.citation_id 
_citation_author.name 
_citation_author.identifier_ORCID 
_citation_author.ordinal 
primary 'Newman, J.A.'        ? 1  
primary 'Gavard, A.E.'        ? 2  
primary 'Fernandez-Cid, A.'   ? 3  
primary 'Sherestha, L.'       ? 4  
primary 'Burgess-Brown, N.A.' ? 5  
primary 'von Delft, F.'       ? 6  
primary 'Arrowsmith, C.H.'    ? 7  
primary 'Edwards, A.'         ? 8  
primary 'Bountra, C.'         ? 9  
primary 'Gileadi, O.'         ? 10 
# 
loop_
_entity.id 
_entity.type 
_entity.src_method 
_entity.pdbx_description 
_entity.formula_weight 
_entity.pdbx_number_of_molecules 
_entity.pdbx_ec 
_entity.pdbx_mutation 
_entity.pdbx_fragment 
_entity.details 
1 polymer     man 'T-box transcription factor T'                            19597.586 1  ? ? ? ? 
2 non-polymer syn 'CADMIUM ION'                                             112.411   5  ? ? ? ? 
3 non-polymer syn 'N-[(1-methyl-1H-pyrazol-4-yl)methyl]furan-2-carboxamide' 205.213   1  ? ? ? ? 
4 water       nat water                                                     18.015    77 ? ? ? ? 
# 
_entity_name_com.entity_id   1 
_entity_name_com.name        'Brachyury protein,Protein T' 
# 
_entity_poly.entity_id                      1 
_entity_poly.type                           'polypeptide(L)' 
_entity_poly.nstd_linkage                   no 
_entity_poly.nstd_monomer                   no 
_entity_poly.pdbx_seq_one_letter_code       
;GELRVGLEESELWLRFKELTNEMIVTKNGRRMFPVLKVNVSGLDPNAMYSFLLDFVAADNHRWKYVNGEWVPGGKPEPQA
PSCVYIHPDSPNFGAHWMKAPVSFSKVKLTNKLNGGGQIMLNSLHKYEPRIHIVRVGGPQRMITSHCFPETQFIAVTAYQ
NEEITALKIKYN
;
_entity_poly.pdbx_seq_one_letter_code_can   
;GELRVGLEESELWLRFKELTNEMIVTKNGRRMFPVLKVNVSGLDPNAMYSFLLDFVAADNHRWKYVNGEWVPGGKPEPQA
PSCVYIHPDSPNFGAHWMKAPVSFSKVKLTNKLNGGGQIMLNSLHKYEPRIHIVRVGGPQRMITSHCFPETQFIAVTAYQ
NEEITALKIKYN
;
_entity_poly.pdbx_strand_id                 A 
_entity_poly.pdbx_target_identifier         ? 
# 
loop_
_pdbx_entity_nonpoly.entity_id 
_pdbx_entity_nonpoly.name 
_pdbx_entity_nonpoly.comp_id 
2 'CADMIUM ION'                                             CD  
3 'N-[(1-methyl-1H-pyrazol-4-yl)methyl]furan-2-carboxamide' NWV 
4 water                                                     HOH 
# 
loop_
_entity_poly_seq.entity_id 
_entity_poly_seq.num 
_entity_poly_seq.mon_id 
_entity_poly_seq.hetero 
1 1   GLY n 
1 2   GLU n 
1 3   LEU n 
1 4   ARG n 
1 5   VAL n 
1 6   GLY n 
1 7   LEU n 
1 8   GLU n 
1 9   GLU n 
1 10  SER n 
1 11  GLU n 
1 12  LEU n 
1 13  TRP n 
1 14  LEU n 
1 15  ARG n 
1 16  PHE n 
1 17  LYS n 
1 18  GLU n 
1 19  LEU n 
1 20  THR n 
1 21  ASN n 
1 22  GLU n 
1 23  MET n 
1 24  ILE n 
1 25  VAL n 
1 26  THR n 
1 27  LYS n 
1 28  ASN n 
1 29  GLY n 
1 30  ARG n 
1 31  ARG n 
1 32  MET n 
1 33  PHE n 
1 34  PRO n 
1 35  VAL n 
1 36  LEU n 
1 37  LYS n 
1 38  VAL n 
1 39  ASN n 
1 40  VAL n 
1 41  SER n 
1 42  GLY n 
1 43  LEU n 
1 44  ASP n 
1 45  PRO n 
1 46  ASN n 
1 47  ALA n 
1 48  MET n 
1 49  TYR n 
1 50  SER n 
1 51  PHE n 
1 52  LEU n 
1 53  LEU n 
1 54  ASP n 
1 55  PHE n 
1 56  VAL n 
1 57  ALA n 
1 58  ALA n 
1 59  ASP n 
1 60  ASN n 
1 61  HIS n 
1 62  ARG n 
1 63  TRP n 
1 64  LYS n 
1 65  TYR n 
1 66  VAL n 
1 67  ASN n 
1 68  GLY n 
1 69  GLU n 
1 70  TRP n 
1 71  VAL n 
1 72  PRO n 
1 73  GLY n 
1 74  GLY n 
1 75  LYS n 
1 76  PRO n 
1 77  GLU n 
1 78  PRO n 
1 79  GLN n 
1 80  ALA n 
1 81  PRO n 
1 82  SER n 
1 83  CYS n 
1 84  VAL n 
1 85  TYR n 
1 86  ILE n 
1 87  HIS n 
1 88  PRO n 
1 89  ASP n 
1 90  SER n 
1 91  PRO n 
1 92  ASN n 
1 93  PHE n 
1 94  GLY n 
1 95  ALA n 
1 96  HIS n 
1 97  TRP n 
1 98  MET n 
1 99  LYS n 
1 100 ALA n 
1 101 PRO n 
1 102 VAL n 
1 103 SER n 
1 104 PHE n 
1 105 SER n 
1 106 LYS n 
1 107 VAL n 
1 108 LYS n 
1 109 LEU n 
1 110 THR n 
1 111 ASN n 
1 112 LYS n 
1 113 LEU n 
1 114 ASN n 
1 115 GLY n 
1 116 GLY n 
1 117 GLY n 
1 118 GLN n 
1 119 ILE n 
1 120 MET n 
1 121 LEU n 
1 122 ASN n 
1 123 SER n 
1 124 LEU n 
1 125 HIS n 
1 126 LYS n 
1 127 TYR n 
1 128 GLU n 
1 129 PRO n 
1 130 ARG n 
1 131 ILE n 
1 132 HIS n 
1 133 ILE n 
1 134 VAL n 
1 135 ARG n 
1 136 VAL n 
1 137 GLY n 
1 138 GLY n 
1 139 PRO n 
1 140 GLN n 
1 141 ARG n 
1 142 MET n 
1 143 ILE n 
1 144 THR n 
1 145 SER n 
1 146 HIS n 
1 147 CYS n 
1 148 PHE n 
1 149 PRO n 
1 150 GLU n 
1 151 THR n 
1 152 GLN n 
1 153 PHE n 
1 154 ILE n 
1 155 ALA n 
1 156 VAL n 
1 157 THR n 
1 158 ALA n 
1 159 TYR n 
1 160 GLN n 
1 161 ASN n 
1 162 GLU n 
1 163 GLU n 
1 164 ILE n 
1 165 THR n 
1 166 ALA n 
1 167 LEU n 
1 168 LYS n 
1 169 ILE n 
1 170 LYS n 
1 171 TYR n 
1 172 ASN n 
# 
_entity_src_gen.entity_id                          1 
_entity_src_gen.pdbx_src_id                        1 
_entity_src_gen.pdbx_alt_source_flag               sample 
_entity_src_gen.pdbx_seq_type                      'Biological sequence' 
_entity_src_gen.pdbx_beg_seq_num                   1 
_entity_src_gen.pdbx_end_seq_num                   172 
_entity_src_gen.gene_src_common_name               Human 
_entity_src_gen.gene_src_genus                     ? 
_entity_src_gen.pdbx_gene_src_gene                 'TBXT, T' 
_entity_src_gen.gene_src_species                   ? 
_entity_src_gen.gene_src_strain                    ? 
_entity_src_gen.gene_src_tissue                    ? 
_entity_src_gen.gene_src_tissue_fraction           ? 
_entity_src_gen.gene_src_details                   ? 
_entity_src_gen.pdbx_gene_src_fragment             ? 
_entity_src_gen.pdbx_gene_src_scientific_name      'Homo sapiens' 
_entity_src_gen.pdbx_gene_src_ncbi_taxonomy_id     9606 
_entity_src_gen.pdbx_gene_src_variant              ? 
_entity_src_gen.pdbx_gene_src_cell_line            ? 
_entity_src_gen.pdbx_gene_src_atcc                 ? 
_entity_src_gen.pdbx_gene_src_organ                ? 
_entity_src_gen.pdbx_gene_src_organelle            ? 
_entity_src_gen.pdbx_gene_src_cell                 ? 
_entity_src_gen.pdbx_gene_src_cellular_location    ? 
_entity_src_gen.host_org_common_name               ? 
_entity_src_gen.pdbx_host_org_scientific_name      'Escherichia coli' 
_entity_src_gen.pdbx_host_org_ncbi_taxonomy_id     562 
_entity_src_gen.host_org_genus                     ? 
_entity_src_gen.pdbx_host_org_gene                 ? 
_entity_src_gen.pdbx_host_org_organ                ? 
_entity_src_gen.host_org_species                   ? 
_entity_src_gen.pdbx_host_org_tissue               ? 
_entity_src_gen.pdbx_host_org_tissue_fraction      ? 
_entity_src_gen.pdbx_host_org_strain               ? 
_entity_src_gen.pdbx_host_org_variant              ? 
_entity_src_gen.pdbx_host_org_cell_line            ? 
_entity_src_gen.pdbx_host_org_atcc                 ? 
_entity_src_gen.pdbx_host_org_culture_collection   ? 
_entity_src_gen.pdbx_host_org_cell                 ? 
_entity_src_gen.pdbx_host_org_organelle            ? 
_entity_src_gen.pdbx_host_org_cellular_location    ? 
_entity_src_gen.pdbx_host_org_vector_type          ? 
_entity_src_gen.pdbx_host_org_vector               ? 
_entity_src_gen.host_org_details                   ? 
_entity_src_gen.expression_system_id               ? 
_entity_src_gen.plasmid_name                       ? 
_entity_src_gen.plasmid_details                    ? 
_entity_src_gen.pdbx_description                   ? 
# 
loop_
_chem_comp.id 
_chem_comp.type 
_chem_comp.mon_nstd_flag 
_chem_comp.name 
_chem_comp.pdbx_synonyms 
_chem_comp.formula 
_chem_comp.formula_weight 
ALA 'L-peptide linking' y ALANINE                                                   ? 'C3 H7 N O2'     89.093  
ARG 'L-peptide linking' y ARGININE                                                  ? 'C6 H15 N4 O2 1' 175.209 
ASN 'L-peptide linking' y ASPARAGINE                                                ? 'C4 H8 N2 O3'    132.118 
ASP 'L-peptide linking' y 'ASPARTIC ACID'                                           ? 'C4 H7 N O4'     133.103 
CD  non-polymer         . 'CADMIUM ION'                                             ? 'Cd 2'           112.411 
CYS 'L-peptide linking' y CYSTEINE                                                  ? 'C3 H7 N O2 S'   121.158 
GLN 'L-peptide linking' y GLUTAMINE                                                 ? 'C5 H10 N2 O3'   146.144 
GLU 'L-peptide linking' y 'GLUTAMIC ACID'                                           ? 'C5 H9 N O4'     147.129 
GLY 'peptide linking'   y GLYCINE                                                   ? 'C2 H5 N O2'     75.067  
HIS 'L-peptide linking' y HISTIDINE                                                 ? 'C6 H10 N3 O2 1' 156.162 
HOH non-polymer         . WATER                                                     ? 'H2 O'           18.015  
ILE 'L-peptide linking' y ISOLEUCINE                                                ? 'C6 H13 N O2'    131.173 
LEU 'L-peptide linking' y LEUCINE                                                   ? 'C6 H13 N O2'    131.173 
LYS 'L-peptide linking' y LYSINE                                                    ? 'C6 H15 N2 O2 1' 147.195 
MET 'L-peptide linking' y METHIONINE                                                ? 'C5 H11 N O2 S'  149.211 
NWV non-polymer         . 'N-[(1-methyl-1H-pyrazol-4-yl)methyl]furan-2-carboxamide' ? 'C10 H11 N3 O2'  205.213 
PHE 'L-peptide linking' y PHENYLALANINE                                             ? 'C9 H11 N O2'    165.189 
PRO 'L-peptide linking' y PROLINE                                                   ? 'C5 H9 N O2'     115.130 
SER 'L-peptide linking' y SERINE                                                    ? 'C3 H7 N O3'     105.093 
THR 'L-peptide linking' y THREONINE                                                 ? 'C4 H9 N O3'     119.119 
TRP 'L-peptide linking' y TRYPTOPHAN                                                ? 'C11 H12 N2 O2'  204.225 
TYR 'L-peptide linking' y TYROSINE                                                  ? 'C9 H11 N O3'    181.189 
VAL 'L-peptide linking' y VALINE                                                    ? 'C5 H11 N O2'    117.146 
# 
loop_
_pdbx_poly_seq_scheme.asym_id 
_pdbx_poly_seq_scheme.entity_id 
_pdbx_poly_seq_scheme.seq_id 
_pdbx_poly_seq_scheme.mon_id 
_pdbx_poly_seq_scheme.ndb_seq_num 
_pdbx_poly_seq_scheme.pdb_seq_num 
_pdbx_poly_seq_scheme.auth_seq_num 
_pdbx_poly_seq_scheme.pdb_mon_id 
_pdbx_poly_seq_scheme.auth_mon_id 
_pdbx_poly_seq_scheme.pdb_strand_id 
_pdbx_poly_seq_scheme.pdb_ins_code 
_pdbx_poly_seq_scheme.hetero 
A 1 1   GLY 1   40  ?   ?   ?   A . n 
A 1 2   GLU 2   41  41  GLU GLU A . n 
A 1 3   LEU 3   42  42  LEU LEU A . n 
A 1 4   ARG 4   43  43  ARG ARG A . n 
A 1 5   VAL 5   44  44  VAL VAL A . n 
A 1 6   GLY 6   45  45  GLY GLY A . n 
A 1 7   LEU 7   46  46  LEU LEU A . n 
A 1 8   GLU 8   47  47  GLU GLU A . n 
A 1 9   GLU 9   48  48  GLU GLU A . n 
A 1 10  SER 10  49  49  SER SER A . n 
A 1 11  GLU 11  50  50  GLU GLU A . n 
A 1 12  LEU 12  51  51  LEU LEU A . n 
A 1 13  TRP 13  52  52  TRP TRP A . n 
A 1 14  LEU 14  53  53  LEU LEU A . n 
A 1 15  ARG 15  54  54  ARG ARG A . n 
A 1 16  PHE 16  55  55  PHE PHE A . n 
A 1 17  LYS 17  56  56  LYS LYS A . n 
A 1 18  GLU 18  57  57  GLU GLU A . n 
A 1 19  LEU 19  58  58  LEU LEU A . n 
A 1 20  THR 20  59  59  THR THR A . n 
A 1 21  ASN 21  60  60  ASN ASN A . n 
A 1 22  GLU 22  61  61  GLU GLU A . n 
A 1 23  MET 23  62  62  MET MET A . n 
A 1 24  ILE 24  63  63  ILE ILE A . n 
A 1 25  VAL 25  64  64  VAL VAL A . n 
A 1 26  THR 26  65  65  THR THR A . n 
A 1 27  LYS 27  66  66  LYS LYS A . n 
A 1 28  ASN 28  67  67  ASN ASN A . n 
A 1 29  GLY 29  68  68  GLY GLY A . n 
A 1 30  ARG 30  69  69  ARG ARG A . n 
A 1 31  ARG 31  70  70  ARG ARG A . n 
A 1 32  MET 32  71  71  MET MET A . n 
A 1 33  PHE 33  72  72  PHE PHE A . n 
A 1 34  PRO 34  73  73  PRO PRO A . n 
A 1 35  VAL 35  74  74  VAL VAL A . n 
A 1 36  LEU 36  75  75  LEU LEU A . n 
A 1 37  LYS 37  76  76  LYS LYS A . n 
A 1 38  VAL 38  77  77  VAL VAL A . n 
A 1 39  ASN 39  78  78  ASN ASN A . n 
A 1 40  VAL 40  79  79  VAL VAL A . n 
A 1 41  SER 41  80  80  SER SER A . n 
A 1 42  GLY 42  81  81  GLY GLY A . n 
A 1 43  LEU 43  82  82  LEU LEU A . n 
A 1 44  ASP 44  83  83  ASP ASP A . n 
A 1 45  PRO 45  84  84  PRO PRO A . n 
A 1 46  ASN 46  85  85  ASN ASN A . n 
A 1 47  ALA 47  86  86  ALA ALA A . n 
A 1 48  MET 48  87  87  MET MET A . n 
A 1 49  TYR 49  88  88  TYR TYR A . n 
A 1 50  SER 50  89  89  SER SER A . n 
A 1 51  PHE 51  90  90  PHE PHE A . n 
A 1 52  LEU 52  91  91  LEU LEU A . n 
A 1 53  LEU 53  92  92  LEU LEU A . n 
A 1 54  ASP 54  93  93  ASP ASP A . n 
A 1 55  PHE 55  94  94  PHE PHE A . n 
A 1 56  VAL 56  95  95  VAL VAL A . n 
A 1 57  ALA 57  96  96  ALA ALA A . n 
A 1 58  ALA 58  97  97  ALA ALA A . n 
A 1 59  ASP 59  98  98  ASP ASP A . n 
A 1 60  ASN 60  99  99  ASN ASN A . n 
A 1 61  HIS 61  100 100 HIS HIS A . n 
A 1 62  ARG 62  101 101 ARG ARG A . n 
A 1 63  TRP 63  102 102 TRP TRP A . n 
A 1 64  LYS 64  103 103 LYS LYS A . n 
A 1 65  TYR 65  104 104 TYR TYR A . n 
A 1 66  VAL 66  105 105 VAL VAL A . n 
A 1 67  ASN 67  106 106 ASN ASN A . n 
A 1 68  GLY 68  107 107 GLY GLY A . n 
A 1 69  GLU 69  108 108 GLU GLU A . n 
A 1 70  TRP 70  109 109 TRP TRP A . n 
A 1 71  VAL 71  110 110 VAL VAL A . n 
A 1 72  PRO 72  111 111 PRO PRO A . n 
A 1 73  GLY 73  112 112 GLY GLY A . n 
A 1 74  GLY 74  113 113 GLY GLY A . n 
A 1 75  LYS 75  114 114 LYS LYS A . n 
A 1 76  PRO 76  115 115 PRO PRO A . n 
A 1 77  GLU 77  116 116 GLU GLU A . n 
A 1 78  PRO 78  117 117 PRO PRO A . n 
A 1 79  GLN 79  118 118 GLN GLN A . n 
A 1 80  ALA 80  119 119 ALA ALA A . n 
A 1 81  PRO 81  120 120 PRO PRO A . n 
A 1 82  SER 82  121 121 SER SER A . n 
A 1 83  CYS 83  122 122 CYS CYS A . n 
A 1 84  VAL 84  123 123 VAL VAL A . n 
A 1 85  TYR 85  124 124 TYR TYR A . n 
A 1 86  ILE 86  125 125 ILE ILE A . n 
A 1 87  HIS 87  126 126 HIS HIS A . n 
A 1 88  PRO 88  127 127 PRO PRO A . n 
A 1 89  ASP 89  128 128 ASP ASP A . n 
A 1 90  SER 90  129 129 SER SER A . n 
A 1 91  PRO 91  130 130 PRO PRO A . n 
A 1 92  ASN 92  131 131 ASN ASN A . n 
A 1 93  PHE 93  132 132 PHE PHE A . n 
A 1 94  GLY 94  133 133 GLY GLY A . n 
A 1 95  ALA 95  134 134 ALA ALA A . n 
A 1 96  HIS 96  135 135 HIS HIS A . n 
A 1 97  TRP 97  136 136 TRP TRP A . n 
A 1 98  MET 98  137 137 MET MET A . n 
A 1 99  LYS 99  138 138 LYS LYS A . n 
A 1 100 ALA 100 139 139 ALA ALA A . n 
A 1 101 PRO 101 140 140 PRO PRO A . n 
A 1 102 VAL 102 141 141 VAL VAL A . n 
A 1 103 SER 103 142 142 SER SER A . n 
A 1 104 PHE 104 143 143 PHE PHE A . n 
A 1 105 SER 105 144 144 SER SER A . n 
A 1 106 LYS 106 145 145 LYS LYS A . n 
A 1 107 VAL 107 146 146 VAL VAL A . n 
A 1 108 LYS 108 147 147 LYS LYS A . n 
A 1 109 LEU 109 148 148 LEU LEU A . n 
A 1 110 THR 110 149 149 THR THR A . n 
A 1 111 ASN 111 150 150 ASN ASN A . n 
A 1 112 LYS 112 151 151 LYS LYS A . n 
A 1 113 LEU 113 152 152 LEU LEU A . n 
A 1 114 ASN 114 153 153 ASN ASN A . n 
A 1 115 GLY 115 154 154 GLY GLY A . n 
A 1 116 GLY 116 155 155 GLY GLY A . n 
A 1 117 GLY 117 156 156 GLY GLY A . n 
A 1 118 GLN 118 157 157 GLN GLN A . n 
A 1 119 ILE 119 158 158 ILE ILE A . n 
A 1 120 MET 120 159 159 MET MET A . n 
A 1 121 LEU 121 160 160 LEU LEU A . n 
A 1 122 ASN 122 161 161 ASN ASN A . n 
A 1 123 SER 123 162 162 SER SER A . n 
A 1 124 LEU 124 163 163 LEU LEU A . n 
A 1 125 HIS 125 164 164 HIS HIS A . n 
A 1 126 LYS 126 165 165 LYS LYS A . n 
A 1 127 TYR 127 166 166 TYR TYR A . n 
A 1 128 GLU 128 167 167 GLU GLU A . n 
A 1 129 PRO 129 168 168 PRO PRO A . n 
A 1 130 ARG 130 169 169 ARG ARG A . n 
A 1 131 ILE 131 170 170 ILE ILE A . n 
A 1 132 HIS 132 171 171 HIS HIS A . n 
A 1 133 ILE 133 172 172 ILE ILE A . n 
A 1 134 VAL 134 173 173 VAL VAL A . n 
A 1 135 ARG 135 174 174 ARG ARG A . n 
A 1 136 VAL 136 175 175 VAL VAL A . n 
A 1 137 GLY 137 176 176 GLY GLY A . n 
A 1 138 GLY 138 177 177 GLY GLY A . n 
A 1 139 PRO 139 178 178 PRO PRO A . n 
A 1 140 GLN 140 179 179 GLN GLN A . n 
A 1 141 ARG 141 180 180 ARG ARG A . n 
A 1 142 MET 142 181 181 MET MET A . n 
A 1 143 ILE 143 182 182 ILE ILE A . n 
A 1 144 THR 144 183 183 THR THR A . n 
A 1 145 SER 145 184 184 SER SER A . n 
A 1 146 HIS 146 185 185 HIS HIS A . n 
A 1 147 CYS 147 186 186 CYS CYS A . n 
A 1 148 PHE 148 187 187 PHE PHE A . n 
A 1 149 PRO 149 188 188 PRO PRO A . n 
A 1 150 GLU 150 189 189 GLU GLU A . n 
A 1 151 THR 151 190 190 THR THR A . n 
A 1 152 GLN 152 191 191 GLN GLN A . n 
A 1 153 PHE 153 192 192 PHE PHE A . n 
A 1 154 ILE 154 193 193 ILE ILE A . n 
A 1 155 ALA 155 194 194 ALA ALA A . n 
A 1 156 VAL 156 195 195 VAL VAL A . n 
A 1 157 THR 157 196 196 THR THR A . n 
A 1 158 ALA 158 197 197 ALA ALA A . n 
A 1 159 TYR 159 198 198 TYR TYR A . n 
A 1 160 GLN 160 199 199 GLN GLN A . n 
A 1 161 ASN 161 200 200 ASN ASN A . n 
A 1 162 GLU 162 201 201 GLU GLU A . n 
A 1 163 GLU 163 202 202 GLU GLU A . n 
A 1 164 ILE 164 203 203 ILE ILE A . n 
A 1 165 THR 165 204 204 THR THR A . n 
A 1 166 ALA 166 205 205 ALA ALA A . n 
A 1 167 LEU 167 206 206 LEU LEU A . n 
A 1 168 LYS 168 207 207 LYS LYS A . n 
A 1 169 ILE 169 208 208 ILE ILE A . n 
A 1 170 LYS 170 209 209 LYS LYS A . n 
A 1 171 TYR 171 210 210 TYR TYR A . n 
A 1 172 ASN 172 211 211 ASN ASN A . n 
# 
loop_
_pdbx_nonpoly_scheme.asym_id 
_pdbx_nonpoly_scheme.entity_id 
_pdbx_nonpoly_scheme.mon_id 
_pdbx_nonpoly_scheme.ndb_seq_num 
_pdbx_nonpoly_scheme.pdb_seq_num 
_pdbx_nonpoly_scheme.auth_seq_num 
_pdbx_nonpoly_scheme.pdb_mon_id 
_pdbx_nonpoly_scheme.auth_mon_id 
_pdbx_nonpoly_scheme.pdb_strand_id 
_pdbx_nonpoly_scheme.pdb_ins_code 
B 2 CD  1  301 1  CD  CD  A . 
C 2 CD  1  302 2  CD  CD  A . 
D 2 CD  1  303 3  CD  CD  A . 
E 2 CD  1  304 4  CD  CD  A . 
F 2 CD  1  305 5  CD  CD  A . 
G 3 NWV 1  306 1  NWV LIG A . 
H 4 HOH 1  401 53 HOH HOH A . 
H 4 HOH 2  402 79 HOH HOH A . 
H 4 HOH 3  403 48 HOH HOH A . 
H 4 HOH 4  404 21 HOH HOH A . 
H 4 HOH 5  405 58 HOH HOH A . 
H 4 HOH 6  406 61 HOH HOH A . 
H 4 HOH 7  407 24 HOH HOH A . 
H 4 HOH 8  408 71 HOH HOH A . 
H 4 HOH 9  409 14 HOH HOH A . 
H 4 HOH 10 410 41 HOH HOH A . 
H 4 HOH 11 411 68 HOH HOH A . 
H 4 HOH 12 412 45 HOH HOH A . 
H 4 HOH 13 413 54 HOH HOH A . 
H 4 HOH 14 414 44 HOH HOH A . 
H 4 HOH 15 415 19 HOH HOH A . 
H 4 HOH 16 416 32 HOH HOH A . 
H 4 HOH 17 417 70 HOH HOH A . 
H 4 HOH 18 418 42 HOH HOH A . 
H 4 HOH 19 419 51 HOH HOH A . 
H 4 HOH 20 420 76 HOH HOH A . 
H 4 HOH 21 421 4  HOH HOH A . 
H 4 HOH 22 422 67 HOH HOH A . 
H 4 HOH 23 423 16 HOH HOH A . 
H 4 HOH 24 424 13 HOH HOH A . 
H 4 HOH 25 425 50 HOH HOH A . 
H 4 HOH 26 426 56 HOH HOH A . 
H 4 HOH 27 427 47 HOH HOH A . 
H 4 HOH 28 428 17 HOH HOH A . 
H 4 HOH 29 429 20 HOH HOH A . 
H 4 HOH 30 430 31 HOH HOH A . 
H 4 HOH 31 431 10 HOH HOH A . 
H 4 HOH 32 432 33 HOH HOH A . 
H 4 HOH 33 433 49 HOH HOH A . 
H 4 HOH 34 434 69 HOH HOH A . 
H 4 HOH 35 435 52 HOH HOH A . 
H 4 HOH 36 436 55 HOH HOH A . 
H 4 HOH 37 437 52 HOH HOH A . 
H 4 HOH 38 438 6  HOH HOH A . 
H 4 HOH 39 439 1  HOH HOH A . 
H 4 HOH 40 440 45 HOH HOH A . 
H 4 HOH 41 441 75 HOH HOH A . 
H 4 HOH 42 442 60 HOH HOH A . 
H 4 HOH 43 443 18 HOH HOH A . 
H 4 HOH 44 444 1  HOH HOH A . 
H 4 HOH 45 445 73 HOH HOH A . 
H 4 HOH 46 446 57 HOH HOH A . 
H 4 HOH 47 447 8  HOH HOH A . 
H 4 HOH 48 448 63 HOH HOH A . 
H 4 HOH 49 449 66 HOH HOH A . 
H 4 HOH 50 450 14 HOH HOH A . 
H 4 HOH 51 451 8  HOH HOH A . 
H 4 HOH 52 452 64 HOH HOH A . 
H 4 HOH 53 453 28 HOH HOH A . 
H 4 HOH 54 454 30 HOH HOH A . 
H 4 HOH 55 455 23 HOH HOH A . 
H 4 HOH 56 456 11 HOH HOH A . 
H 4 HOH 57 457 2  HOH HOH A . 
H 4 HOH 58 458 12 HOH HOH A . 
H 4 HOH 59 459 46 HOH HOH A . 
H 4 HOH 60 460 4  HOH HOH A . 
H 4 HOH 61 461 77 HOH HOH A . 
H 4 HOH 62 462 15 HOH HOH A . 
H 4 HOH 63 463 65 HOH HOH A . 
H 4 HOH 64 464 6  HOH HOH A . 
H 4 HOH 65 465 7  HOH HOH A . 
H 4 HOH 66 466 3  HOH HOH A . 
H 4 HOH 67 467 72 HOH HOH A . 
H 4 HOH 68 468 5  HOH HOH A . 
H 4 HOH 69 469 3  HOH HOH A . 
H 4 HOH 70 470 62 HOH HOH A . 
H 4 HOH 71 471 10 HOH HOH A . 
H 4 HOH 72 472 59 HOH HOH A . 
H 4 HOH 73 473 43 HOH HOH A . 
H 4 HOH 74 474 78 HOH HOH A . 
H 4 HOH 75 475 16 HOH HOH A . 
H 4 HOH 76 476 17 HOH HOH A . 
H 4 HOH 77 477 18 HOH HOH A . 
# 
loop_
_pdbx_unobs_or_zero_occ_atoms.id 
_pdbx_unobs_or_zero_occ_atoms.PDB_model_num 
_pdbx_unobs_or_zero_occ_atoms.polymer_flag 
_pdbx_unobs_or_zero_occ_atoms.occupancy_flag 
_pdbx_unobs_or_zero_occ_atoms.auth_asym_id 
_pdbx_unobs_or_zero_occ_atoms.auth_comp_id 
_pdbx_unobs_or_zero_occ_atoms.auth_seq_id 
_pdbx_unobs_or_zero_occ_atoms.PDB_ins_code 
_pdbx_unobs_or_zero_occ_atoms.auth_atom_id 
_pdbx_unobs_or_zero_occ_atoms.label_alt_id 
_pdbx_unobs_or_zero_occ_atoms.label_asym_id 
_pdbx_unobs_or_zero_occ_atoms.label_comp_id 
_pdbx_unobs_or_zero_occ_atoms.label_seq_id 
_pdbx_unobs_or_zero_occ_atoms.label_atom_id 
1 1 Y 1 A ARG 43 ? CG  ? A ARG 4 CG  
2 1 Y 1 A ARG 43 ? CD  ? A ARG 4 CD  
3 1 Y 1 A ARG 43 ? NE  ? A ARG 4 NE  
4 1 Y 1 A ARG 43 ? CZ  ? A ARG 4 CZ  
5 1 Y 1 A ARG 43 ? NH1 ? A ARG 4 NH1 
6 1 Y 1 A ARG 43 ? NH2 ? A ARG 4 NH2 
# 
loop_
_software.pdbx_ordinal 
_software.name 
_software.version 
_software.date 
_software.type 
_software.contact_author 
_software.contact_author_email 
_software.classification 
_software.location 
_software.language 
_software.citation_id 
1 REFMAC      5.8.0238 ?               program 'Garib N. Murshudov' garib@ysbl.york.ac.uk    refinement        
http://www.ccp4.ac.uk/dist/html/refmac5.html        Fortran_77 ? 
2 Aimless     0.7.1    27/03/18        program 'Phil Evans'         ?                        'data scaling'    
http://www.mrc-lmb.cam.ac.uk/harry/pre/aimless.html ?          ? 
3 PDB_EXTRACT 3.23     'SEP. 23, 2016' package PDB                  deposit@deposit.rcsb.org 'data extraction' 
http://sw-tools.pdb.org/apps/PDB_EXTRACT/           C++        ? 
4 XDS         .        ?               program ?                    ?                        'data reduction'  ? ?          ? 
5 REFMAC      .        ?               program ?                    ?                        phasing           ? ?          ? 
# 
_cell.entry_id           5QRK 
_cell.length_a           60.154 
_cell.length_b           60.154 
_cell.length_c           110.478 
_cell.angle_alpha        90.000 
_cell.angle_beta         90.000 
_cell.angle_gamma        90.000 
_cell.Z_PDB              8 
_cell.pdbx_unique_axis   ? 
# 
_symmetry.entry_id                         5QRK 
_symmetry.Int_Tables_number                91 
_symmetry.space_group_name_H-M             'P 41 2 2' 
_symmetry.pdbx_full_space_group_name_H-M   ? 
_symmetry.cell_setting                     ? 
# 
_exptl.crystals_number   1 
_exptl.entry_id          5QRK 
_exptl.method            'X-RAY DIFFRACTION' 
# 
_exptl_crystal.id                    1 
_exptl_crystal.pdbx_mosaicity        0.000 
_exptl_crystal.pdbx_mosaicity_esd    ? 
_exptl_crystal.density_Matthews      2.55 
_exptl_crystal.density_diffrn        ? 
_exptl_crystal.density_meas          ? 
_exptl_crystal.density_meas_temp     ? 
_exptl_crystal.density_percent_sol   51.76 
_exptl_crystal.size_max              ? 
_exptl_crystal.size_mid              ? 
_exptl_crystal.size_min              ? 
_exptl_crystal.size_rad              ? 
_exptl_crystal.description           ? 
# 
_exptl_crystal_grow.crystal_id      1 
_exptl_crystal_grow.method          'VAPOR DIFFUSION, SITTING DROP' 
_exptl_crystal_grow.pH              4.5 
_exptl_crystal_grow.temp            298 
_exptl_crystal_grow.pdbx_details    '0.1 M CdCl, 0.1 M Acetate pH 4.5, 32% PEG 400' 
_exptl_crystal_grow.temp_details    ? 
_exptl_crystal_grow.pdbx_pH_range   ? 
# 
_diffrn.id                     1 
_diffrn.ambient_temp           100 
_diffrn.crystal_id             1 
_diffrn.ambient_temp_details   ? 
# 
_diffrn_detector.detector               PIXEL 
_diffrn_detector.type                   'DECTRIS PILATUS 6M' 
_diffrn_detector.pdbx_collection_date   2018-07-13 
_diffrn_detector.diffrn_id              1 
_diffrn_detector.details                ? 
# 
_diffrn_radiation.diffrn_id                        1 
_diffrn_radiation.wavelength_id                    1 
_diffrn_radiation.pdbx_diffrn_protocol             'SINGLE WAVELENGTH' 
_diffrn_radiation.pdbx_monochromatic_or_laue_m_l   M 
_diffrn_radiation.monochromator                    ? 
_diffrn_radiation.pdbx_scattering_type             x-ray 
# 
_diffrn_radiation_wavelength.id           1 
_diffrn_radiation_wavelength.wavelength   0.91587 
_diffrn_radiation_wavelength.wt           1.0 
# 
_diffrn_source.diffrn_id                   1 
_diffrn_source.source                      SYNCHROTRON 
_diffrn_source.type                        'DIAMOND BEAMLINE I04-1' 
_diffrn_source.pdbx_wavelength_list        0.91587 
_diffrn_source.pdbx_synchrotron_site       Diamond 
_diffrn_source.pdbx_synchrotron_beamline   I04-1 
_diffrn_source.pdbx_wavelength             ? 
# 
_reflns.entry_id                     5QRK 
_reflns.pdbx_diffrn_id               1 
_reflns.pdbx_ordinal                 1 
_reflns.observed_criterion_sigma_I   ? 
_reflns.observed_criterion_sigma_F   ? 
_reflns.d_resolution_low             60.160 
_reflns.d_resolution_high            1.630 
_reflns.number_obs                   26145 
_reflns.number_all                   ? 
_reflns.percent_possible_obs         100.000 
_reflns.pdbx_Rmerge_I_obs            0.097 
_reflns.pdbx_Rsym_value              ? 
_reflns.pdbx_netI_over_sigmaI        11.500 
_reflns.B_iso_Wilson_estimate        ? 
_reflns.pdbx_redundancy              12.400 
_reflns.pdbx_Rrim_I_all              0.101 
_reflns.pdbx_Rpim_I_all              0.029 
_reflns.pdbx_CC_half                 0.998 
_reflns.pdbx_netI_over_av_sigmaI     ? 
_reflns.pdbx_number_measured_all     324880 
_reflns.pdbx_scaling_rejects         215 
_reflns.pdbx_chi_squared             ? 
_reflns.Rmerge_F_all                 ? 
_reflns.Rmerge_F_obs                 ? 
_reflns.observed_criterion_F_max     ? 
_reflns.observed_criterion_F_min     ? 
_reflns.observed_criterion_I_max     ? 
_reflns.observed_criterion_I_min     ? 
_reflns.pdbx_d_res_high_opt          ? 
_reflns.pdbx_d_res_low_opt           ? 
_reflns.details                      ? 
# 
loop_
_reflns_shell.pdbx_diffrn_id 
_reflns_shell.pdbx_ordinal 
_reflns_shell.d_res_high 
_reflns_shell.d_res_low 
_reflns_shell.number_measured_obs 
_reflns_shell.number_measured_all 
_reflns_shell.number_unique_obs 
_reflns_shell.pdbx_rejects 
_reflns_shell.Rmerge_I_obs 
_reflns_shell.meanI_over_sigI_obs 
_reflns_shell.pdbx_Rsym_value 
_reflns_shell.pdbx_chi_squared 
_reflns_shell.pdbx_redundancy 
_reflns_shell.percent_possible_obs 
_reflns_shell.pdbx_netI_over_sigmaI_obs 
_reflns_shell.number_possible 
_reflns_shell.number_unique_all 
_reflns_shell.Rmerge_F_all 
_reflns_shell.Rmerge_F_obs 
_reflns_shell.Rmerge_I_all 
_reflns_shell.meanI_over_sigI_all 
_reflns_shell.percent_possible_all 
_reflns_shell.pdbx_Rrim_I_all 
_reflns_shell.pdbx_Rpim_I_all 
_reflns_shell.pdbx_CC_half 
1 1 1.630 1.670  ? 20832 ? ? 2.037 ? ? ? 11.100 ? 1.100  ? 1882 ? ? ? ? 100.000 2.136 0.636 0.706 
1 2 7.290 60.160 ? 3952  ? ? 0.062 ? ? ? 10.500 ? 32.100 ? 376  ? ? ? ? 99.900  0.065 0.020 0.997 
# 
_refine.entry_id                                 5QRK 
_refine.pdbx_refine_id                           'X-RAY DIFFRACTION' 
_refine.ls_d_res_high                            1.6300 
_refine.ls_d_res_low                             60.1500 
_refine.pdbx_ls_sigma_F                          0.000 
_refine.pdbx_data_cutoff_high_absF               ? 
_refine.pdbx_data_cutoff_low_absF                ? 
_refine.ls_percent_reflns_obs                    99.9700 
_refine.ls_number_reflns_obs                     24809 
_refine.ls_number_reflns_all                     ? 
_refine.pdbx_ls_cross_valid_method               THROUGHOUT 
_refine.ls_matrix_type                           ? 
_refine.pdbx_R_Free_selection_details            RANDOM 
_refine.details                                  
'HYDROGENS HAVE BEEN ADDED IN THE RIDING POSITIONS U VALUES      : REFINED INDIVIDUALLY' 
_refine.ls_R_factor_all                          ? 
_refine.ls_R_factor_obs                          0.2261 
_refine.ls_R_factor_R_work                       0.2248 
_refine.ls_wR_factor_R_work                      ? 
_refine.ls_R_factor_R_free                       0.2544 
_refine.ls_wR_factor_R_free                      ? 
_refine.ls_percent_reflns_R_free                 4.9000 
_refine.ls_number_reflns_R_free                  1282 
_refine.ls_number_reflns_R_work                  ? 
_refine.ls_R_factor_R_free_error                 ? 
_refine.B_iso_mean                               37.2420 
_refine.solvent_model_param_bsol                 ? 
_refine.solvent_model_param_ksol                 ? 
_refine.pdbx_isotropic_thermal_model             ? 
_refine.aniso_B[1][1]                            1.4500 
_refine.aniso_B[2][2]                            1.4500 
_refine.aniso_B[3][3]                            -2.9000 
_refine.aniso_B[1][2]                            -0.0000 
_refine.aniso_B[1][3]                            -0.0000 
_refine.aniso_B[2][3]                            -0.0000 
_refine.correlation_coeff_Fo_to_Fc               0.9600 
_refine.correlation_coeff_Fo_to_Fc_free          0.9450 
_refine.overall_SU_R_Cruickshank_DPI             ? 
_refine.pdbx_overall_SU_R_free_Cruickshank_DPI   ? 
_refine.pdbx_overall_SU_R_Blow_DPI               ? 
_refine.pdbx_overall_SU_R_free_Blow_DPI          ? 
_refine.overall_SU_R_free                        ? 
_refine.pdbx_overall_ESU_R                       0.1150 
_refine.pdbx_overall_ESU_R_Free                  0.1110 
_refine.overall_SU_ML                            0.1110 
_refine.overall_SU_B                             3.5510 
_refine.solvent_model_details                    MASK 
_refine.pdbx_solvent_vdw_probe_radii             1.2000 
_refine.pdbx_solvent_ion_probe_radii             0.8000 
_refine.pdbx_solvent_shrinkage_radii             0.8000 
_refine.ls_number_parameters                     ? 
_refine.ls_number_restraints                     ? 
_refine.pdbx_starting_model                      6f58 
_refine.pdbx_method_to_determine_struct          'FOURIER SYNTHESIS' 
_refine.pdbx_stereochemistry_target_values       'MAXIMUM LIKELIHOOD' 
_refine.pdbx_stereochem_target_val_spec_case     ? 
_refine.overall_FOM_work_R_set                   ? 
_refine.B_iso_max                                112.910 
_refine.B_iso_min                                17.920 
_refine.pdbx_overall_phase_error                 ? 
_refine.occupancy_max                            ? 
_refine.occupancy_min                            ? 
_refine.pdbx_diffrn_id                           1 
_refine.pdbx_TLS_residual_ADP_flag               ? 
_refine.pdbx_ls_sigma_I                          ? 
_refine.pdbx_data_cutoff_high_rms_absF           ? 
_refine.ls_R_factor_R_free_error_details         ? 
# 
_refine_hist.cycle_id                         final 
_refine_hist.pdbx_refine_id                   'X-RAY DIFFRACTION' 
_refine_hist.d_res_high                       1.6300 
_refine_hist.d_res_low                        60.1500 
_refine_hist.pdbx_number_atoms_ligand         19 
_refine_hist.number_atoms_solvent             77 
_refine_hist.number_atoms_total               1465 
_refine_hist.pdbx_number_residues_total       172 
_refine_hist.pdbx_B_iso_mean_ligand           38.42 
_refine_hist.pdbx_B_iso_mean_solvent          38.35 
_refine_hist.pdbx_number_atoms_protein        1369 
_refine_hist.pdbx_number_atoms_nucleic_acid   0 
# 
loop_
_refine_ls_restr.pdbx_refine_id 
_refine_ls_restr.type 
_refine_ls_restr.number 
_refine_ls_restr.dev_ideal 
_refine_ls_restr.dev_ideal_target 
_refine_ls_restr.weight 
_refine_ls_restr.pdbx_restraint_function 
'X-RAY DIFFRACTION' r_bond_refined_d       1895 0.009  0.014  ? ? 
'X-RAY DIFFRACTION' r_bond_other_d         1491 0.001  0.017  ? ? 
'X-RAY DIFFRACTION' r_angle_refined_deg    2294 1.613  1.670  ? ? 
'X-RAY DIFFRACTION' r_angle_other_deg      3484 1.346  1.588  ? ? 
'X-RAY DIFFRACTION' r_dihedral_angle_1_deg 204  7.744  5.000  ? ? 
'X-RAY DIFFRACTION' r_dihedral_angle_2_deg 83   30.851 23.012 ? ? 
'X-RAY DIFFRACTION' r_dihedral_angle_3_deg 262  17.898 15.000 ? ? 
'X-RAY DIFFRACTION' r_dihedral_angle_4_deg 7    14.882 15.000 ? ? 
'X-RAY DIFFRACTION' r_chiral_restr         206  0.079  0.200  ? ? 
'X-RAY DIFFRACTION' r_gen_planes_refined   2022 0.009  0.020  ? ? 
'X-RAY DIFFRACTION' r_gen_planes_other     351  0.002  0.020  ? ? 
'X-RAY DIFFRACTION' r_mcbond_it            912  3.163  3.708  ? ? 
'X-RAY DIFFRACTION' r_mcbond_other         913  3.161  3.708  ? ? 
'X-RAY DIFFRACTION' r_mcangle_it           1010 4.970  5.657  ? ? 
# 
_refine_ls_shell.d_res_high                       1.6300 
_refine_ls_shell.d_res_low                        1.6720 
_refine_ls_shell.pdbx_total_number_of_bins_used   20 
_refine_ls_shell.percent_reflns_obs               99.8900 
_refine_ls_shell.number_reflns_R_work             1777 
_refine_ls_shell.R_factor_all                     ? 
_refine_ls_shell.R_factor_R_work                  0.3640 
_refine_ls_shell.R_factor_R_free                  0.3330 
_refine_ls_shell.percent_reflns_R_free            ? 
_refine_ls_shell.number_reflns_R_free             98 
_refine_ls_shell.R_factor_R_free_error            ? 
_refine_ls_shell.number_reflns_all                1875 
_refine_ls_shell.number_reflns_obs                ? 
_refine_ls_shell.pdbx_refine_id                   'X-RAY DIFFRACTION' 
# 
_struct.entry_id                  5QRK 
_struct.title                     
'PanDDA analysis group deposition -- Crystal Structure of human Brachyury in complex with Z275179758' 
_struct.pdbx_model_details        ? 
_struct.pdbx_CASP_flag            ? 
_struct.pdbx_model_type_details   ? 
# 
_struct_keywords.entry_id        5QRK 
_struct_keywords.text            'SGC - Diamond I04-1 fragment screening, PanDDA, XChemExplorer, TRANSCRIPTION' 
_struct_keywords.pdbx_keywords   TRANSCRIPTION 
# 
loop_
_struct_asym.id 
_struct_asym.pdbx_blank_PDB_chainid_flag 
_struct_asym.pdbx_modified 
_struct_asym.entity_id 
_struct_asym.details 
A N N 1 ? 
B N N 2 ? 
C N N 2 ? 
D N N 2 ? 
E N N 2 ? 
F N N 2 ? 
G N N 3 ? 
H N N 4 ? 
# 
_struct_ref.id                         1 
_struct_ref.db_name                    UNP 
_struct_ref.db_code                    TBXT_HUMAN 
_struct_ref.pdbx_db_accession          O15178 
_struct_ref.pdbx_db_isoform            ? 
_struct_ref.entity_id                  1 
_struct_ref.pdbx_seq_one_letter_code   
;ELRVGLEESELWLRFKELTNEMIVTKNGRRMFPVLKVNVSGLDPNAMYSFLLDFVAADNHRWKYVNGEWVPGGKPEPQAP
SCVYIHPDSPNFGAHWMKAPVSFSKVKLTNKLNGGGQIMLNSLHKYEPRIHIVRVGGPQRMITSHCFPETQFIAVTAYQN
EEITALKIKYN
;
_struct_ref.pdbx_align_begin           41 
# 
_struct_ref_seq.align_id                      1 
_struct_ref_seq.ref_id                        1 
_struct_ref_seq.pdbx_PDB_id_code              5QRK 
_struct_ref_seq.pdbx_strand_id                A 
_struct_ref_seq.seq_align_beg                 2 
_struct_ref_seq.pdbx_seq_align_beg_ins_code   ? 
_struct_ref_seq.seq_align_end                 172 
_struct_ref_seq.pdbx_seq_align_end_ins_code   ? 
_struct_ref_seq.pdbx_db_accession             O15178 
_struct_ref_seq.db_align_beg                  41 
_struct_ref_seq.pdbx_db_align_beg_ins_code    ? 
_struct_ref_seq.db_align_end                  211 
_struct_ref_seq.pdbx_db_align_end_ins_code    ? 
_struct_ref_seq.pdbx_auth_seq_align_beg       41 
_struct_ref_seq.pdbx_auth_seq_align_end       211 
# 
_struct_ref_seq_dif.align_id                     1 
_struct_ref_seq_dif.pdbx_pdb_id_code             5QRK 
_struct_ref_seq_dif.mon_id                       GLY 
_struct_ref_seq_dif.pdbx_pdb_strand_id           A 
_struct_ref_seq_dif.seq_num                      1 
_struct_ref_seq_dif.pdbx_pdb_ins_code            ? 
_struct_ref_seq_dif.pdbx_seq_db_name             UNP 
_struct_ref_seq_dif.pdbx_seq_db_accession_code   O15178 
_struct_ref_seq_dif.db_mon_id                    ? 
_struct_ref_seq_dif.pdbx_seq_db_seq_num          ? 
_struct_ref_seq_dif.details                      'expression tag' 
_struct_ref_seq_dif.pdbx_auth_seq_num            40 
_struct_ref_seq_dif.pdbx_ordinal                 1 
# 
_pdbx_struct_assembly.id                   1 
_pdbx_struct_assembly.details              author_defined_assembly 
_pdbx_struct_assembly.method_details       ? 
_pdbx_struct_assembly.oligomeric_details   monomeric 
_pdbx_struct_assembly.oligomeric_count     1 
# 
_pdbx_struct_assembly_gen.assembly_id       1 
_pdbx_struct_assembly_gen.oper_expression   1 
_pdbx_struct_assembly_gen.asym_id_list      A,B,C,D,E,F,G,H 
# 
_pdbx_struct_oper_list.id                   1 
_pdbx_struct_oper_list.type                 'identity operation' 
_pdbx_struct_oper_list.name                 1_555 
_pdbx_struct_oper_list.symmetry_operation   x,y,z 
_pdbx_struct_oper_list.matrix[1][1]         1.0000000000 
_pdbx_struct_oper_list.matrix[1][2]         0.0000000000 
_pdbx_struct_oper_list.matrix[1][3]         0.0000000000 
_pdbx_struct_oper_list.vector[1]            0.0000000000 
_pdbx_struct_oper_list.matrix[2][1]         0.0000000000 
_pdbx_struct_oper_list.matrix[2][2]         1.0000000000 
_pdbx_struct_oper_list.matrix[2][3]         0.0000000000 
_pdbx_struct_oper_list.vector[2]            0.0000000000 
_pdbx_struct_oper_list.matrix[3][1]         0.0000000000 
_pdbx_struct_oper_list.matrix[3][2]         0.0000000000 
_pdbx_struct_oper_list.matrix[3][3]         1.0000000000 
_pdbx_struct_oper_list.vector[3]            0.0000000000 
# 
loop_
_struct_conf.conf_type_id 
_struct_conf.id 
_struct_conf.pdbx_PDB_helix_id 
_struct_conf.beg_label_comp_id 
_struct_conf.beg_label_asym_id 
_struct_conf.beg_label_seq_id 
_struct_conf.pdbx_beg_PDB_ins_code 
_struct_conf.end_label_comp_id 
_struct_conf.end_label_asym_id 
_struct_conf.end_label_seq_id 
_struct_conf.pdbx_end_PDB_ins_code 
_struct_conf.beg_auth_comp_id 
_struct_conf.beg_auth_asym_id 
_struct_conf.beg_auth_seq_id 
_struct_conf.end_auth_comp_id 
_struct_conf.end_auth_asym_id 
_struct_conf.end_auth_seq_id 
_struct_conf.pdbx_PDB_helix_class 
_struct_conf.details 
_struct_conf.pdbx_PDB_helix_length 
HELX_P HELX_P1 AA1 GLU A 9   ? LEU A 19  ? GLU A 48  LEU A 58  1 ? 11 
HELX_P HELX_P2 AA2 GLY A 94  ? LYS A 99  ? GLY A 133 LYS A 138 1 ? 6  
HELX_P HELX_P3 AA3 PRO A 149 ? GLN A 152 ? PRO A 188 GLN A 191 5 ? 4  
HELX_P HELX_P4 AA4 ASN A 161 ? ASN A 172 ? ASN A 200 ASN A 211 1 ? 12 
# 
_struct_conf_type.id          HELX_P 
_struct_conf_type.criteria    ? 
_struct_conf_type.reference   ? 
# 
loop_
_struct_conn.id 
_struct_conn.conn_type_id 
_struct_conn.pdbx_leaving_atom_flag 
_struct_conn.pdbx_PDB_id 
_struct_conn.ptnr1_label_asym_id 
_struct_conn.ptnr1_label_comp_id 
_struct_conn.ptnr1_label_seq_id 
_struct_conn.ptnr1_label_atom_id 
_struct_conn.pdbx_ptnr1_label_alt_id 
_struct_conn.pdbx_ptnr1_PDB_ins_code 
_struct_conn.pdbx_ptnr1_standard_comp_id 
_struct_conn.ptnr1_symmetry 
_struct_conn.ptnr2_label_asym_id 
_struct_conn.ptnr2_label_comp_id 
_struct_conn.ptnr2_label_seq_id 
_struct_conn.ptnr2_label_atom_id 
_struct_conn.pdbx_ptnr2_label_alt_id 
_struct_conn.pdbx_ptnr2_PDB_ins_code 
_struct_conn.ptnr1_auth_asym_id 
_struct_conn.ptnr1_auth_comp_id 
_struct_conn.ptnr1_auth_seq_id 
_struct_conn.ptnr2_auth_asym_id 
_struct_conn.ptnr2_auth_comp_id 
_struct_conn.ptnr2_auth_seq_id 
_struct_conn.ptnr2_symmetry 
_struct_conn.pdbx_ptnr3_label_atom_id 
_struct_conn.pdbx_ptnr3_label_seq_id 
_struct_conn.pdbx_ptnr3_label_comp_id 
_struct_conn.pdbx_ptnr3_label_asym_id 
_struct_conn.pdbx_ptnr3_label_alt_id 
_struct_conn.pdbx_ptnr3_PDB_ins_code 
_struct_conn.details 
_struct_conn.pdbx_dist_value 
_struct_conn.pdbx_value_order 
_struct_conn.pdbx_role 
metalc1  metalc ? ? A HIS 61  NE2 ? ? ? 1_555 E CD  . CD ? ? A HIS 100 A CD  304 1_555 ? ? ? ? ? ? ? 2.221 ? ? 
metalc2  metalc ? ? A CYS 83  SG  ? ? ? 1_555 D CD  . CD ? ? A CYS 122 A CD  303 1_555 ? ? ? ? ? ? ? 2.680 ? ? 
metalc3  metalc ? ? A CYS 83  SG  ? ? ? 1_555 F CD  . CD ? ? A CYS 122 A CD  305 1_555 ? ? ? ? ? ? ? 2.457 ? ? 
metalc4  metalc ? ? A GLU 128 OE1 ? ? ? 1_555 B CD  . CD ? ? A GLU 167 A CD  301 1_555 ? ? ? ? ? ? ? 2.447 ? ? 
metalc5  metalc ? ? A GLU 128 OE1 ? ? ? 1_555 B CD  . CD ? ? A GLU 167 A CD  301 5_655 ? ? ? ? ? ? ? 2.447 ? ? 
metalc6  metalc ? ? A GLU 128 OE2 ? ? ? 1_555 C CD  . CD ? ? A GLU 167 A CD  302 1_555 ? ? ? ? ? ? ? 2.251 ? ? 
metalc7  metalc ? ? A CYS 147 SG  A ? ? 1_555 B CD  . CD ? ? A CYS 186 A CD  301 1_555 ? ? ? ? ? ? ? 2.392 ? ? 
metalc8  metalc ? ? A CYS 147 SG  B ? ? 1_555 B CD  . CD ? ? A CYS 186 A CD  301 1_555 ? ? ? ? ? ? ? 2.600 ? ? 
metalc9  metalc ? ? A CYS 147 SG  A ? ? 1_555 B CD  . CD ? ? A CYS 186 A CD  301 5_655 ? ? ? ? ? ? ? 2.392 ? ? 
metalc10 metalc ? ? A CYS 147 SG  B ? ? 1_555 B CD  . CD ? ? A CYS 186 A CD  301 5_655 ? ? ? ? ? ? ? 2.600 ? ? 
metalc11 metalc ? ? A CYS 147 SG  A ? ? 1_555 C CD  . CD ? ? A CYS 186 A CD  302 5_655 ? ? ? ? ? ? ? 2.532 ? ? 
metalc12 metalc ? ? A CYS 147 SG  B ? ? 1_555 C CD  . CD ? ? A CYS 186 A CD  302 5_655 ? ? ? ? ? ? ? 2.384 ? ? 
metalc13 metalc ? ? C CD  .   CD  ? ? ? 1_555 H HOH . O  ? ? A CD  302 A HOH 460 5_655 ? ? ? ? ? ? ? 2.329 ? ? 
metalc14 metalc ? ? C CD  .   CD  ? ? ? 1_555 H HOH . O  ? ? A CD  302 A HOH 466 1_555 ? ? ? ? ? ? ? 2.491 ? ? 
metalc15 metalc ? ? D CD  .   CD  ? ? ? 1_555 H HOH . O  ? ? A CD  303 A HOH 461 1_555 ? ? ? ? ? ? ? 2.403 ? ? 
metalc16 metalc ? ? D CD  .   CD  ? ? ? 1_555 H HOH . O  ? ? A CD  303 A HOH 476 1_555 ? ? ? ? ? ? ? 2.631 ? ? 
metalc17 metalc ? ? E CD  .   CD  ? ? ? 1_555 H HOH . O  ? ? A CD  304 A HOH 464 1_555 ? ? ? ? ? ? ? 2.322 ? ? 
metalc18 metalc ? ? E CD  .   CD  ? ? ? 1_555 H HOH . O  ? ? A CD  304 A HOH 465 1_555 ? ? ? ? ? ? ? 2.395 ? ? 
metalc19 metalc ? ? E CD  .   CD  ? ? ? 1_555 H HOH . O  ? ? A CD  304 A HOH 468 1_555 ? ? ? ? ? ? ? 2.191 ? ? 
metalc20 metalc ? ? F CD  .   CD  ? ? ? 1_555 H HOH . O  ? ? A CD  305 A HOH 458 1_555 ? ? ? ? ? ? ? 2.518 ? ? 
metalc21 metalc ? ? F CD  .   CD  ? ? ? 1_555 H HOH . O  ? ? A CD  305 A HOH 477 1_555 ? ? ? ? ? ? ? 2.545 ? ? 
# 
_struct_conn_type.id          metalc 
_struct_conn_type.criteria    ? 
_struct_conn_type.reference   ? 
# 
loop_
_pdbx_struct_conn_angle.id 
_pdbx_struct_conn_angle.ptnr1_label_atom_id 
_pdbx_struct_conn_angle.ptnr1_label_alt_id 
_pdbx_struct_conn_angle.ptnr1_label_asym_id 
_pdbx_struct_conn_angle.ptnr1_label_comp_id 
_pdbx_struct_conn_angle.ptnr1_label_seq_id 
_pdbx_struct_conn_angle.ptnr1_auth_atom_id 
_pdbx_struct_conn_angle.ptnr1_auth_asym_id 
_pdbx_struct_conn_angle.ptnr1_auth_comp_id 
_pdbx_struct_conn_angle.ptnr1_auth_seq_id 
_pdbx_struct_conn_angle.ptnr1_PDB_ins_code 
_pdbx_struct_conn_angle.ptnr1_symmetry 
_pdbx_struct_conn_angle.ptnr2_label_atom_id 
_pdbx_struct_conn_angle.ptnr2_label_alt_id 
_pdbx_struct_conn_angle.ptnr2_label_asym_id 
_pdbx_struct_conn_angle.ptnr2_label_comp_id 
_pdbx_struct_conn_angle.ptnr2_label_seq_id 
_pdbx_struct_conn_angle.ptnr2_auth_atom_id 
_pdbx_struct_conn_angle.ptnr2_auth_asym_id 
_pdbx_struct_conn_angle.ptnr2_auth_comp_id 
_pdbx_struct_conn_angle.ptnr2_auth_seq_id 
_pdbx_struct_conn_angle.ptnr2_PDB_ins_code 
_pdbx_struct_conn_angle.ptnr2_symmetry 
_pdbx_struct_conn_angle.ptnr3_label_atom_id 
_pdbx_struct_conn_angle.ptnr3_label_alt_id 
_pdbx_struct_conn_angle.ptnr3_label_asym_id 
_pdbx_struct_conn_angle.ptnr3_label_comp_id 
_pdbx_struct_conn_angle.ptnr3_label_seq_id 
_pdbx_struct_conn_angle.ptnr3_auth_atom_id 
_pdbx_struct_conn_angle.ptnr3_auth_asym_id 
_pdbx_struct_conn_angle.ptnr3_auth_comp_id 
_pdbx_struct_conn_angle.ptnr3_auth_seq_id 
_pdbx_struct_conn_angle.ptnr3_PDB_ins_code 
_pdbx_struct_conn_angle.ptnr3_symmetry 
_pdbx_struct_conn_angle.value 
_pdbx_struct_conn_angle.value_esd 
1  NE2 ? A HIS 61  ? A HIS 100 ? 1_555 CD ? E CD . ? A CD 304 ? 1_555 O   ? H HOH .   ? A HOH 464 ? 1_555 101.3 ? 
2  NE2 ? A HIS 61  ? A HIS 100 ? 1_555 CD ? E CD . ? A CD 304 ? 1_555 O   ? H HOH .   ? A HOH 465 ? 1_555 100.7 ? 
3  O   ? H HOH .   ? A HOH 464 ? 1_555 CD ? E CD . ? A CD 304 ? 1_555 O   ? H HOH .   ? A HOH 465 ? 1_555 121.0 ? 
4  NE2 ? A HIS 61  ? A HIS 100 ? 1_555 CD ? E CD . ? A CD 304 ? 1_555 O   ? H HOH .   ? A HOH 468 ? 1_555 115.7 ? 
5  O   ? H HOH .   ? A HOH 464 ? 1_555 CD ? E CD . ? A CD 304 ? 1_555 O   ? H HOH .   ? A HOH 468 ? 1_555 110.4 ? 
6  O   ? H HOH .   ? A HOH 465 ? 1_555 CD ? E CD . ? A CD 304 ? 1_555 O   ? H HOH .   ? A HOH 468 ? 1_555 107.7 ? 
7  SG  ? A CYS 83  ? A CYS 122 ? 1_555 CD ? D CD . ? A CD 303 ? 1_555 O   ? H HOH .   ? A HOH 461 ? 1_555 94.9  ? 
8  SG  ? A CYS 83  ? A CYS 122 ? 1_555 CD ? D CD . ? A CD 303 ? 1_555 O   ? H HOH .   ? A HOH 476 ? 1_555 86.6  ? 
9  O   ? H HOH .   ? A HOH 461 ? 1_555 CD ? D CD . ? A CD 303 ? 1_555 O   ? H HOH .   ? A HOH 476 ? 1_555 172.3 ? 
10 SG  ? A CYS 83  ? A CYS 122 ? 1_555 CD ? F CD . ? A CD 305 ? 1_555 O   ? H HOH .   ? A HOH 458 ? 1_555 100.1 ? 
11 SG  ? A CYS 83  ? A CYS 122 ? 1_555 CD ? F CD . ? A CD 305 ? 1_555 O   ? H HOH .   ? A HOH 477 ? 1_555 91.1  ? 
12 O   ? H HOH .   ? A HOH 458 ? 1_555 CD ? F CD . ? A CD 305 ? 1_555 O   ? H HOH .   ? A HOH 477 ? 1_555 168.8 ? 
13 OE1 ? A GLU 128 ? A GLU 167 ? 1_555 CD ? B CD . ? A CD 301 ? 1_555 OE1 ? A GLU 128 ? A GLU 167 ? 1_555 0.0   ? 
14 OE1 ? A GLU 128 ? A GLU 167 ? 1_555 CD ? B CD . ? A CD 301 ? 1_555 SG  A A CYS 147 ? A CYS 186 ? 1_555 91.9  ? 
15 OE1 ? A GLU 128 ? A GLU 167 ? 1_555 CD ? B CD . ? A CD 301 ? 1_555 SG  A A CYS 147 ? A CYS 186 ? 1_555 91.9  ? 
16 OE1 ? A GLU 128 ? A GLU 167 ? 1_555 CD ? B CD . ? A CD 301 ? 1_555 SG  B A CYS 147 ? A CYS 186 ? 1_555 89.8  ? 
17 OE1 ? A GLU 128 ? A GLU 167 ? 1_555 CD ? B CD . ? A CD 301 ? 1_555 SG  B A CYS 147 ? A CYS 186 ? 1_555 89.8  ? 
18 SG  A A CYS 147 ? A CYS 186 ? 1_555 CD ? B CD . ? A CD 301 ? 1_555 SG  B A CYS 147 ? A CYS 186 ? 1_555 36.0  ? 
19 OE1 ? A GLU 128 ? A GLU 167 ? 1_555 CD ? B CD . ? A CD 301 ? 1_555 SG  A A CYS 147 ? A CYS 186 ? 1_555 91.9  ? 
20 OE1 ? A GLU 128 ? A GLU 167 ? 1_555 CD ? B CD . ? A CD 301 ? 1_555 SG  A A CYS 147 ? A CYS 186 ? 1_555 91.9  ? 
21 SG  A A CYS 147 ? A CYS 186 ? 1_555 CD ? B CD . ? A CD 301 ? 1_555 SG  A A CYS 147 ? A CYS 186 ? 1_555 0.0   ? 
22 SG  B A CYS 147 ? A CYS 186 ? 1_555 CD ? B CD . ? A CD 301 ? 1_555 SG  A A CYS 147 ? A CYS 186 ? 1_555 36.0  ? 
23 OE1 ? A GLU 128 ? A GLU 167 ? 1_555 CD ? B CD . ? A CD 301 ? 1_555 SG  B A CYS 147 ? A CYS 186 ? 1_555 89.8  ? 
24 OE1 ? A GLU 128 ? A GLU 167 ? 1_555 CD ? B CD . ? A CD 301 ? 1_555 SG  B A CYS 147 ? A CYS 186 ? 1_555 89.8  ? 
25 SG  A A CYS 147 ? A CYS 186 ? 1_555 CD ? B CD . ? A CD 301 ? 1_555 SG  B A CYS 147 ? A CYS 186 ? 1_555 36.0  ? 
26 SG  B A CYS 147 ? A CYS 186 ? 1_555 CD ? B CD . ? A CD 301 ? 1_555 SG  B A CYS 147 ? A CYS 186 ? 1_555 0.0   ? 
27 SG  A A CYS 147 ? A CYS 186 ? 1_555 CD ? B CD . ? A CD 301 ? 1_555 SG  B A CYS 147 ? A CYS 186 ? 1_555 36.0  ? 
28 OE2 ? A GLU 128 ? A GLU 167 ? 1_555 CD ? C CD . ? A CD 302 ? 1_555 SG  A A CYS 147 ? A CYS 186 ? 1_555 76.5  ? 
29 OE2 ? A GLU 128 ? A GLU 167 ? 1_555 CD ? C CD . ? A CD 302 ? 1_555 SG  B A CYS 147 ? A CYS 186 ? 1_555 78.5  ? 
30 SG  A A CYS 147 ? A CYS 186 ? 1_555 CD ? C CD . ? A CD 302 ? 1_555 SG  B A CYS 147 ? A CYS 186 ? 1_555 16.2  ? 
31 OE2 ? A GLU 128 ? A GLU 167 ? 1_555 CD ? C CD . ? A CD 302 ? 1_555 O   ? H HOH .   ? A HOH 460 ? 5_655 102.7 ? 
32 SG  A A CYS 147 ? A CYS 186 ? 1_555 CD ? C CD . ? A CD 302 ? 1_555 O   ? H HOH .   ? A HOH 460 ? 5_655 128.1 ? 
33 SG  B A CYS 147 ? A CYS 186 ? 1_555 CD ? C CD . ? A CD 302 ? 1_555 O   ? H HOH .   ? A HOH 460 ? 5_655 111.9 ? 
34 OE2 ? A GLU 128 ? A GLU 167 ? 1_555 CD ? C CD . ? A CD 302 ? 1_555 O   ? H HOH .   ? A HOH 466 ? 1_555 104.9 ? 
35 SG  A A CYS 147 ? A CYS 186 ? 1_555 CD ? C CD . ? A CD 302 ? 1_555 O   ? H HOH .   ? A HOH 466 ? 1_555 126.9 ? 
36 SG  B A CYS 147 ? A CYS 186 ? 1_555 CD ? C CD . ? A CD 302 ? 1_555 O   ? H HOH .   ? A HOH 466 ? 1_555 142.5 ? 
37 O   ? H HOH .   ? A HOH 460 ? 5_655 CD ? C CD . ? A CD 302 ? 1_555 O   ? H HOH .   ? A HOH 466 ? 1_555 103.8 ? 
# 
loop_
_struct_mon_prot_cis.pdbx_id 
_struct_mon_prot_cis.label_comp_id 
_struct_mon_prot_cis.label_seq_id 
_struct_mon_prot_cis.label_asym_id 
_struct_mon_prot_cis.label_alt_id 
_struct_mon_prot_cis.pdbx_PDB_ins_code 
_struct_mon_prot_cis.auth_comp_id 
_struct_mon_prot_cis.auth_seq_id 
_struct_mon_prot_cis.auth_asym_id 
_struct_mon_prot_cis.pdbx_label_comp_id_2 
_struct_mon_prot_cis.pdbx_label_seq_id_2 
_struct_mon_prot_cis.pdbx_label_asym_id_2 
_struct_mon_prot_cis.pdbx_PDB_ins_code_2 
_struct_mon_prot_cis.pdbx_auth_comp_id_2 
_struct_mon_prot_cis.pdbx_auth_seq_id_2 
_struct_mon_prot_cis.pdbx_auth_asym_id_2 
_struct_mon_prot_cis.pdbx_PDB_model_num 
_struct_mon_prot_cis.pdbx_omega_angle 
1 PHE 33 A . ? PHE 72  A PRO 34 A ? PRO 73  A 1 -7.14 
2 SER 90 A . ? SER 129 A PRO 91 A ? PRO 130 A 1 -9.26 
# 
loop_
_struct_sheet.id 
_struct_sheet.type 
_struct_sheet.number_strands 
_struct_sheet.details 
AA1 ? 3 ? 
AA2 ? 5 ? 
AA3 ? 4 ? 
AA4 ? 3 ? 
AA5 ? 2 ? 
# 
loop_
_struct_sheet_order.sheet_id 
_struct_sheet_order.range_id_1 
_struct_sheet_order.range_id_2 
_struct_sheet_order.offset 
_struct_sheet_order.sense 
AA1 1 2 ? anti-parallel 
AA1 2 3 ? anti-parallel 
AA2 1 2 ? parallel      
AA2 2 3 ? anti-parallel 
AA2 3 4 ? anti-parallel 
AA2 4 5 ? anti-parallel 
AA3 1 2 ? anti-parallel 
AA3 2 3 ? anti-parallel 
AA3 3 4 ? anti-parallel 
AA4 1 2 ? anti-parallel 
AA4 2 3 ? parallel      
AA5 1 2 ? anti-parallel 
# 
loop_
_struct_sheet_range.sheet_id 
_struct_sheet_range.id 
_struct_sheet_range.beg_label_comp_id 
_struct_sheet_range.beg_label_asym_id 
_struct_sheet_range.beg_label_seq_id 
_struct_sheet_range.pdbx_beg_PDB_ins_code 
_struct_sheet_range.end_label_comp_id 
_struct_sheet_range.end_label_asym_id 
_struct_sheet_range.end_label_seq_id 
_struct_sheet_range.pdbx_end_PDB_ins_code 
_struct_sheet_range.beg_auth_comp_id 
_struct_sheet_range.beg_auth_asym_id 
_struct_sheet_range.beg_auth_seq_id 
_struct_sheet_range.end_auth_comp_id 
_struct_sheet_range.end_auth_asym_id 
_struct_sheet_range.end_auth_seq_id 
AA1 1 ARG A 4   ? LEU A 7   ? ARG A 43  LEU A 46  
AA1 2 LYS A 37  ? SER A 41  ? LYS A 76  SER A 80  
AA1 3 VAL A 102 ? SER A 103 ? VAL A 141 SER A 142 
AA2 1 GLU A 22  ? ILE A 24  ? GLU A 61  ILE A 63  
AA2 2 PHE A 153 ? VAL A 156 ? PHE A 192 VAL A 195 
AA2 3 LYS A 126 ? VAL A 136 ? LYS A 165 VAL A 175 
AA2 4 MET A 48  ? ALA A 57  ? MET A 87  ALA A 96  
AA2 5 ASN A 92  ? PHE A 93  ? ASN A 131 PHE A 132 
AA3 1 TYR A 85  ? ILE A 86  ? TYR A 124 ILE A 125 
AA3 2 MET A 48  ? ALA A 57  ? MET A 87  ALA A 96  
AA3 3 LYS A 126 ? VAL A 136 ? LYS A 165 VAL A 175 
AA3 4 MET A 142 ? CYS A 147 ? MET A 181 CYS A 186 
AA4 1 ARG A 30  ? ARG A 31  ? ARG A 69  ARG A 70  
AA4 2 LYS A 108 ? THR A 110 ? LYS A 147 THR A 149 
AA4 3 ILE A 119 ? MET A 120 ? ILE A 158 MET A 159 
AA5 1 TRP A 63  ? VAL A 66  ? TRP A 102 VAL A 105 
AA5 2 GLU A 69  ? PRO A 72  ? GLU A 108 PRO A 111 
# 
loop_
_pdbx_struct_sheet_hbond.sheet_id 
_pdbx_struct_sheet_hbond.range_id_1 
_pdbx_struct_sheet_hbond.range_id_2 
_pdbx_struct_sheet_hbond.range_1_label_atom_id 
_pdbx_struct_sheet_hbond.range_1_label_comp_id 
_pdbx_struct_sheet_hbond.range_1_label_asym_id 
_pdbx_struct_sheet_hbond.range_1_label_seq_id 
_pdbx_struct_sheet_hbond.range_1_PDB_ins_code 
_pdbx_struct_sheet_hbond.range_1_auth_atom_id 
_pdbx_struct_sheet_hbond.range_1_auth_comp_id 
_pdbx_struct_sheet_hbond.range_1_auth_asym_id 
_pdbx_struct_sheet_hbond.range_1_auth_seq_id 
_pdbx_struct_sheet_hbond.range_2_label_atom_id 
_pdbx_struct_sheet_hbond.range_2_label_comp_id 
_pdbx_struct_sheet_hbond.range_2_label_asym_id 
_pdbx_struct_sheet_hbond.range_2_label_seq_id 
_pdbx_struct_sheet_hbond.range_2_PDB_ins_code 
_pdbx_struct_sheet_hbond.range_2_auth_atom_id 
_pdbx_struct_sheet_hbond.range_2_auth_comp_id 
_pdbx_struct_sheet_hbond.range_2_auth_asym_id 
_pdbx_struct_sheet_hbond.range_2_auth_seq_id 
AA1 1 2 N GLY A 6   ? N GLY A 45  O ASN A 39  ? O ASN A 78  
AA1 2 3 N VAL A 38  ? N VAL A 77  O VAL A 102 ? O VAL A 141 
AA2 1 2 N MET A 23  ? N MET A 62  O VAL A 156 ? O VAL A 195 
AA2 2 3 O PHE A 153 ? O PHE A 192 N TYR A 127 ? N TYR A 166 
AA2 3 4 O ARG A 130 ? O ARG A 169 N ASP A 54  ? N ASP A 93  
AA2 4 5 N TYR A 49  ? N TYR A 88  O ASN A 92  ? O ASN A 131 
AA3 1 2 O TYR A 85  ? O TYR A 124 N LEU A 53  ? N LEU A 92  
AA3 2 3 N ASP A 54  ? N ASP A 93  O ARG A 130 ? O ARG A 169 
AA3 3 4 N ILE A 133 ? N ILE A 172 O THR A 144 ? O THR A 183 
AA4 1 2 N ARG A 30  ? N ARG A 69  O LEU A 109 ? O LEU A 148 
AA4 2 3 N LYS A 108 ? N LYS A 147 O ILE A 119 ? O ILE A 158 
AA5 1 2 N VAL A 66  ? N VAL A 105 O GLU A 69  ? O GLU A 108 
# 
loop_
_struct_site.id 
_struct_site.pdbx_evidence_code 
_struct_site.pdbx_auth_asym_id 
_struct_site.pdbx_auth_comp_id 
_struct_site.pdbx_auth_seq_id 
_struct_site.pdbx_auth_ins_code 
_struct_site.pdbx_num_residues 
_struct_site.details 
AC1 Software A CD  301 ? 8 'binding site for residue CD A 301'  
AC2 Software A CD  302 ? 6 'binding site for residue CD A 302'  
AC3 Software A CD  303 ? 4 'binding site for residue CD A 303'  
AC4 Software A CD  304 ? 4 'binding site for residue CD A 304'  
AC5 Software A CD  305 ? 4 'binding site for residue CD A 305'  
AC6 Software A NWV 306 ? 9 'binding site for residue NWV A 306' 
# 
loop_
_struct_site_gen.id 
_struct_site_gen.site_id 
_struct_site_gen.pdbx_num_res 
_struct_site_gen.label_comp_id 
_struct_site_gen.label_asym_id 
_struct_site_gen.label_seq_id 
_struct_site_gen.pdbx_auth_ins_code 
_struct_site_gen.auth_comp_id 
_struct_site_gen.auth_asym_id 
_struct_site_gen.auth_seq_id 
_struct_site_gen.label_atom_id 
_struct_site_gen.label_alt_id 
_struct_site_gen.symmetry 
_struct_site_gen.details 
1  AC1 8 GLU A 128 ? GLU A 167 . ? 1_555 ? 
2  AC1 8 GLU A 128 ? GLU A 167 . ? 5_655 ? 
3  AC1 8 CYS A 147 ? CYS A 186 . ? 5_655 ? 
4  AC1 8 CYS A 147 ? CYS A 186 . ? 1_555 ? 
5  AC1 8 CD  C .   ? CD  A 302 . ? 5_655 ? 
6  AC1 8 CD  C .   ? CD  A 302 . ? 1_555 ? 
7  AC1 8 HOH H .   ? HOH A 439 . ? 5_655 ? 
8  AC1 8 HOH H .   ? HOH A 439 . ? 1_555 ? 
9  AC2 6 GLU A 128 ? GLU A 167 . ? 1_555 ? 
10 AC2 6 CYS A 147 ? CYS A 186 . ? 5_655 ? 
11 AC2 6 CD  B .   ? CD  A 301 . ? 5_655 ? 
12 AC2 6 CD  B .   ? CD  A 301 . ? 1_555 ? 
13 AC2 6 HOH H .   ? HOH A 460 . ? 5_655 ? 
14 AC2 6 HOH H .   ? HOH A 466 . ? 1_555 ? 
15 AC3 4 CYS A 83  ? CYS A 122 . ? 1_555 ? 
16 AC3 4 HOH H .   ? HOH A 455 . ? 1_555 ? 
17 AC3 4 HOH H .   ? HOH A 461 . ? 1_555 ? 
18 AC3 4 HOH H .   ? HOH A 476 . ? 1_555 ? 
19 AC4 4 HIS A 61  ? HIS A 100 . ? 1_555 ? 
20 AC4 4 HOH H .   ? HOH A 464 . ? 1_555 ? 
21 AC4 4 HOH H .   ? HOH A 465 . ? 1_555 ? 
22 AC4 4 HOH H .   ? HOH A 468 . ? 1_555 ? 
23 AC5 4 CYS A 83  ? CYS A 122 . ? 1_555 ? 
24 AC5 4 HOH H .   ? HOH A 458 . ? 1_555 ? 
25 AC5 4 HOH H .   ? HOH A 476 . ? 1_555 ? 
26 AC5 4 HOH H .   ? HOH A 477 . ? 1_555 ? 
27 AC6 9 SER A 50  ? SER A 89  . ? 1_555 ? 
28 AC6 9 ILE A 86  ? ILE A 125 . ? 1_555 ? 
29 AC6 9 HIS A 87  ? HIS A 126 . ? 1_555 ? 
30 AC6 9 PRO A 88  ? PRO A 127 . ? 1_555 ? 
31 AC6 9 SER A 90  ? SER A 129 . ? 1_555 ? 
32 AC6 9 PHE A 93  ? PHE A 132 . ? 6_555 ? 
33 AC6 9 HOH H .   ? HOH A 415 . ? 1_555 ? 
34 AC6 9 HOH H .   ? HOH A 424 . ? 1_555 ? 
35 AC6 9 HOH H .   ? HOH A 429 . ? 1_555 ? 
# 
loop_
_pdbx_validate_close_contact.id 
_pdbx_validate_close_contact.PDB_model_num 
_pdbx_validate_close_contact.auth_atom_id_1 
_pdbx_validate_close_contact.auth_asym_id_1 
_pdbx_validate_close_contact.auth_comp_id_1 
_pdbx_validate_close_contact.auth_seq_id_1 
_pdbx_validate_close_contact.PDB_ins_code_1 
_pdbx_validate_close_contact.label_alt_id_1 
_pdbx_validate_close_contact.auth_atom_id_2 
_pdbx_validate_close_contact.auth_asym_id_2 
_pdbx_validate_close_contact.auth_comp_id_2 
_pdbx_validate_close_contact.auth_seq_id_2 
_pdbx_validate_close_contact.PDB_ins_code_2 
_pdbx_validate_close_contact.label_alt_id_2 
_pdbx_validate_close_contact.dist 
1 1 O A HOH 418 ? ? O A HOH 420 ? ? 2.03 
2 1 O A HOH 456 ? ? O A HOH 472 ? ? 2.06 
# 
loop_
_pdbx_validate_torsion.id 
_pdbx_validate_torsion.PDB_model_num 
_pdbx_validate_torsion.auth_comp_id 
_pdbx_validate_torsion.auth_asym_id 
_pdbx_validate_torsion.auth_seq_id 
_pdbx_validate_torsion.PDB_ins_code 
_pdbx_validate_torsion.label_alt_id 
_pdbx_validate_torsion.phi 
_pdbx_validate_torsion.psi 
1 1 THR A 59  ? ? 72.27   104.87 
2 1 LYS A 114 ? ? -116.95 71.44  
3 1 PHE A 143 ? ? -91.52  55.65  
# 
loop_
_pdbx_struct_special_symmetry.id 
_pdbx_struct_special_symmetry.PDB_model_num 
_pdbx_struct_special_symmetry.auth_asym_id 
_pdbx_struct_special_symmetry.auth_comp_id 
_pdbx_struct_special_symmetry.auth_seq_id 
_pdbx_struct_special_symmetry.PDB_ins_code 
_pdbx_struct_special_symmetry.label_asym_id 
_pdbx_struct_special_symmetry.label_comp_id 
_pdbx_struct_special_symmetry.label_seq_id 
1 1 A CD  301 ? B CD  . 
2 1 A HOH 412 ? H HOH . 
# 
_phasing.method   MR 
# 
_pdbx_entry_details.entry_id                 5QRK 
_pdbx_entry_details.has_ligand_of_interest   Y 
_pdbx_entry_details.compound_details         ? 
_pdbx_entry_details.source_details           ? 
_pdbx_entry_details.nonpolymer_details       ? 
_pdbx_entry_details.sequence_details         ? 
# 
loop_
_pdbx_distant_solvent_atoms.id 
_pdbx_distant_solvent_atoms.PDB_model_num 
_pdbx_distant_solvent_atoms.auth_atom_id 
_pdbx_distant_solvent_atoms.label_alt_id 
_pdbx_distant_solvent_atoms.auth_asym_id 
_pdbx_distant_solvent_atoms.auth_comp_id 
_pdbx_distant_solvent_atoms.auth_seq_id 
_pdbx_distant_solvent_atoms.PDB_ins_code 
_pdbx_distant_solvent_atoms.neighbor_macromolecule_distance 
_pdbx_distant_solvent_atoms.neighbor_ligand_distance 
1 1 O ? A HOH 476 ? 6.32 . 
2 1 O ? A HOH 477 ? 6.59 . 
# 
_pdbx_unobs_or_zero_occ_residues.id               1 
_pdbx_unobs_or_zero_occ_residues.PDB_model_num    1 
_pdbx_unobs_or_zero_occ_residues.polymer_flag     Y 
_pdbx_unobs_or_zero_occ_residues.occupancy_flag   1 
_pdbx_unobs_or_zero_occ_residues.auth_asym_id     A 
_pdbx_unobs_or_zero_occ_residues.auth_comp_id     GLY 
_pdbx_unobs_or_zero_occ_residues.auth_seq_id      40 
_pdbx_unobs_or_zero_occ_residues.PDB_ins_code     ? 
_pdbx_unobs_or_zero_occ_residues.label_asym_id    A 
_pdbx_unobs_or_zero_occ_residues.label_comp_id    GLY 
_pdbx_unobs_or_zero_occ_residues.label_seq_id     1 
# 
loop_
_chem_comp_atom.comp_id 
_chem_comp_atom.atom_id 
_chem_comp_atom.type_symbol 
_chem_comp_atom.pdbx_aromatic_flag 
_chem_comp_atom.pdbx_stereo_config 
_chem_comp_atom.pdbx_ordinal 
ALA N    N  N N 1   
ALA CA   C  N S 2   
ALA C    C  N N 3   
ALA O    O  N N 4   
ALA CB   C  N N 5   
ALA OXT  O  N N 6   
ALA H    H  N N 7   
ALA H2   H  N N 8   
ALA HA   H  N N 9   
ALA HB1  H  N N 10  
ALA HB2  H  N N 11  
ALA HB3  H  N N 12  
ALA HXT  H  N N 13  
ARG N    N  N N 14  
ARG CA   C  N S 15  
ARG C    C  N N 16  
ARG O    O  N N 17  
ARG CB   C  N N 18  
ARG CG   C  N N 19  
ARG CD   C  N N 20  
ARG NE   N  N N 21  
ARG CZ   C  N N 22  
ARG NH1  N  N N 23  
ARG NH2  N  N N 24  
ARG OXT  O  N N 25  
ARG H    H  N N 26  
ARG H2   H  N N 27  
ARG HA   H  N N 28  
ARG HB2  H  N N 29  
ARG HB3  H  N N 30  
ARG HG2  H  N N 31  
ARG HG3  H  N N 32  
ARG HD2  H  N N 33  
ARG HD3  H  N N 34  
ARG HE   H  N N 35  
ARG HH11 H  N N 36  
ARG HH12 H  N N 37  
ARG HH21 H  N N 38  
ARG HH22 H  N N 39  
ARG HXT  H  N N 40  
ASN N    N  N N 41  
ASN CA   C  N S 42  
ASN C    C  N N 43  
ASN O    O  N N 44  
ASN CB   C  N N 45  
ASN CG   C  N N 46  
ASN OD1  O  N N 47  
ASN ND2  N  N N 48  
ASN OXT  O  N N 49  
ASN H    H  N N 50  
ASN H2   H  N N 51  
ASN HA   H  N N 52  
ASN HB2  H  N N 53  
ASN HB3  H  N N 54  
ASN HD21 H  N N 55  
ASN HD22 H  N N 56  
ASN HXT  H  N N 57  
ASP N    N  N N 58  
ASP CA   C  N S 59  
ASP C    C  N N 60  
ASP O    O  N N 61  
ASP CB   C  N N 62  
ASP CG   C  N N 63  
ASP OD1  O  N N 64  
ASP OD2  O  N N 65  
ASP OXT  O  N N 66  
ASP H    H  N N 67  
ASP H2   H  N N 68  
ASP HA   H  N N 69  
ASP HB2  H  N N 70  
ASP HB3  H  N N 71  
ASP HD2  H  N N 72  
ASP HXT  H  N N 73  
CD  CD   CD N N 74  
CYS N    N  N N 75  
CYS CA   C  N R 76  
CYS C    C  N N 77  
CYS O    O  N N 78  
CYS CB   C  N N 79  
CYS SG   S  N N 80  
CYS OXT  O  N N 81  
CYS H    H  N N 82  
CYS H2   H  N N 83  
CYS HA   H  N N 84  
CYS HB2  H  N N 85  
CYS HB3  H  N N 86  
CYS HG   H  N N 87  
CYS HXT  H  N N 88  
GLN N    N  N N 89  
GLN CA   C  N S 90  
GLN C    C  N N 91  
GLN O    O  N N 92  
GLN CB   C  N N 93  
GLN CG   C  N N 94  
GLN CD   C  N N 95  
GLN OE1  O  N N 96  
GLN NE2  N  N N 97  
GLN OXT  O  N N 98  
GLN H    H  N N 99  
GLN H2   H  N N 100 
GLN HA   H  N N 101 
GLN HB2  H  N N 102 
GLN HB3  H  N N 103 
GLN HG2  H  N N 104 
GLN HG3  H  N N 105 
GLN HE21 H  N N 106 
GLN HE22 H  N N 107 
GLN HXT  H  N N 108 
GLU N    N  N N 109 
GLU CA   C  N S 110 
GLU C    C  N N 111 
GLU O    O  N N 112 
GLU CB   C  N N 113 
GLU CG   C  N N 114 
GLU CD   C  N N 115 
GLU OE1  O  N N 116 
GLU OE2  O  N N 117 
GLU OXT  O  N N 118 
GLU H    H  N N 119 
GLU H2   H  N N 120 
GLU HA   H  N N 121 
GLU HB2  H  N N 122 
GLU HB3  H  N N 123 
GLU HG2  H  N N 124 
GLU HG3  H  N N 125 
GLU HE2  H  N N 126 
GLU HXT  H  N N 127 
GLY N    N  N N 128 
GLY CA   C  N N 129 
GLY C    C  N N 130 
GLY O    O  N N 131 
GLY OXT  O  N N 132 
GLY H    H  N N 133 
GLY H2   H  N N 134 
GLY HA2  H  N N 135 
GLY HA3  H  N N 136 
GLY HXT  H  N N 137 
HIS N    N  N N 138 
HIS CA   C  N S 139 
HIS C    C  N N 140 
HIS O    O  N N 141 
HIS CB   C  N N 142 
HIS CG   C  Y N 143 
HIS ND1  N  Y N 144 
HIS CD2  C  Y N 145 
HIS CE1  C  Y N 146 
HIS NE2  N  Y N 147 
HIS OXT  O  N N 148 
HIS H    H  N N 149 
HIS H2   H  N N 150 
HIS HA   H  N N 151 
HIS HB2  H  N N 152 
HIS HB3  H  N N 153 
HIS HD1  H  N N 154 
HIS HD2  H  N N 155 
HIS HE1  H  N N 156 
HIS HE2  H  N N 157 
HIS HXT  H  N N 158 
HOH O    O  N N 159 
HOH H1   H  N N 160 
HOH H2   H  N N 161 
ILE N    N  N N 162 
ILE CA   C  N S 163 
ILE C    C  N N 164 
ILE O    O  N N 165 
ILE CB   C  N S 166 
ILE CG1  C  N N 167 
ILE CG2  C  N N 168 
ILE CD1  C  N N 169 
ILE OXT  O  N N 170 
ILE H    H  N N 171 
ILE H2   H  N N 172 
ILE HA   H  N N 173 
ILE HB   H  N N 174 
ILE HG12 H  N N 175 
ILE HG13 H  N N 176 
ILE HG21 H  N N 177 
ILE HG22 H  N N 178 
ILE HG23 H  N N 179 
ILE HD11 H  N N 180 
ILE HD12 H  N N 181 
ILE HD13 H  N N 182 
ILE HXT  H  N N 183 
LEU N    N  N N 184 
LEU CA   C  N S 185 
LEU C    C  N N 186 
LEU O    O  N N 187 
LEU CB   C  N N 188 
LEU CG   C  N N 189 
LEU CD1  C  N N 190 
LEU CD2  C  N N 191 
LEU OXT  O  N N 192 
LEU H    H  N N 193 
LEU H2   H  N N 194 
LEU HA   H  N N 195 
LEU HB2  H  N N 196 
LEU HB3  H  N N 197 
LEU HG   H  N N 198 
LEU HD11 H  N N 199 
LEU HD12 H  N N 200 
LEU HD13 H  N N 201 
LEU HD21 H  N N 202 
LEU HD22 H  N N 203 
LEU HD23 H  N N 204 
LEU HXT  H  N N 205 
LYS N    N  N N 206 
LYS CA   C  N S 207 
LYS C    C  N N 208 
LYS O    O  N N 209 
LYS CB   C  N N 210 
LYS CG   C  N N 211 
LYS CD   C  N N 212 
LYS CE   C  N N 213 
LYS NZ   N  N N 214 
LYS OXT  O  N N 215 
LYS H    H  N N 216 
LYS H2   H  N N 217 
LYS HA   H  N N 218 
LYS HB2  H  N N 219 
LYS HB3  H  N N 220 
LYS HG2  H  N N 221 
LYS HG3  H  N N 222 
LYS HD2  H  N N 223 
LYS HD3  H  N N 224 
LYS HE2  H  N N 225 
LYS HE3  H  N N 226 
LYS HZ1  H  N N 227 
LYS HZ2  H  N N 228 
LYS HZ3  H  N N 229 
LYS HXT  H  N N 230 
MET N    N  N N 231 
MET CA   C  N S 232 
MET C    C  N N 233 
MET O    O  N N 234 
MET CB   C  N N 235 
MET CG   C  N N 236 
MET SD   S  N N 237 
MET CE   C  N N 238 
MET OXT  O  N N 239 
MET H    H  N N 240 
MET H2   H  N N 241 
MET HA   H  N N 242 
MET HB2  H  N N 243 
MET HB3  H  N N 244 
MET HG2  H  N N 245 
MET HG3  H  N N 246 
MET HE1  H  N N 247 
MET HE2  H  N N 248 
MET HE3  H  N N 249 
MET HXT  H  N N 250 
NWV N1   N  N N 251 
NWV C4   C  N N 252 
NWV C5   C  Y N 253 
NWV C6   C  Y N 254 
NWV C7   C  Y N 255 
NWV C8   C  Y N 256 
NWV N    N  Y N 257 
NWV C    C  N N 258 
NWV O    O  N N 259 
NWV C1   C  Y N 260 
NWV C2   C  Y N 261 
NWV C3   C  N N 262 
NWV C9   C  Y N 263 
NWV N2   N  Y N 264 
NWV O1   O  Y N 265 
NWV H1   H  N N 266 
NWV H2   H  N N 267 
NWV H3   H  N N 268 
NWV H4   H  N N 269 
NWV H5   H  N N 270 
NWV H6   H  N N 271 
NWV H7   H  N N 272 
NWV H8   H  N N 273 
NWV H9   H  N N 274 
NWV H10  H  N N 275 
NWV H11  H  N N 276 
PHE N    N  N N 277 
PHE CA   C  N S 278 
PHE C    C  N N 279 
PHE O    O  N N 280 
PHE CB   C  N N 281 
PHE CG   C  Y N 282 
PHE CD1  C  Y N 283 
PHE CD2  C  Y N 284 
PHE CE1  C  Y N 285 
PHE CE2  C  Y N 286 
PHE CZ   C  Y N 287 
PHE OXT  O  N N 288 
PHE H    H  N N 289 
PHE H2   H  N N 290 
PHE HA   H  N N 291 
PHE HB2  H  N N 292 
PHE HB3  H  N N 293 
PHE HD1  H  N N 294 
PHE HD2  H  N N 295 
PHE HE1  H  N N 296 
PHE HE2  H  N N 297 
PHE HZ   H  N N 298 
PHE HXT  H  N N 299 
PRO N    N  N N 300 
PRO CA   C  N S 301 
PRO C    C  N N 302 
PRO O    O  N N 303 
PRO CB   C  N N 304 
PRO CG   C  N N 305 
PRO CD   C  N N 306 
PRO OXT  O  N N 307 
PRO H    H  N N 308 
PRO HA   H  N N 309 
PRO HB2  H  N N 310 
PRO HB3  H  N N 311 
PRO HG2  H  N N 312 
PRO HG3  H  N N 313 
PRO HD2  H  N N 314 
PRO HD3  H  N N 315 
PRO HXT  H  N N 316 
SER N    N  N N 317 
SER CA   C  N S 318 
SER C    C  N N 319 
SER O    O  N N 320 
SER CB   C  N N 321 
SER OG   O  N N 322 
SER OXT  O  N N 323 
SER H    H  N N 324 
SER H2   H  N N 325 
SER HA   H  N N 326 
SER HB2  H  N N 327 
SER HB3  H  N N 328 
SER HG   H  N N 329 
SER HXT  H  N N 330 
THR N    N  N N 331 
THR CA   C  N S 332 
THR C    C  N N 333 
THR O    O  N N 334 
THR CB   C  N R 335 
THR OG1  O  N N 336 
THR CG2  C  N N 337 
THR OXT  O  N N 338 
THR H    H  N N 339 
THR H2   H  N N 340 
THR HA   H  N N 341 
THR HB   H  N N 342 
THR HG1  H  N N 343 
THR HG21 H  N N 344 
THR HG22 H  N N 345 
THR HG23 H  N N 346 
THR HXT  H  N N 347 
TRP N    N  N N 348 
TRP CA   C  N S 349 
TRP C    C  N N 350 
TRP O    O  N N 351 
TRP CB   C  N N 352 
TRP CG   C  Y N 353 
TRP CD1  C  Y N 354 
TRP CD2  C  Y N 355 
TRP NE1  N  Y N 356 
TRP CE2  C  Y N 357 
TRP CE3  C  Y N 358 
TRP CZ2  C  Y N 359 
TRP CZ3  C  Y N 360 
TRP CH2  C  Y N 361 
TRP OXT  O  N N 362 
TRP H    H  N N 363 
TRP H2   H  N N 364 
TRP HA   H  N N 365 
TRP HB2  H  N N 366 
TRP HB3  H  N N 367 
TRP HD1  H  N N 368 
TRP HE1  H  N N 369 
TRP HE3  H  N N 370 
TRP HZ2  H  N N 371 
TRP HZ3  H  N N 372 
TRP HH2  H  N N 373 
TRP HXT  H  N N 374 
TYR N    N  N N 375 
TYR CA   C  N S 376 
TYR C    C  N N 377 
TYR O    O  N N 378 
TYR CB   C  N N 379 
TYR CG   C  Y N 380 
TYR CD1  C  Y N 381 
TYR CD2  C  Y N 382 
TYR CE1  C  Y N 383 
TYR CE2  C  Y N 384 
TYR CZ   C  Y N 385 
TYR OH   O  N N 386 
TYR OXT  O  N N 387 
TYR H    H  N N 388 
TYR H2   H  N N 389 
TYR HA   H  N N 390 
TYR HB2  H  N N 391 
TYR HB3  H  N N 392 
TYR HD1  H  N N 393 
TYR HD2  H  N N 394 
TYR HE1  H  N N 395 
TYR HE2  H  N N 396 
TYR HH   H  N N 397 
TYR HXT  H  N N 398 
VAL N    N  N N 399 
VAL CA   C  N S 400 
VAL C    C  N N 401 
VAL O    O  N N 402 
VAL CB   C  N N 403 
VAL CG1  C  N N 404 
VAL CG2  C  N N 405 
VAL OXT  O  N N 406 
VAL H    H  N N 407 
VAL H2   H  N N 408 
VAL HA   H  N N 409 
VAL HB   H  N N 410 
VAL HG11 H  N N 411 
VAL HG12 H  N N 412 
VAL HG13 H  N N 413 
VAL HG21 H  N N 414 
VAL HG22 H  N N 415 
VAL HG23 H  N N 416 
VAL HXT  H  N N 417 
# 
loop_
_chem_comp_bond.comp_id 
_chem_comp_bond.atom_id_1 
_chem_comp_bond.atom_id_2 
_chem_comp_bond.value_order 
_chem_comp_bond.pdbx_aromatic_flag 
_chem_comp_bond.pdbx_stereo_config 
_chem_comp_bond.pdbx_ordinal 
ALA N   CA   sing N N 1   
ALA N   H    sing N N 2   
ALA N   H2   sing N N 3   
ALA CA  C    sing N N 4   
ALA CA  CB   sing N N 5   
ALA CA  HA   sing N N 6   
ALA C   O    doub N N 7   
ALA C   OXT  sing N N 8   
ALA CB  HB1  sing N N 9   
ALA CB  HB2  sing N N 10  
ALA CB  HB3  sing N N 11  
ALA OXT HXT  sing N N 12  
ARG N   CA   sing N N 13  
ARG N   H    sing N N 14  
ARG N   H2   sing N N 15  
ARG CA  C    sing N N 16  
ARG CA  CB   sing N N 17  
ARG CA  HA   sing N N 18  
ARG C   O    doub N N 19  
ARG C   OXT  sing N N 20  
ARG CB  CG   sing N N 21  
ARG CB  HB2  sing N N 22  
ARG CB  HB3  sing N N 23  
ARG CG  CD   sing N N 24  
ARG CG  HG2  sing N N 25  
ARG CG  HG3  sing N N 26  
ARG CD  NE   sing N N 27  
ARG CD  HD2  sing N N 28  
ARG CD  HD3  sing N N 29  
ARG NE  CZ   sing N N 30  
ARG NE  HE   sing N N 31  
ARG CZ  NH1  sing N N 32  
ARG CZ  NH2  doub N N 33  
ARG NH1 HH11 sing N N 34  
ARG NH1 HH12 sing N N 35  
ARG NH2 HH21 sing N N 36  
ARG NH2 HH22 sing N N 37  
ARG OXT HXT  sing N N 38  
ASN N   CA   sing N N 39  
ASN N   H    sing N N 40  
ASN N   H2   sing N N 41  
ASN CA  C    sing N N 42  
ASN CA  CB   sing N N 43  
ASN CA  HA   sing N N 44  
ASN C   O    doub N N 45  
ASN C   OXT  sing N N 46  
ASN CB  CG   sing N N 47  
ASN CB  HB2  sing N N 48  
ASN CB  HB3  sing N N 49  
ASN CG  OD1  doub N N 50  
ASN CG  ND2  sing N N 51  
ASN ND2 HD21 sing N N 52  
ASN ND2 HD22 sing N N 53  
ASN OXT HXT  sing N N 54  
ASP N   CA   sing N N 55  
ASP N   H    sing N N 56  
ASP N   H2   sing N N 57  
ASP CA  C    sing N N 58  
ASP CA  CB   sing N N 59  
ASP CA  HA   sing N N 60  
ASP C   O    doub N N 61  
ASP C   OXT  sing N N 62  
ASP CB  CG   sing N N 63  
ASP CB  HB2  sing N N 64  
ASP CB  HB3  sing N N 65  
ASP CG  OD1  doub N N 66  
ASP CG  OD2  sing N N 67  
ASP OD2 HD2  sing N N 68  
ASP OXT HXT  sing N N 69  
CYS N   CA   sing N N 70  
CYS N   H    sing N N 71  
CYS N   H2   sing N N 72  
CYS CA  C    sing N N 73  
CYS CA  CB   sing N N 74  
CYS CA  HA   sing N N 75  
CYS C   O    doub N N 76  
CYS C   OXT  sing N N 77  
CYS CB  SG   sing N N 78  
CYS CB  HB2  sing N N 79  
CYS CB  HB3  sing N N 80  
CYS SG  HG   sing N N 81  
CYS OXT HXT  sing N N 82  
GLN N   CA   sing N N 83  
GLN N   H    sing N N 84  
GLN N   H2   sing N N 85  
GLN CA  C    sing N N 86  
GLN CA  CB   sing N N 87  
GLN CA  HA   sing N N 88  
GLN C   O    doub N N 89  
GLN C   OXT  sing N N 90  
GLN CB  CG   sing N N 91  
GLN CB  HB2  sing N N 92  
GLN CB  HB3  sing N N 93  
GLN CG  CD   sing N N 94  
GLN CG  HG2  sing N N 95  
GLN CG  HG3  sing N N 96  
GLN CD  OE1  doub N N 97  
GLN CD  NE2  sing N N 98  
GLN NE2 HE21 sing N N 99  
GLN NE2 HE22 sing N N 100 
GLN OXT HXT  sing N N 101 
GLU N   CA   sing N N 102 
GLU N   H    sing N N 103 
GLU N   H2   sing N N 104 
GLU CA  C    sing N N 105 
GLU CA  CB   sing N N 106 
GLU CA  HA   sing N N 107 
GLU C   O    doub N N 108 
GLU C   OXT  sing N N 109 
GLU CB  CG   sing N N 110 
GLU CB  HB2  sing N N 111 
GLU CB  HB3  sing N N 112 
GLU CG  CD   sing N N 113 
GLU CG  HG2  sing N N 114 
GLU CG  HG3  sing N N 115 
GLU CD  OE1  doub N N 116 
GLU CD  OE2  sing N N 117 
GLU OE2 HE2  sing N N 118 
GLU OXT HXT  sing N N 119 
GLY N   CA   sing N N 120 
GLY N   H    sing N N 121 
GLY N   H2   sing N N 122 
GLY CA  C    sing N N 123 
GLY CA  HA2  sing N N 124 
GLY CA  HA3  sing N N 125 
GLY C   O    doub N N 126 
GLY C   OXT  sing N N 127 
GLY OXT HXT  sing N N 128 
HIS N   CA   sing N N 129 
HIS N   H    sing N N 130 
HIS N   H2   sing N N 131 
HIS CA  C    sing N N 132 
HIS CA  CB   sing N N 133 
HIS CA  HA   sing N N 134 
HIS C   O    doub N N 135 
HIS C   OXT  sing N N 136 
HIS CB  CG   sing N N 137 
HIS CB  HB2  sing N N 138 
HIS CB  HB3  sing N N 139 
HIS CG  ND1  sing Y N 140 
HIS CG  CD2  doub Y N 141 
HIS ND1 CE1  doub Y N 142 
HIS ND1 HD1  sing N N 143 
HIS CD2 NE2  sing Y N 144 
HIS CD2 HD2  sing N N 145 
HIS CE1 NE2  sing Y N 146 
HIS CE1 HE1  sing N N 147 
HIS NE2 HE2  sing N N 148 
HIS OXT HXT  sing N N 149 
HOH O   H1   sing N N 150 
HOH O   H2   sing N N 151 
ILE N   CA   sing N N 152 
ILE N   H    sing N N 153 
ILE N   H2   sing N N 154 
ILE CA  C    sing N N 155 
ILE CA  CB   sing N N 156 
ILE CA  HA   sing N N 157 
ILE C   O    doub N N 158 
ILE C   OXT  sing N N 159 
ILE CB  CG1  sing N N 160 
ILE CB  CG2  sing N N 161 
ILE CB  HB   sing N N 162 
ILE CG1 CD1  sing N N 163 
ILE CG1 HG12 sing N N 164 
ILE CG1 HG13 sing N N 165 
ILE CG2 HG21 sing N N 166 
ILE CG2 HG22 sing N N 167 
ILE CG2 HG23 sing N N 168 
ILE CD1 HD11 sing N N 169 
ILE CD1 HD12 sing N N 170 
ILE CD1 HD13 sing N N 171 
ILE OXT HXT  sing N N 172 
LEU N   CA   sing N N 173 
LEU N   H    sing N N 174 
LEU N   H2   sing N N 175 
LEU CA  C    sing N N 176 
LEU CA  CB   sing N N 177 
LEU CA  HA   sing N N 178 
LEU C   O    doub N N 179 
LEU C   OXT  sing N N 180 
LEU CB  CG   sing N N 181 
LEU CB  HB2  sing N N 182 
LEU CB  HB3  sing N N 183 
LEU CG  CD1  sing N N 184 
LEU CG  CD2  sing N N 185 
LEU CG  HG   sing N N 186 
LEU CD1 HD11 sing N N 187 
LEU CD1 HD12 sing N N 188 
LEU CD1 HD13 sing N N 189 
LEU CD2 HD21 sing N N 190 
LEU CD2 HD22 sing N N 191 
LEU CD2 HD23 sing N N 192 
LEU OXT HXT  sing N N 193 
LYS N   CA   sing N N 194 
LYS N   H    sing N N 195 
LYS N   H2   sing N N 196 
LYS CA  C    sing N N 197 
LYS CA  CB   sing N N 198 
LYS CA  HA   sing N N 199 
LYS C   O    doub N N 200 
LYS C   OXT  sing N N 201 
LYS CB  CG   sing N N 202 
LYS CB  HB2  sing N N 203 
LYS CB  HB3  sing N N 204 
LYS CG  CD   sing N N 205 
LYS CG  HG2  sing N N 206 
LYS CG  HG3  sing N N 207 
LYS CD  CE   sing N N 208 
LYS CD  HD2  sing N N 209 
LYS CD  HD3  sing N N 210 
LYS CE  NZ   sing N N 211 
LYS CE  HE2  sing N N 212 
LYS CE  HE3  sing N N 213 
LYS NZ  HZ1  sing N N 214 
LYS NZ  HZ2  sing N N 215 
LYS NZ  HZ3  sing N N 216 
LYS OXT HXT  sing N N 217 
MET N   CA   sing N N 218 
MET N   H    sing N N 219 
MET N   H2   sing N N 220 
MET CA  C    sing N N 221 
MET CA  CB   sing N N 222 
MET CA  HA   sing N N 223 
MET C   O    doub N N 224 
MET C   OXT  sing N N 225 
MET CB  CG   sing N N 226 
MET CB  HB2  sing N N 227 
MET CB  HB3  sing N N 228 
MET CG  SD   sing N N 229 
MET CG  HG2  sing N N 230 
MET CG  HG3  sing N N 231 
MET SD  CE   sing N N 232 
MET CE  HE1  sing N N 233 
MET CE  HE2  sing N N 234 
MET CE  HE3  sing N N 235 
MET OXT HXT  sing N N 236 
NWV C7  C8   doub Y N 237 
NWV C7  C6   sing Y N 238 
NWV C8  O1   sing Y N 239 
NWV C6  C5   doub Y N 240 
NWV O1  C5   sing Y N 241 
NWV C5  C4   sing N N 242 
NWV C4  N1   sing N N 243 
NWV C4  O    doub N N 244 
NWV N2  C9   doub Y N 245 
NWV N2  N    sing Y N 246 
NWV N1  C3   sing N N 247 
NWV C9  C2   sing Y N 248 
NWV C   N    sing N N 249 
NWV N   C1   sing Y N 250 
NWV C2  C1   doub Y N 251 
NWV C2  C3   sing N N 252 
NWV N1  H1   sing N N 253 
NWV C6  H2   sing N N 254 
NWV C7  H3   sing N N 255 
NWV C8  H4   sing N N 256 
NWV C   H5   sing N N 257 
NWV C   H6   sing N N 258 
NWV C   H7   sing N N 259 
NWV C1  H8   sing N N 260 
NWV C3  H9   sing N N 261 
NWV C3  H10  sing N N 262 
NWV C9  H11  sing N N 263 
PHE N   CA   sing N N 264 
PHE N   H    sing N N 265 
PHE N   H2   sing N N 266 
PHE CA  C    sing N N 267 
PHE CA  CB   sing N N 268 
PHE CA  HA   sing N N 269 
PHE C   O    doub N N 270 
PHE C   OXT  sing N N 271 
PHE CB  CG   sing N N 272 
PHE CB  HB2  sing N N 273 
PHE CB  HB3  sing N N 274 
PHE CG  CD1  doub Y N 275 
PHE CG  CD2  sing Y N 276 
PHE CD1 CE1  sing Y N 277 
PHE CD1 HD1  sing N N 278 
PHE CD2 CE2  doub Y N 279 
PHE CD2 HD2  sing N N 280 
PHE CE1 CZ   doub Y N 281 
PHE CE1 HE1  sing N N 282 
PHE CE2 CZ   sing Y N 283 
PHE CE2 HE2  sing N N 284 
PHE CZ  HZ   sing N N 285 
PHE OXT HXT  sing N N 286 
PRO N   CA   sing N N 287 
PRO N   CD   sing N N 288 
PRO N   H    sing N N 289 
PRO CA  C    sing N N 290 
PRO CA  CB   sing N N 291 
PRO CA  HA   sing N N 292 
PRO C   O    doub N N 293 
PRO C   OXT  sing N N 294 
PRO CB  CG   sing N N 295 
PRO CB  HB2  sing N N 296 
PRO CB  HB3  sing N N 297 
PRO CG  CD   sing N N 298 
PRO CG  HG2  sing N N 299 
PRO CG  HG3  sing N N 300 
PRO CD  HD2  sing N N 301 
PRO CD  HD3  sing N N 302 
PRO OXT HXT  sing N N 303 
SER N   CA   sing N N 304 
SER N   H    sing N N 305 
SER N   H2   sing N N 306 
SER CA  C    sing N N 307 
SER CA  CB   sing N N 308 
SER CA  HA   sing N N 309 
SER C   O    doub N N 310 
SER C   OXT  sing N N 311 
SER CB  OG   sing N N 312 
SER CB  HB2  sing N N 313 
SER CB  HB3  sing N N 314 
SER OG  HG   sing N N 315 
SER OXT HXT  sing N N 316 
THR N   CA   sing N N 317 
THR N   H    sing N N 318 
THR N   H2   sing N N 319 
THR CA  C    sing N N 320 
THR CA  CB   sing N N 321 
THR CA  HA   sing N N 322 
THR C   O    doub N N 323 
THR C   OXT  sing N N 324 
THR CB  OG1  sing N N 325 
THR CB  CG2  sing N N 326 
THR CB  HB   sing N N 327 
THR OG1 HG1  sing N N 328 
THR CG2 HG21 sing N N 329 
THR CG2 HG22 sing N N 330 
THR CG2 HG23 sing N N 331 
THR OXT HXT  sing N N 332 
TRP N   CA   sing N N 333 
TRP N   H    sing N N 334 
TRP N   H2   sing N N 335 
TRP CA  C    sing N N 336 
TRP CA  CB   sing N N 337 
TRP CA  HA   sing N N 338 
TRP C   O    doub N N 339 
TRP C   OXT  sing N N 340 
TRP CB  CG   sing N N 341 
TRP CB  HB2  sing N N 342 
TRP CB  HB3  sing N N 343 
TRP CG  CD1  doub Y N 344 
TRP CG  CD2  sing Y N 345 
TRP CD1 NE1  sing Y N 346 
TRP CD1 HD1  sing N N 347 
TRP CD2 CE2  doub Y N 348 
TRP CD2 CE3  sing Y N 349 
TRP NE1 CE2  sing Y N 350 
TRP NE1 HE1  sing N N 351 
TRP CE2 CZ2  sing Y N 352 
TRP CE3 CZ3  doub Y N 353 
TRP CE3 HE3  sing N N 354 
TRP CZ2 CH2  doub Y N 355 
TRP CZ2 HZ2  sing N N 356 
TRP CZ3 CH2  sing Y N 357 
TRP CZ3 HZ3  sing N N 358 
TRP CH2 HH2  sing N N 359 
TRP OXT HXT  sing N N 360 
TYR N   CA   sing N N 361 
TYR N   H    sing N N 362 
TYR N   H2   sing N N 363 
TYR CA  C    sing N N 364 
TYR CA  CB   sing N N 365 
TYR CA  HA   sing N N 366 
TYR C   O    doub N N 367 
TYR C   OXT  sing N N 368 
TYR CB  CG   sing N N 369 
TYR CB  HB2  sing N N 370 
TYR CB  HB3  sing N N 371 
TYR CG  CD1  doub Y N 372 
TYR CG  CD2  sing Y N 373 
TYR CD1 CE1  sing Y N 374 
TYR CD1 HD1  sing N N 375 
TYR CD2 CE2  doub Y N 376 
TYR CD2 HD2  sing N N 377 
TYR CE1 CZ   doub Y N 378 
TYR CE1 HE1  sing N N 379 
TYR CE2 CZ   sing Y N 380 
TYR CE2 HE2  sing N N 381 
TYR CZ  OH   sing N N 382 
TYR OH  HH   sing N N 383 
TYR OXT HXT  sing N N 384 
VAL N   CA   sing N N 385 
VAL N   H    sing N N 386 
VAL N   H2   sing N N 387 
VAL CA  C    sing N N 388 
VAL CA  CB   sing N N 389 
VAL CA  HA   sing N N 390 
VAL C   O    doub N N 391 
VAL C   OXT  sing N N 392 
VAL CB  CG1  sing N N 393 
VAL CB  CG2  sing N N 394 
VAL CB  HB   sing N N 395 
VAL CG1 HG11 sing N N 396 
VAL CG1 HG12 sing N N 397 
VAL CG1 HG13 sing N N 398 
VAL CG2 HG21 sing N N 399 
VAL CG2 HG22 sing N N 400 
VAL CG2 HG23 sing N N 401 
VAL OXT HXT  sing N N 402 
# 
_pdbx_deposit_group.group_id            G_1002080 
_pdbx_deposit_group.group_description   
;Human Brachyury screened against the DSI-poised Fragment Library by X-ray Crystallography at the XChem facility of Diamond Light Source beamline I04-1
;
_pdbx_deposit_group.group_title         'PanDDA analysis group deposition' 
_pdbx_deposit_group.group_type          'changed state' 
# 
_pdbx_entity_instance_feature.ordinal        1 
_pdbx_entity_instance_feature.comp_id        NWV 
_pdbx_entity_instance_feature.asym_id        ? 
_pdbx_entity_instance_feature.seq_num        ? 
_pdbx_entity_instance_feature.auth_comp_id   NWV 
_pdbx_entity_instance_feature.auth_asym_id   ? 
_pdbx_entity_instance_feature.auth_seq_num   ? 
_pdbx_entity_instance_feature.feature_type   'SUBJECT OF INVESTIGATION' 
_pdbx_entity_instance_feature.details        ? 
# 
_atom_sites.entry_id                    5QRK 
_atom_sites.fract_transf_matrix[1][1]   -0.00661442 
_atom_sites.fract_transf_matrix[1][2]   0.01100890 
_atom_sites.fract_transf_matrix[1][3]   -0.01055514 
_atom_sites.fract_transf_matrix[2][1]   0.01150688 
_atom_sites.fract_transf_matrix[2][2]   0.01115328 
_atom_sites.fract_transf_matrix[2][3]   0.00442192 
_atom_sites.fract_transf_matrix[3][1]   0.00545054 
_atom_sites.fract_transf_matrix[3][2]   -0.00302025 
_atom_sites.fract_transf_matrix[3][3]   -0.00656570 
_atom_sites.fract_transf_vector[1]      0.344441 
_atom_sites.fract_transf_vector[2]      -0.022049 
_atom_sites.fract_transf_vector[3]      0.060411 
# 
loop_
_atom_type.symbol 
C  
CD 
N  
O  
S  
# 
loop_
_atom_site.group_PDB 
_atom_site.id 
_atom_site.type_symbol 
_atom_site.label_atom_id 
_atom_site.label_alt_id 
_atom_site.label_comp_id 
_atom_site.label_asym_id 
_atom_site.label_entity_id 
_atom_site.label_seq_id 
_atom_site.pdbx_PDB_ins_code 
_atom_site.Cartn_x 
_atom_site.Cartn_y 
_atom_site.Cartn_z 
_atom_site.occupancy 
_atom_site.B_iso_or_equiv 
_atom_site.pdbx_formal_charge 
_atom_site.auth_seq_id 
_atom_site.auth_comp_id 
_atom_site.auth_asym_id 
_atom_site.auth_atom_id 
_atom_site.pdbx_PDB_model_num 
ATOM   1    N  N   . GLU A 1 2   ? -12.158 0.443   -21.296 1.00 77.78  ? 41  GLU A N   1 
ATOM   2    C  CA  . GLU A 1 2   ? -12.041 1.082   -19.950 1.00 73.23  ? 41  GLU A CA  1 
ATOM   3    C  C   . GLU A 1 2   ? -10.968 0.292   -19.160 1.00 68.05  ? 41  GLU A C   1 
ATOM   4    O  O   . GLU A 1 2   ? -11.054 -0.959  -19.055 1.00 59.25  ? 41  GLU A O   1 
ATOM   5    C  CB  . GLU A 1 2   ? -13.441 1.185   -19.300 1.00 76.60  ? 41  GLU A CB  1 
ATOM   6    C  CG  . GLU A 1 2   ? -13.834 2.568   -18.739 1.00 75.20  ? 41  GLU A CG  1 
ATOM   7    C  CD  . GLU A 1 2   ? -14.686 3.508   -19.599 1.00 82.02  ? 41  GLU A CD  1 
ATOM   8    O  OE1 . GLU A 1 2   ? -15.731 4.032   -19.111 1.00 76.17  ? 41  GLU A OE1 1 
ATOM   9    O  OE2 . GLU A 1 2   ? -14.281 3.770   -20.741 1.00 82.64  ? 41  GLU A OE2 1 
ATOM   10   N  N   . LEU A 1 3   ? -9.928  0.996   -18.711 1.00 56.56  ? 42  LEU A N   1 
ATOM   11   C  CA  . LEU A 1 3   ? -8.885  0.515   -17.768 1.00 55.53  ? 42  LEU A CA  1 
ATOM   12   C  C   . LEU A 1 3   ? -9.547  0.081   -16.450 1.00 52.30  ? 42  LEU A C   1 
ATOM   13   O  O   . LEU A 1 3   ? -10.179 0.923   -15.822 1.00 54.73  ? 42  LEU A O   1 
ATOM   14   C  CB  . LEU A 1 3   ? -7.908  1.675   -17.563 1.00 54.67  ? 42  LEU A CB  1 
ATOM   15   C  CG  . LEU A 1 3   ? -6.706  1.422   -16.662 1.00 57.19  ? 42  LEU A CG  1 
ATOM   16   C  CD1 . LEU A 1 3   ? -6.274  -0.035  -16.689 1.00 60.84  ? 42  LEU A CD1 1 
ATOM   17   C  CD2 . LEU A 1 3   ? -5.550  2.333   -17.066 1.00 58.68  ? 42  LEU A CD2 1 
ATOM   18   N  N   . ARG A 1 4   ? -9.459  -1.198  -16.085 1.00 43.53  ? 43  ARG A N   1 
ATOM   19   C  CA  . ARG A 1 4   ? -10.065 -1.750  -14.852 1.00 39.54  ? 43  ARG A CA  1 
ATOM   20   C  C   . ARG A 1 4   ? -8.939  -2.121  -13.881 1.00 40.65  ? 43  ARG A C   1 
ATOM   21   O  O   . ARG A 1 4   ? -8.004  -2.837  -14.305 1.00 37.69  ? 43  ARG A O   1 
ATOM   22   C  CB  . ARG A 1 4   ? -10.928 -2.970  -15.170 1.00 35.85  ? 43  ARG A CB  1 
ATOM   23   N  N   . VAL A 1 5   ? -9.027  -1.655  -12.634 1.00 42.28  ? 44  VAL A N   1 
ATOM   24   C  CA  . VAL A 1 5   ? -8.091  -2.039  -11.531 1.00 41.19  ? 44  VAL A CA  1 
ATOM   25   C  C   . VAL A 1 5   ? -8.917  -2.752  -10.463 1.00 44.85  ? 44  VAL A C   1 
ATOM   26   O  O   . VAL A 1 5   ? -9.890  -2.124  -10.015 1.00 40.01  ? 44  VAL A O   1 
ATOM   27   C  CB  . VAL A 1 5   ? -7.377  -0.806  -10.947 1.00 42.57  ? 44  VAL A CB  1 
ATOM   28   C  CG1 . VAL A 1 5   ? -6.387  -1.194  -9.852  1.00 38.55  ? 44  VAL A CG1 1 
ATOM   29   C  CG2 . VAL A 1 5   ? -6.685  0.018   -12.025 1.00 43.16  ? 44  VAL A CG2 1 
ATOM   30   N  N   . GLY A 1 6   ? -8.543  -3.984  -10.088 1.00 42.49  ? 45  GLY A N   1 
ATOM   31   C  CA  . GLY A 1 6   ? -9.148  -4.778  -8.997  1.00 44.07  ? 45  GLY A CA  1 
ATOM   32   C  C   . GLY A 1 6   ? -8.113  -5.266  -7.985  1.00 40.36  ? 45  GLY A C   1 
ATOM   33   O  O   . GLY A 1 6   ? -6.938  -5.446  -8.342  1.00 39.77  ? 45  GLY A O   1 
ATOM   34   N  N   . LEU A 1 7   ? -8.538  -5.501  -6.741  1.00 37.65  ? 46  LEU A N   1 
ATOM   35   C  CA  . LEU A 1 7   ? -7.659  -6.063  -5.693  1.00 36.96  ? 46  LEU A CA  1 
ATOM   36   C  C   . LEU A 1 7   ? -7.704  -7.594  -5.755  1.00 38.65  ? 46  LEU A C   1 
ATOM   37   O  O   . LEU A 1 7   ? -8.809  -8.124  -5.790  1.00 40.92  ? 46  LEU A O   1 
ATOM   38   C  CB  . LEU A 1 7   ? -8.171  -5.531  -4.352  1.00 35.45  ? 46  LEU A CB  1 
ATOM   39   C  CG  . LEU A 1 7   ? -7.438  -6.036  -3.115  1.00 33.18  ? 46  LEU A CG  1 
ATOM   40   C  CD1 . LEU A 1 7   ? -5.991  -5.629  -3.148  1.00 33.25  ? 46  LEU A CD1 1 
ATOM   41   C  CD2 . LEU A 1 7   ? -8.113  -5.529  -1.859  1.00 32.31  ? 46  LEU A CD2 1 
ATOM   42   N  N   . GLU A 1 8   ? -6.546  -8.265  -5.765  1.00 36.33  ? 47  GLU A N   1 
ATOM   43   C  CA  . GLU A 1 8   ? -6.438  -9.747  -5.692  1.00 39.31  ? 47  GLU A CA  1 
ATOM   44   C  C   . GLU A 1 8   ? -6.490  -10.118 -4.208  1.00 41.34  ? 47  GLU A C   1 
ATOM   45   O  O   . GLU A 1 8   ? -6.008  -9.304  -3.383  1.00 38.18  ? 47  GLU A O   1 
ATOM   46   C  CB  . GLU A 1 8   ? -5.180  -10.223 -6.430  1.00 43.92  ? 47  GLU A CB  1 
ATOM   47   C  CG  . GLU A 1 8   ? -4.976  -11.735 -6.423  1.00 52.18  ? 47  GLU A CG  1 
ATOM   48   C  CD  . GLU A 1 8   ? -5.790  -12.549 -7.428  1.00 56.11  ? 47  GLU A CD  1 
ATOM   49   O  OE1 . GLU A 1 8   ? -6.598  -11.947 -8.165  1.00 63.02  ? 47  GLU A OE1 1 
ATOM   50   O  OE2 . GLU A 1 8   ? -5.605  -13.793 -7.478  1.00 67.63  ? 47  GLU A OE2 1 
ATOM   51   N  N   . GLU A 1 9   ? -7.127  -11.246 -3.881  1.00 38.04  ? 48  GLU A N   1 
ATOM   52   C  CA  . GLU A 1 9   ? -7.287  -11.759 -2.495  1.00 40.24  ? 48  GLU A CA  1 
ATOM   53   C  C   . GLU A 1 9   ? -7.978  -10.712 -1.611  1.00 39.38  ? 48  GLU A C   1 
ATOM   54   O  O   . GLU A 1 9   ? -7.547  -10.528 -0.460  1.00 39.48  ? 48  GLU A O   1 
ATOM   55   C  CB  . GLU A 1 9   ? -5.935  -12.079 -1.857  1.00 44.67  ? 48  GLU A CB  1 
ATOM   56   C  CG  . GLU A 1 9   ? -4.999  -12.913 -2.718  1.00 51.32  ? 48  GLU A CG  1 
ATOM   57   C  CD  . GLU A 1 9   ? -3.744  -13.380 -1.988  1.00 56.33  ? 48  GLU A CD  1 
ATOM   58   O  OE1 . GLU A 1 9   ? -3.814  -13.584 -0.760  1.00 63.74  ? 48  GLU A OE1 1 
ATOM   59   O  OE2 . GLU A 1 9   ? -2.693  -13.529 -2.638  1.00 60.37  ? 48  GLU A OE2 1 
ATOM   60   N  N   . SER A 1 10  ? -9.052  -10.085 -2.076  1.00 36.85  ? 49  SER A N   1 
ATOM   61   C  CA  . SER A 1 10  ? -9.828  -9.142  -1.223  1.00 39.17  ? 49  SER A CA  1 
ATOM   62   C  C   . SER A 1 10  ? -10.405 -9.878  -0.002  1.00 33.90  ? 49  SER A C   1 
ATOM   63   O  O   . SER A 1 10  ? -10.433 -9.270  1.080   1.00 36.59  ? 49  SER A O   1 
ATOM   64   C  CB  . SER A 1 10  ? -10.898 -8.423  -2.023  1.00 41.30  ? 49  SER A CB  1 
ATOM   65   O  OG  . SER A 1 10  ? -11.773 -9.371  -2.621  1.00 47.13  ? 49  SER A OG  1 
ATOM   66   N  N   . GLU A 1 11  ? -10.920 -11.104 -0.183  1.00 35.85  ? 50  GLU A N   1 
ATOM   67   C  CA  . GLU A 1 11  ? -11.340 -12.068 0.889   1.00 43.61  ? 50  GLU A CA  1 
ATOM   68   C  C   . GLU A 1 11  ? -10.478 -11.893 2.148   1.00 38.23  ? 50  GLU A C   1 
ATOM   69   O  O   . GLU A 1 11  ? -11.034 -11.642 3.252   1.00 41.19  ? 50  GLU A O   1 
ATOM   70   C  CB  . GLU A 1 11  ? -11.193 -13.515 0.394   1.00 45.55  ? 50  GLU A CB  1 
ATOM   71   C  CG  . GLU A 1 11  ? -10.796 -14.531 1.467   1.00 57.76  ? 50  GLU A CG  1 
ATOM   72   C  CD  . GLU A 1 11  ? -11.976 -15.013 2.293   1.00 59.48  ? 50  GLU A CD  1 
ATOM   73   O  OE1 . GLU A 1 11  ? -11.789 -15.357 3.464   1.00 51.91  ? 50  GLU A OE1 1 
ATOM   74   O  OE2 . GLU A 1 11  ? -13.089 -15.045 1.736   1.00 74.63  ? 50  GLU A OE2 1 
ATOM   75   N  N   . LEU A 1 12  ? -9.171  -12.031 1.971   1.00 36.70  ? 51  LEU A N   1 
ATOM   76   C  CA  . LEU A 1 12  ? -8.186  -12.103 3.080   1.00 40.46  ? 51  LEU A CA  1 
ATOM   77   C  C   . LEU A 1 12  ? -7.925  -10.695 3.622   1.00 35.12  ? 51  LEU A C   1 
ATOM   78   O  O   . LEU A 1 12  ? -7.853  -10.507 4.848   1.00 36.12  ? 51  LEU A O   1 
ATOM   79   C  CB  . LEU A 1 12  ? -6.881  -12.712 2.563   1.00 42.63  ? 51  LEU A CB  1 
ATOM   80   C  CG  . LEU A 1 12  ? -5.780  -12.818 3.628   1.00 45.58  ? 51  LEU A CG  1 
ATOM   81   C  CD1 . LEU A 1 12  ? -6.266  -13.630 4.820   1.00 46.62  ? 51  LEU A CD1 1 
ATOM   82   C  CD2 . LEU A 1 12  ? -4.506  -13.390 3.052   1.00 47.84  ? 51  LEU A CD2 1 
ATOM   83   N  N   . TRP A 1 13  ? -7.691  -9.729  2.741   1.00 31.41  ? 52  TRP A N   1 
ATOM   84   C  CA  . TRP A 1 13  ? -7.552  -8.329  3.203   1.00 28.37  ? 52  TRP A CA  1 
ATOM   85   C  C   . TRP A 1 13  ? -8.737  -7.969  4.103   1.00 31.64  ? 52  TRP A C   1 
ATOM   86   O  O   . TRP A 1 13  ? -8.500  -7.319  5.137   1.00 33.66  ? 52  TRP A O   1 
ATOM   87   C  CB  . TRP A 1 13  ? -7.467  -7.363  2.031   1.00 25.64  ? 52  TRP A CB  1 
ATOM   88   C  CG  . TRP A 1 13  ? -6.127  -7.269  1.396   1.00 25.03  ? 52  TRP A CG  1 
ATOM   89   C  CD1 . TRP A 1 13  ? -5.722  -7.832  0.230   1.00 23.84  ? 52  TRP A CD1 1 
ATOM   90   C  CD2 . TRP A 1 13  ? -4.997  -6.541  1.903   1.00 24.36  ? 52  TRP A CD2 1 
ATOM   91   N  NE1 . TRP A 1 13  ? -4.434  -7.500  -0.045  1.00 26.00  ? 52  TRP A NE1 1 
ATOM   92   C  CE2 . TRP A 1 13  ? -3.954  -6.717  0.971   1.00 23.98  ? 52  TRP A CE2 1 
ATOM   93   C  CE3 . TRP A 1 13  ? -4.753  -5.819  3.073   1.00 24.78  ? 52  TRP A CE3 1 
ATOM   94   C  CZ2 . TRP A 1 13  ? -2.708  -6.136  1.137   1.00 24.70  ? 52  TRP A CZ2 1 
ATOM   95   C  CZ3 . TRP A 1 13  ? -3.516  -5.237  3.231   1.00 24.97  ? 52  TRP A CZ3 1 
ATOM   96   C  CH2 . TRP A 1 13  ? -2.501  -5.418  2.283   1.00 26.03  ? 52  TRP A CH2 1 
ATOM   97   N  N   . LEU A 1 14  ? -9.966  -8.370  3.753   1.00 31.83  ? 53  LEU A N   1 
ATOM   98   C  CA  . LEU A 1 14  ? -11.172 -7.966  4.538   1.00 35.76  ? 53  LEU A CA  1 
ATOM   99   C  C   . LEU A 1 14  ? -11.152 -8.577  5.948   1.00 36.68  ? 53  LEU A C   1 
ATOM   100  O  O   . LEU A 1 14  ? -11.662 -7.922  6.888   1.00 37.16  ? 53  LEU A O   1 
ATOM   101  C  CB  . LEU A 1 14  ? -12.453 -8.335  3.778   1.00 41.52  ? 53  LEU A CB  1 
ATOM   102  C  CG  . LEU A 1 14  ? -13.025 -7.244  2.862   1.00 47.68  ? 53  LEU A CG  1 
ATOM   103  C  CD1 . LEU A 1 14  ? -11.972 -6.239  2.402   1.00 54.27  ? 53  LEU A CD1 1 
ATOM   104  C  CD2 . LEU A 1 14  ? -13.724 -7.866  1.663   1.00 52.00  ? 53  LEU A CD2 1 
ATOM   105  N  N   . ARG A 1 15  ? -10.588 -9.771  6.122   1.00 37.20  ? 54  ARG A N   1 
ATOM   106  C  CA  . ARG A 1 15  ? -10.418 -10.337 7.486   1.00 41.04  ? 54  ARG A CA  1 
ATOM   107  C  C   . ARG A 1 15  ? -9.505  -9.419  8.311   1.00 35.69  ? 54  ARG A C   1 
ATOM   108  O  O   . ARG A 1 15  ? -9.817  -9.217  9.505   1.00 39.15  ? 54  ARG A O   1 
ATOM   109  C  CB  . ARG A 1 15  ? -9.816  -11.742 7.461   1.00 49.08  ? 54  ARG A CB  1 
ATOM   110  C  CG  . ARG A 1 15  ? -10.469 -12.687 6.461   1.00 56.68  ? 54  ARG A CG  1 
ATOM   111  C  CD  . ARG A 1 15  ? -11.371 -13.712 7.099   1.00 62.14  ? 54  ARG A CD  1 
ATOM   112  N  NE  . ARG A 1 15  ? -10.632 -14.695 7.878   1.00 60.79  ? 54  ARG A NE  1 
ATOM   113  C  CZ  . ARG A 1 15  ? -10.024 -15.772 7.384   1.00 63.15  ? 54  ARG A CZ  1 
ATOM   114  N  NH1 . ARG A 1 15  ? -10.004 -16.021 6.083   1.00 63.86  ? 54  ARG A NH1 1 
ATOM   115  N  NH2 . ARG A 1 15  ? -9.411  -16.588 8.213   1.00 64.09  ? 54  ARG A NH2 1 
ATOM   116  N  N   . PHE A 1 16  ? -8.432  -8.898  7.719   1.00 27.73  ? 55  PHE A N   1 
ATOM   117  C  CA  . PHE A 1 16  ? -7.452  -8.011  8.405   1.00 29.45  ? 55  PHE A CA  1 
ATOM   118  C  C   . PHE A 1 16  ? -8.133  -6.697  8.709   1.00 33.40  ? 55  PHE A C   1 
ATOM   119  O  O   . PHE A 1 16  ? -8.030  -6.184  9.841   1.00 31.44  ? 55  PHE A O   1 
ATOM   120  C  CB  . PHE A 1 16  ? -6.178  -7.748  7.605   1.00 30.26  ? 55  PHE A CB  1 
ATOM   121  C  CG  . PHE A 1 16  ? -5.200  -8.895  7.660   1.00 29.44  ? 55  PHE A CG  1 
ATOM   122  C  CD1 . PHE A 1 16  ? -4.294  -8.989  8.705   1.00 29.98  ? 55  PHE A CD1 1 
ATOM   123  C  CD2 . PHE A 1 16  ? -5.237  -9.908  6.719   1.00 27.76  ? 55  PHE A CD2 1 
ATOM   124  C  CE1 . PHE A 1 16  ? -3.433  -10.080 8.783   1.00 30.11  ? 55  PHE A CE1 1 
ATOM   125  C  CE2 . PHE A 1 16  ? -4.340  -10.954 6.760   1.00 30.78  ? 55  PHE A CE2 1 
ATOM   126  C  CZ  . PHE A 1 16  ? -3.461  -11.048 7.805   1.00 29.45  ? 55  PHE A CZ  1 
ATOM   127  N  N   . LYS A 1 17  ? -8.798  -6.141  7.683   1.00 29.58  ? 56  LYS A N   1 
ATOM   128  C  CA  . LYS A 1 17  ? -9.536  -4.876  7.871   1.00 31.71  ? 56  LYS A CA  1 
ATOM   129  C  C   . LYS A 1 17  ? -10.581 -5.011  8.972   1.00 31.78  ? 56  LYS A C   1 
ATOM   130  O  O   . LYS A 1 17  ? -10.679 -4.027  9.737   1.00 33.03  ? 56  LYS A O   1 
ATOM   131  C  CB  . LYS A 1 17  ? -10.178 -4.342  6.583   1.00 34.18  ? 56  LYS A CB  1 
ATOM   132  C  CG  . LYS A 1 17  ? -10.694 -2.924  6.787   1.00 36.39  ? 56  LYS A CG  1 
ATOM   133  C  CD  . LYS A 1 17  ? -11.143 -2.222  5.565   1.00 41.20  ? 56  LYS A CD  1 
ATOM   134  C  CE  . LYS A 1 17  ? -11.690 -0.860  5.914   1.00 37.32  ? 56  LYS A CE  1 
ATOM   135  N  NZ  . LYS A 1 17  ? -11.890 -0.107  4.663   1.00 40.16  ? 56  LYS A NZ  1 
ATOM   136  N  N   . GLU A 1 18  ? -11.373 -6.092  9.055   1.00 35.30  ? 57  GLU A N   1 
ATOM   137  C  CA  . GLU A 1 18  ? -12.461 -6.103  10.084  1.00 38.66  ? 57  GLU A CA  1 
ATOM   138  C  C   . GLU A 1 18  ? -11.836 -6.031  11.490  1.00 36.62  ? 57  GLU A C   1 
ATOM   139  O  O   . GLU A 1 18  ? -12.549 -5.554  12.382  1.00 37.81  ? 57  GLU A O   1 
ATOM   140  C  CB  . GLU A 1 18  ? -13.506 -7.210  9.907   1.00 47.44  ? 57  GLU A CB  1 
ATOM   141  C  CG  . GLU A 1 18  ? -13.008 -8.629  9.871   1.00 57.51  ? 57  GLU A CG  1 
ATOM   142  C  CD  . GLU A 1 18  ? -14.011 -9.598  9.247   1.00 69.13  ? 57  GLU A CD  1 
ATOM   143  O  OE1 . GLU A 1 18  ? -15.085 -9.126  8.784   1.00 73.45  ? 57  GLU A OE1 1 
ATOM   144  O  OE2 . GLU A 1 18  ? -13.719 -10.823 9.202   1.00 57.09  ? 57  GLU A OE2 1 
ATOM   145  N  N   . LEU A 1 19  ? -10.543 -6.345  11.674  1.00 36.72  ? 58  LEU A N   1 
ATOM   146  C  CA  . LEU A 1 19  ? -9.849  -6.288  13.007  1.00 40.38  ? 58  LEU A CA  1 
ATOM   147  C  C   . LEU A 1 19  ? -9.107  -4.973  13.203  1.00 35.35  ? 58  LEU A C   1 
ATOM   148  O  O   . LEU A 1 19  ? -8.473  -4.805  14.271  1.00 34.53  ? 58  LEU A O   1 
ATOM   149  C  CB  . LEU A 1 19  ? -8.821  -7.418  13.134  1.00 38.29  ? 58  LEU A CB  1 
ATOM   150  C  CG  . LEU A 1 19  ? -9.328  -8.833  12.880  1.00 40.73  ? 58  LEU A CG  1 
ATOM   151  C  CD1 . LEU A 1 19  ? -8.142  -9.800  12.861  1.00 43.08  ? 58  LEU A CD1 1 
ATOM   152  C  CD2 . LEU A 1 19  ? -10.357 -9.262  13.915  1.00 40.43  ? 58  LEU A CD2 1 
ATOM   153  N  N   . THR A 1 20  ? -9.067  -4.117  12.176  1.00 31.02  ? 59  THR A N   1 
ATOM   154  C  CA  . THR A 1 20  ? -8.107  -2.985  12.041  1.00 27.94  ? 59  THR A CA  1 
ATOM   155  C  C   . THR A 1 20  ? -6.693  -3.486  11.722  1.00 30.94  ? 59  THR A C   1 
ATOM   156  O  O   . THR A 1 20  ? -5.966  -4.006  12.637  1.00 30.12  ? 59  THR A O   1 
ATOM   157  C  CB  . THR A 1 20  ? -8.045  -2.067  13.258  1.00 31.79  ? 59  THR A CB  1 
ATOM   158  O  OG1 . THR A 1 20  ? -9.358  -1.677  13.627  1.00 34.98  ? 59  THR A OG1 1 
ATOM   159  C  CG2 . THR A 1 20  ? -7.207  -0.841  13.020  1.00 32.28  ? 59  THR A CG2 1 
ATOM   160  N  N   . ASN A 1 21  ? -6.264  -3.335  10.471  1.00 30.52  ? 60  ASN A N   1 
ATOM   161  C  CA  . ASN A 1 21  ? -4.990  -3.935  10.011  1.00 28.16  ? 60  ASN A CA  1 
ATOM   162  C  C   . ASN A 1 21  ? -3.829  -3.106  10.588  1.00 31.29  ? 60  ASN A C   1 
ATOM   163  O  O   . ASN A 1 21  ? -3.962  -1.898  10.801  1.00 29.51  ? 60  ASN A O   1 
ATOM   164  C  CB  . ASN A 1 21  ? -4.988  -4.067  8.483   1.00 27.67  ? 60  ASN A CB  1 
ATOM   165  C  CG  . ASN A 1 21  ? -3.963  -5.039  7.953   1.00 32.73  ? 60  ASN A CG  1 
ATOM   166  O  OD1 . ASN A 1 21  ? -3.191  -5.630  8.738   1.00 33.21  ? 60  ASN A OD1 1 
ATOM   167  N  ND2 . ASN A 1 21  ? -3.983  -5.242  6.633   1.00 28.37  ? 60  ASN A ND2 1 
ATOM   168  N  N   . GLU A 1 22  ? -2.686  -3.732  10.798  1.00 27.17  ? 61  GLU A N   1 
ATOM   169  C  CA  . GLU A 1 22  ? -1.465  -3.063  11.280  1.00 28.53  ? 61  GLU A CA  1 
ATOM   170  C  C   . GLU A 1 22  ? -0.336  -3.527  10.377  1.00 28.30  ? 61  GLU A C   1 
ATOM   171  O  O   . GLU A 1 22  ? -0.383  -4.744  10.024  1.00 34.08  ? 61  GLU A O   1 
ATOM   172  C  CB  . GLU A 1 22  ? -1.178  -3.514  12.718  1.00 30.94  ? 61  GLU A CB  1 
ATOM   173  C  CG  . GLU A 1 22  ? -2.321  -3.358  13.686  1.00 30.83  ? 61  GLU A CG  1 
ATOM   174  C  CD  . GLU A 1 22  ? -1.955  -3.689  15.136  1.00 30.82  ? 61  GLU A CD  1 
ATOM   175  O  OE1 . GLU A 1 22  ? -2.870  -3.985  15.887  1.00 30.31  ? 61  GLU A OE1 1 
ATOM   176  O  OE2 . GLU A 1 22  ? -0.776  -3.538  15.498  1.00 36.20  ? 61  GLU A OE2 1 
ATOM   177  N  N   . MET A 1 23  ? 0.608   -2.658  10.049  1.00 27.14  ? 62  MET A N   1 
ATOM   178  C  CA  . MET A 1 23  ? 1.818   -2.982  9.273   1.00 31.15  ? 62  MET A CA  1 
ATOM   179  C  C   . MET A 1 23  ? 3.029   -2.519  10.062  1.00 31.98  ? 62  MET A C   1 
ATOM   180  O  O   . MET A 1 23  ? 3.066   -1.373  10.515  1.00 30.93  ? 62  MET A O   1 
ATOM   181  C  CB  . MET A 1 23  ? 1.863   -2.337  7.873   1.00 30.80  ? 62  MET A CB  1 
ATOM   182  C  CG  . MET A 1 23  ? 0.862   -2.914  6.941   1.00 33.29  ? 62  MET A CG  1 
ATOM   183  S  SD  . MET A 1 23  ? 1.218   -4.601  6.322   1.00 31.25  ? 62  MET A SD  1 
ATOM   184  C  CE  . MET A 1 23  ? -0.328  -4.839  5.462   1.00 29.82  ? 62  MET A CE  1 
ATOM   185  N  N   . ILE A 1 24  ? 3.998   -3.422  10.240  1.00 30.72  ? 63  ILE A N   1 
ATOM   186  C  CA  . ILE A 1 24  ? 5.236   -3.067  10.972  1.00 32.56  ? 63  ILE A CA  1 
ATOM   187  C  C   . ILE A 1 24  ? 6.099   -2.173  10.106  1.00 32.47  ? 63  ILE A C   1 
ATOM   188  O  O   . ILE A 1 24  ? 6.304   -2.488  8.906   1.00 34.28  ? 63  ILE A O   1 
ATOM   189  C  CB  . ILE A 1 24  ? 6.046   -4.308  11.381  1.00 38.80  ? 63  ILE A CB  1 
ATOM   190  C  CG1 . ILE A 1 24  ? 5.182   -5.343  12.090  1.00 44.61  ? 63  ILE A CG1 1 
ATOM   191  C  CG2 . ILE A 1 24  ? 7.250   -3.837  12.198  1.00 42.70  ? 63  ILE A CG2 1 
ATOM   192  C  CD1 . ILE A 1 24  ? 5.128   -5.184  13.573  1.00 44.15  ? 63  ILE A CD1 1 
ATOM   193  N  N   . VAL A 1 25  ? 6.654   -1.149  10.727  1.00 33.03  ? 64  VAL A N   1 
ATOM   194  C  CA  . VAL A 1 25  ? 7.726   -0.307  10.154  1.00 35.95  ? 64  VAL A CA  1 
ATOM   195  C  C   . VAL A 1 25  ? 8.975   -0.497  11.019  1.00 41.09  ? 64  VAL A C   1 
ATOM   196  O  O   . VAL A 1 25  ? 8.816   -0.743  12.198  1.00 39.92  ? 64  VAL A O   1 
ATOM   197  C  CB  . VAL A 1 25  ? 7.248   1.141   10.088  1.00 36.20  ? 64  VAL A CB  1 
ATOM   198  C  CG1 . VAL A 1 25  ? 6.012   1.202   9.216   1.00 38.27  ? 64  VAL A CG1 1 
ATOM   199  C  CG2 . VAL A 1 25  ? 6.927   1.707   11.459  1.00 38.57  ? 64  VAL A CG2 1 
ATOM   200  N  N   . THR A 1 26  ? 10.152  -0.495  10.414  1.00 44.72  ? 65  THR A N   1 
ATOM   201  C  CA  . THR A 1 26  ? 11.452  -0.690  11.118  1.00 48.78  ? 65  THR A CA  1 
ATOM   202  C  C   . THR A 1 26  ? 12.401  0.340   10.535  1.00 53.72  ? 65  THR A C   1 
ATOM   203  O  O   . THR A 1 26  ? 12.011  0.955   9.521   1.00 48.20  ? 65  THR A O   1 
ATOM   204  C  CB  . THR A 1 26  ? 12.024  -2.101  10.937  1.00 43.04  ? 65  THR A CB  1 
ATOM   205  O  OG1 . THR A 1 26  ? 12.350  -2.261  9.558   1.00 48.09  ? 65  THR A OG1 1 
ATOM   206  C  CG2 . THR A 1 26  ? 11.094  -3.194  11.412  1.00 44.55  ? 65  THR A CG2 1 
ATOM   207  N  N   . LYS A 1 27  ? 13.588  0.516   11.112  1.00 52.71  ? 66  LYS A N   1 
ATOM   208  C  CA  . LYS A 1 27  ? 14.529  1.564   10.633  1.00 57.47  ? 66  LYS A CA  1 
ATOM   209  C  C   . LYS A 1 27  ? 15.039  1.165   9.247   1.00 54.20  ? 66  LYS A C   1 
ATOM   210  O  O   . LYS A 1 27  ? 15.235  2.076   8.416   1.00 51.78  ? 66  LYS A O   1 
ATOM   211  C  CB  . LYS A 1 27  ? 15.686  1.790   11.613  1.00 66.70  ? 66  LYS A CB  1 
ATOM   212  C  CG  . LYS A 1 27  ? 16.755  2.755   11.115  1.00 69.98  ? 66  LYS A CG  1 
ATOM   213  C  CD  . LYS A 1 27  ? 17.632  3.327   12.214  1.00 84.28  ? 66  LYS A CD  1 
ATOM   214  C  CE  . LYS A 1 27  ? 18.788  4.141   11.668  1.00 89.72  ? 66  LYS A CE  1 
ATOM   215  N  NZ  . LYS A 1 27  ? 19.741  3.293   10.912  1.00 92.07  ? 66  LYS A NZ  1 
ATOM   216  N  N   . ASN A 1 28  ? 15.210  -0.143  9.008   1.00 54.85  ? 67  ASN A N   1 
ATOM   217  C  CA  . ASN A 1 28  ? 15.781  -0.705  7.753   1.00 59.92  ? 67  ASN A CA  1 
ATOM   218  C  C   . ASN A 1 28  ? 14.652  -0.965  6.744   1.00 57.02  ? 67  ASN A C   1 
ATOM   219  O  O   . ASN A 1 28  ? 14.918  -0.953  5.511   1.00 45.99  ? 67  ASN A O   1 
ATOM   220  C  CB  . ASN A 1 28  ? 16.633  -1.946  8.038   1.00 67.13  ? 67  ASN A CB  1 
ATOM   221  C  CG  . ASN A 1 28  ? 18.111  -1.632  8.175   1.00 72.83  ? 67  ASN A CG  1 
ATOM   222  O  OD1 . ASN A 1 28  ? 18.494  -0.549  8.623   1.00 65.73  ? 67  ASN A OD1 1 
ATOM   223  N  ND2 . ASN A 1 28  ? 18.950  -2.578  7.776   1.00 77.06  ? 67  ASN A ND2 1 
ATOM   224  N  N   . GLY A 1 29  ? 13.424  -1.153  7.229   1.00 52.30  ? 68  GLY A N   1 
ATOM   225  C  CA  . GLY A 1 29  ? 12.259  -1.306  6.342   1.00 42.08  ? 68  GLY A CA  1 
ATOM   226  C  C   . GLY A 1 29  ? 11.771  -2.724  6.365   1.00 42.13  ? 68  GLY A C   1 
ATOM   227  O  O   . GLY A 1 29  ? 12.611  -3.658  6.276   1.00 47.65  ? 68  GLY A O   1 
ATOM   228  N  N   . ARG A 1 30  ? 10.467  -2.889  6.518   1.00 34.98  ? 69  ARG A N   1 
ATOM   229  C  CA  . ARG A 1 30  ? 9.795   -4.204  6.628   1.00 32.67  ? 69  ARG A CA  1 
ATOM   230  C  C   . ARG A 1 30  ? 8.854   -4.382  5.450   1.00 36.90  ? 69  ARG A C   1 
ATOM   231  O  O   . ARG A 1 30  ? 8.118   -3.424  5.124   1.00 33.64  ? 69  ARG A O   1 
ATOM   232  C  CB  . ARG A 1 30  ? 9.068   -4.328  7.967   1.00 33.88  ? 69  ARG A CB  1 
ATOM   233  C  CG  . ARG A 1 30  ? 8.386   -5.666  8.197   1.00 39.19  ? 69  ARG A CG  1 
ATOM   234  C  CD  . ARG A 1 30  ? 9.407   -6.781  8.455   1.00 39.65  ? 69  ARG A CD  1 
ATOM   235  N  NE  . ARG A 1 30  ? 10.158  -6.517  9.674   1.00 47.34  ? 69  ARG A NE  1 
ATOM   236  C  CZ  . ARG A 1 30  ? 9.772   -6.864  10.905  1.00 49.63  ? 69  ARG A CZ  1 
ATOM   237  N  NH1 . ARG A 1 30  ? 10.544  -6.574  11.937  1.00 56.07  ? 69  ARG A NH1 1 
ATOM   238  N  NH2 . ARG A 1 30  ? 8.626   -7.502  11.104  1.00 49.17  ? 69  ARG A NH2 1 
ATOM   239  N  N   . ARG A 1 31  ? 8.883   -5.560  4.831   1.00 36.33  ? 70  ARG A N   1 
ATOM   240  C  CA  . ARG A 1 31  ? 7.938   -5.902  3.750   1.00 38.23  ? 70  ARG A CA  1 
ATOM   241  C  C   . ARG A 1 31  ? 6.551   -6.080  4.364   1.00 34.47  ? 70  ARG A C   1 
ATOM   242  O  O   . ARG A 1 31  ? 6.438   -6.328  5.568   1.00 35.58  ? 70  ARG A O   1 
ATOM   243  C  CB  . ARG A 1 31  ? 8.421   -7.107  2.939   1.00 42.35  ? 70  ARG A CB  1 
ATOM   244  C  CG  . ARG A 1 31  ? 9.338   -6.692  1.799   1.00 50.07  ? 70  ARG A CG  1 
ATOM   245  C  CD  . ARG A 1 31  ? 10.641  -7.454  1.725   1.00 62.90  ? 70  ARG A CD  1 
ATOM   246  N  NE  . ARG A 1 31  ? 10.594  -8.664  0.913   1.00 68.48  ? 70  ARG A NE  1 
ATOM   247  C  CZ  . ARG A 1 31  ? 11.509  -9.642  0.959   1.00 80.86  ? 70  ARG A CZ  1 
ATOM   248  N  NH1 . ARG A 1 31  ? 12.539  -9.569  1.797   1.00 81.73  ? 70  ARG A NH1 1 
ATOM   249  N  NH2 . ARG A 1 31  ? 11.382  -10.698 0.168   1.00 77.07  ? 70  ARG A NH2 1 
ATOM   250  N  N   . MET A 1 32  ? 5.534   -5.897  3.532   1.00 33.96  ? 71  MET A N   1 
ATOM   251  C  CA  . MET A 1 32  ? 4.103   -5.957  3.874   1.00 29.98  ? 71  MET A CA  1 
ATOM   252  C  C   . MET A 1 32  ? 3.614   -7.399  3.813   1.00 29.16  ? 71  MET A C   1 
ATOM   253  O  O   . MET A 1 32  ? 4.039   -8.156  2.887   1.00 30.22  ? 71  MET A O   1 
ATOM   254  C  CB  . MET A 1 32  ? 3.279   -5.125  2.864   1.00 30.76  ? 71  MET A CB  1 
ATOM   255  C  CG  . MET A 1 32  ? 3.565   -3.641  2.944   1.00 31.40  ? 71  MET A CG  1 
ATOM   256  S  SD  . MET A 1 32  ? 2.625   -2.712  1.690   1.00 29.53  ? 71  MET A SD  1 
ATOM   257  C  CE  . MET A 1 32  ? 0.948   -3.049  2.183   1.00 30.92  ? 71  MET A CE  1 
ATOM   258  N  N   . PHE A 1 33  ? 2.702   -7.735  4.720   1.00 30.28  ? 72  PHE A N   1 
ATOM   259  C  CA  . PHE A 1 33  ? 1.805   -8.911  4.642   1.00 31.25  ? 72  PHE A CA  1 
ATOM   260  C  C   . PHE A 1 33  ? 0.438   -8.500  5.150   1.00 33.46  ? 72  PHE A C   1 
ATOM   261  O  O   . PHE A 1 33  ? 0.317   -8.019  6.283   1.00 36.69  ? 72  PHE A O   1 
ATOM   262  C  CB  . PHE A 1 33  ? 2.261   -10.113 5.498   1.00 31.55  ? 72  PHE A CB  1 
ATOM   263  C  CG  . PHE A 1 33  ? 1.406   -11.336 5.223   1.00 33.04  ? 72  PHE A CG  1 
ATOM   264  C  CD1 . PHE A 1 33  ? 1.614   -12.078 4.069   1.00 33.36  ? 72  PHE A CD1 1 
ATOM   265  C  CD2 . PHE A 1 33  ? 0.327   -11.668 6.031   1.00 35.62  ? 72  PHE A CD2 1 
ATOM   266  C  CE1 . PHE A 1 33  ? 0.779   -13.143 3.745   1.00 32.81  ? 72  PHE A CE1 1 
ATOM   267  C  CE2 . PHE A 1 33  ? -0.506  -12.741 5.718   1.00 37.54  ? 72  PHE A CE2 1 
ATOM   268  C  CZ  . PHE A 1 33  ? -0.266  -13.485 4.579   1.00 34.99  ? 72  PHE A CZ  1 
ATOM   269  N  N   . PRO A 1 34  ? -0.642  -8.754  4.390   1.00 32.72  ? 73  PRO A N   1 
ATOM   270  C  CA  . PRO A 1 34  ? -0.536  -9.271  3.031   1.00 33.63  ? 73  PRO A CA  1 
ATOM   271  C  C   . PRO A 1 34  ? 0.193   -8.301  2.087   1.00 28.61  ? 73  PRO A C   1 
ATOM   272  O  O   . PRO A 1 34  ? 0.421   -7.166  2.410   1.00 30.45  ? 73  PRO A O   1 
ATOM   273  C  CB  . PRO A 1 34  ? -1.982  -9.520  2.595   1.00 35.79  ? 73  PRO A CB  1 
ATOM   274  C  CG  . PRO A 1 34  ? -2.794  -9.456  3.870   1.00 35.72  ? 73  PRO A CG  1 
ATOM   275  C  CD  . PRO A 1 34  ? -2.025  -8.583  4.825   1.00 33.75  ? 73  PRO A CD  1 
ATOM   276  N  N   . VAL A 1 35  ? 0.627   -8.843  0.961   1.00 31.46  ? 74  VAL A N   1 
ATOM   277  C  CA  . VAL A 1 35  ? 1.203   -8.065  -0.161  1.00 30.30  ? 74  VAL A CA  1 
ATOM   278  C  C   . VAL A 1 35  ? 0.036   -7.509  -0.988  1.00 27.29  ? 74  VAL A C   1 
ATOM   279  O  O   . VAL A 1 35  ? -0.918  -8.259  -1.294  1.00 28.37  ? 74  VAL A O   1 
ATOM   280  C  CB  . VAL A 1 35  ? 2.079   -8.979  -1.029  1.00 34.97  ? 74  VAL A CB  1 
ATOM   281  C  CG1 . VAL A 1 35  ? 2.442   -8.319  -2.345  1.00 36.56  ? 74  VAL A CG1 1 
ATOM   282  C  CG2 . VAL A 1 35  ? 3.312   -9.471  -0.278  1.00 37.86  ? 74  VAL A CG2 1 
ATOM   283  N  N   . LEU A 1 36  ? 0.164   -6.277  -1.405  1.00 28.93  ? 75  LEU A N   1 
ATOM   284  C  CA  . LEU A 1 36  ? -0.811  -5.702  -2.365  1.00 29.09  ? 75  LEU A CA  1 
ATOM   285  C  C   . LEU A 1 36  ? -0.574  -6.339  -3.735  1.00 28.58  ? 75  LEU A C   1 
ATOM   286  O  O   . LEU A 1 36  ? 0.539   -6.173  -4.337  1.00 28.30  ? 75  LEU A O   1 
ATOM   287  C  CB  . LEU A 1 36  ? -0.658  -4.196  -2.401  1.00 30.61  ? 75  LEU A CB  1 
ATOM   288  C  CG  . LEU A 1 36  ? -1.571  -3.447  -3.378  1.00 33.08  ? 75  LEU A CG  1 
ATOM   289  C  CD1 . LEU A 1 36  ? -2.985  -3.409  -2.880  1.00 34.80  ? 75  LEU A CD1 1 
ATOM   290  C  CD2 . LEU A 1 36  ? -1.074  -2.025  -3.553  1.00 36.69  ? 75  LEU A CD2 1 
ATOM   291  N  N   . LYS A 1 37  ? -1.600  -7.013  -4.237  1.00 31.27  ? 76  LYS A N   1 
ATOM   292  C  CA  . LYS A 1 37  ? -1.583  -7.648  -5.586  1.00 31.68  ? 76  LYS A CA  1 
ATOM   293  C  C   . LYS A 1 37  ? -2.791  -7.102  -6.345  1.00 31.26  ? 76  LYS A C   1 
ATOM   294  O  O   . LYS A 1 37  ? -3.912  -7.066  -5.737  1.00 33.79  ? 76  LYS A O   1 
ATOM   295  C  CB  . LYS A 1 37  ? -1.645  -9.171  -5.462  1.00 37.23  ? 76  LYS A CB  1 
ATOM   296  C  CG  . LYS A 1 37  ? -0.454  -9.763  -4.725  1.00 40.91  ? 76  LYS A CG  1 
ATOM   297  C  CD  . LYS A 1 37  ? -0.596  -11.207 -4.424  1.00 47.47  ? 76  LYS A CD  1 
ATOM   298  C  CE  . LYS A 1 37  ? 0.413   -11.647 -3.388  1.00 54.18  ? 76  LYS A CE  1 
ATOM   299  N  NZ  . LYS A 1 37  ? 0.624   -13.110 -3.450  1.00 65.61  ? 76  LYS A NZ  1 
ATOM   300  N  N   . VAL A 1 38  ? -2.572  -6.610  -7.564  1.00 35.10  ? 77  VAL A N   1 
ATOM   301  C  CA  . VAL A 1 38  ? -3.622  -5.859  -8.305  1.00 37.31  ? 77  VAL A CA  1 
ATOM   302  C  C   . VAL A 1 38  ? -3.855  -6.541  -9.652  1.00 38.90  ? 77  VAL A C   1 
ATOM   303  O  O   . VAL A 1 38  ? -2.883  -6.840  -10.333 1.00 33.55  ? 77  VAL A O   1 
ATOM   304  C  CB  . VAL A 1 38  ? -3.243  -4.378  -8.476  1.00 42.52  ? 77  VAL A CB  1 
ATOM   305  C  CG1 . VAL A 1 38  ? -2.980  -3.719  -7.130  1.00 47.42  ? 77  VAL A CG1 1 
ATOM   306  C  CG2 . VAL A 1 38  ? -2.040  -4.205  -9.363  1.00 49.06  ? 77  VAL A CG2 1 
ATOM   307  N  N   . ASN A 1 39  ? -5.119  -6.739  -10.012 1.00 36.08  ? 78  ASN A N   1 
ATOM   308  C  CA  . ASN A 1 39  ? -5.530  -7.234  -11.336 1.00 38.14  ? 78  ASN A CA  1 
ATOM   309  C  C   . ASN A 1 39  ? -5.782  -6.011  -12.206 1.00 37.23  ? 78  ASN A C   1 
ATOM   310  O  O   . ASN A 1 39  ? -6.442  -5.047  -11.745 1.00 34.42  ? 78  ASN A O   1 
ATOM   311  C  CB  . ASN A 1 39  ? -6.731  -8.170  -11.215 1.00 44.47  ? 78  ASN A CB  1 
ATOM   312  C  CG  . ASN A 1 39  ? -6.443  -9.327  -10.295 1.00 50.04  ? 78  ASN A CG  1 
ATOM   313  O  OD1 . ASN A 1 39  ? -5.543  -10.130 -10.552 1.00 54.91  ? 78  ASN A OD1 1 
ATOM   314  N  ND2 . ASN A 1 39  ? -7.191  -9.404  -9.210  1.00 54.78  ? 78  ASN A ND2 1 
ATOM   315  N  N   . VAL A 1 40  ? -5.175  -5.988  -13.381 1.00 36.08  ? 79  VAL A N   1 
ATOM   316  C  CA  . VAL A 1 40  ? -5.349  -4.847  -14.312 1.00 37.93  ? 79  VAL A CA  1 
ATOM   317  C  C   . VAL A 1 40  ? -5.747  -5.416  -15.664 1.00 41.53  ? 79  VAL A C   1 
ATOM   318  O  O   . VAL A 1 40  ? -5.073  -6.343  -16.112 1.00 44.22  ? 79  VAL A O   1 
ATOM   319  C  CB  . VAL A 1 40  ? -4.067  -4.013  -14.401 1.00 39.23  ? 79  VAL A CB  1 
ATOM   320  C  CG1 . VAL A 1 40  ? -4.154  -2.962  -15.481 1.00 41.72  ? 79  VAL A CG1 1 
ATOM   321  C  CG2 . VAL A 1 40  ? -3.749  -3.380  -13.045 1.00 38.10  ? 79  VAL A CG2 1 
ATOM   322  N  N   . SER A 1 41  ? -6.826  -4.893  -16.235 1.00 42.77  ? 80  SER A N   1 
ATOM   323  C  CA  . SER A 1 41  ? -7.243  -5.180  -17.628 1.00 42.85  ? 80  SER A CA  1 
ATOM   324  C  C   . SER A 1 41  ? -7.481  -3.860  -18.342 1.00 39.12  ? 80  SER A C   1 
ATOM   325  O  O   . SER A 1 41  ? -7.570  -2.802  -17.684 1.00 43.11  ? 80  SER A O   1 
ATOM   326  C  CB  . SER A 1 41  ? -8.456  -6.071  -17.656 1.00 47.03  ? 80  SER A CB  1 
ATOM   327  O  OG  . SER A 1 41  ? -9.546  -5.492  -16.956 1.00 45.47  ? 80  SER A OG  1 
ATOM   328  N  N   . GLY A 1 42  ? -7.552  -3.901  -19.667 1.00 43.28  ? 81  GLY A N   1 
ATOM   329  C  CA  . GLY A 1 42  ? -7.934  -2.735  -20.468 1.00 38.67  ? 81  GLY A CA  1 
ATOM   330  C  C   . GLY A 1 42  ? -6.760  -1.834  -20.779 1.00 40.90  ? 81  GLY A C   1 
ATOM   331  O  O   . GLY A 1 42  ? -6.994  -0.767  -21.331 1.00 43.35  ? 81  GLY A O   1 
ATOM   332  N  N   . LEU A 1 43  ? -5.523  -2.218  -20.433 1.00 39.79  ? 82  LEU A N   1 
ATOM   333  C  CA  . LEU A 1 43  ? -4.334  -1.500  -20.946 1.00 38.10  ? 82  LEU A CA  1 
ATOM   334  C  C   . LEU A 1 43  ? -4.164  -1.840  -22.437 1.00 40.03  ? 82  LEU A C   1 
ATOM   335  O  O   . LEU A 1 43  ? -4.632  -2.917  -22.855 1.00 37.22  ? 82  LEU A O   1 
ATOM   336  C  CB  . LEU A 1 43  ? -3.089  -1.932  -20.170 1.00 41.27  ? 82  LEU A CB  1 
ATOM   337  C  CG  . LEU A 1 43  ? -3.026  -1.453  -18.719 1.00 41.01  ? 82  LEU A CG  1 
ATOM   338  C  CD1 . LEU A 1 43  ? -1.687  -1.805  -18.095 1.00 42.07  ? 82  LEU A CD1 1 
ATOM   339  C  CD2 . LEU A 1 43  ? -3.250  0.043   -18.633 1.00 42.71  ? 82  LEU A CD2 1 
ATOM   340  N  N   . ASP A 1 44  ? -3.463  -0.979  -23.172 1.00 41.84  ? 83  ASP A N   1 
ATOM   341  C  CA  . ASP A 1 44  ? -2.942  -1.270  -24.542 1.00 42.88  ? 83  ASP A CA  1 
ATOM   342  C  C   . ASP A 1 44  ? -1.755  -2.226  -24.395 1.00 44.70  ? 83  ASP A C   1 
ATOM   343  O  O   . ASP A 1 44  ? -0.742  -1.852  -23.809 1.00 47.08  ? 83  ASP A O   1 
ATOM   344  C  CB  . ASP A 1 44  ? -2.600  0.035   -25.258 1.00 45.95  ? 83  ASP A CB  1 
ATOM   345  C  CG  . ASP A 1 44  ? -2.158  -0.115  -26.710 1.00 46.82  ? 83  ASP A CG  1 
ATOM   346  O  OD1 . ASP A 1 44  ? -1.539  -1.140  -27.044 1.00 50.21  ? 83  ASP A OD1 1 
ATOM   347  O  OD2 . ASP A 1 44  ? -2.411  0.818   -27.468 1.00 50.00  ? 83  ASP A OD2 1 
ATOM   348  N  N   . PRO A 1 45  ? -1.862  -3.494  -24.861 1.00 41.14  ? 84  PRO A N   1 
ATOM   349  C  CA  . PRO A 1 45  ? -0.812  -4.490  -24.678 1.00 42.42  ? 84  PRO A CA  1 
ATOM   350  C  C   . PRO A 1 45  ? 0.524   -3.954  -25.198 1.00 43.75  ? 84  PRO A C   1 
ATOM   351  O  O   . PRO A 1 45  ? 1.535   -4.316  -24.648 1.00 42.81  ? 84  PRO A O   1 
ATOM   352  C  CB  . PRO A 1 45  ? -1.286  -5.726  -25.466 1.00 44.05  ? 84  PRO A CB  1 
ATOM   353  C  CG  . PRO A 1 45  ? -2.780  -5.540  -25.628 1.00 43.59  ? 84  PRO A CG  1 
ATOM   354  C  CD  . PRO A 1 45  ? -3.030  -4.046  -25.575 1.00 46.13  ? 84  PRO A CD  1 
ATOM   355  N  N   . ASN A 1 46  ? 0.475   -3.034  -26.167 1.00 48.15  ? 85  ASN A N   1 
ATOM   356  C  CA  . ASN A 1 46  ? 1.654   -2.532  -26.920 1.00 44.85  ? 85  ASN A CA  1 
ATOM   357  C  C   . ASN A 1 46  ? 2.153   -1.205  -26.357 1.00 41.34  ? 85  ASN A C   1 
ATOM   358  O  O   . ASN A 1 46  ? 3.244   -0.785  -26.782 1.00 40.22  ? 85  ASN A O   1 
ATOM   359  C  CB  . ASN A 1 46  ? 1.340   -2.417  -28.412 1.00 48.49  ? 85  ASN A CB  1 
ATOM   360  C  CG  . ASN A 1 46  ? 1.045   -3.784  -28.979 1.00 50.55  ? 85  ASN A CG  1 
ATOM   361  O  OD1 . ASN A 1 46  ? 1.864   -4.686  -28.832 1.00 48.24  ? 85  ASN A OD1 1 
ATOM   362  N  ND2 . ASN A 1 46  ? -0.120  -3.953  -29.583 1.00 53.56  ? 85  ASN A ND2 1 
ATOM   363  N  N   . ALA A 1 47  ? 1.400   -0.566  -25.456 1.00 40.39  ? 86  ALA A N   1 
ATOM   364  C  CA  . ALA A 1 47  ? 1.792   0.714   -24.834 1.00 35.78  ? 86  ALA A CA  1 
ATOM   365  C  C   . ALA A 1 47  ? 2.708   0.435   -23.642 1.00 34.25  ? 86  ALA A C   1 
ATOM   366  O  O   . ALA A 1 47  ? 2.780   -0.706  -23.168 1.00 37.38  ? 86  ALA A O   1 
ATOM   367  C  CB  . ALA A 1 47  ? 0.584   1.527   -24.440 1.00 38.09  ? 86  ALA A CB  1 
ATOM   368  N  N   . MET A 1 48  ? 3.415   1.459   -23.192 1.00 38.69  ? 87  MET A N   1 
ATOM   369  C  CA  . MET A 1 48  ? 4.430   1.326   -22.119 1.00 38.02  ? 87  MET A CA  1 
ATOM   370  C  C   . MET A 1 48  ? 3.880   1.966   -20.837 1.00 33.38  ? 87  MET A C   1 
ATOM   371  O  O   . MET A 1 48  ? 3.311   3.020   -20.945 1.00 36.17  ? 87  MET A O   1 
ATOM   372  C  CB  . MET A 1 48  ? 5.703   2.036   -22.567 1.00 44.06  ? 87  MET A CB  1 
ATOM   373  C  CG  . MET A 1 48  ? 6.240   1.522   -23.914 1.00 55.00  ? 87  MET A CG  1 
ATOM   374  S  SD  . MET A 1 48  ? 7.673   0.439   -23.753 1.00 58.93  ? 87  MET A SD  1 
ATOM   375  C  CE  . MET A 1 48  ? 7.346   -0.184  -22.109 1.00 40.91  ? 87  MET A CE  1 
ATOM   376  N  N   . TYR A 1 49  ? 4.071   1.325   -19.679 1.00 35.02  ? 88  TYR A N   1 
ATOM   377  C  CA  . TYR A 1 49  ? 3.515   1.809   -18.394 1.00 36.26  ? 88  TYR A CA  1 
ATOM   378  C  C   . TYR A 1 49  ? 4.513   1.571   -17.257 1.00 32.38  ? 88  TYR A C   1 
ATOM   379  O  O   . TYR A 1 49  ? 5.258   0.578   -17.282 1.00 31.38  ? 88  TYR A O   1 
ATOM   380  C  CB  . TYR A 1 49  ? 2.203   1.099   -18.071 1.00 30.83  ? 88  TYR A CB  1 
ATOM   381  C  CG  . TYR A 1 49  ? 1.112   1.193   -19.108 1.00 38.30  ? 88  TYR A CG  1 
ATOM   382  C  CD1 . TYR A 1 49  ? 0.134   2.177   -19.053 1.00 38.66  ? 88  TYR A CD1 1 
ATOM   383  C  CD2 . TYR A 1 49  ? 1.023   0.262   -20.128 1.00 35.34  ? 88  TYR A CD2 1 
ATOM   384  C  CE1 . TYR A 1 49  ? -0.875  2.250   -20.001 1.00 39.41  ? 88  TYR A CE1 1 
ATOM   385  C  CE2 . TYR A 1 49  ? 0.021   0.326   -21.089 1.00 40.93  ? 88  TYR A CE2 1 
ATOM   386  C  CZ  . TYR A 1 49  ? -0.923  1.336   -21.039 1.00 39.51  ? 88  TYR A CZ  1 
ATOM   387  O  OH  . TYR A 1 49  ? -1.931  1.362   -21.960 1.00 39.08  ? 88  TYR A OH  1 
ATOM   388  N  N   . SER A 1 50  ? 4.477   2.441   -16.243 1.00 30.31  ? 89  SER A N   1 
ATOM   389  C  CA  . SER A 1 50  ? 5.134   2.219   -14.940 1.00 29.82  ? 89  SER A CA  1 
ATOM   390  C  C   . SER A 1 50  ? 4.062   2.172   -13.867 1.00 32.37  ? 89  SER A C   1 
ATOM   391  O  O   . SER A 1 50  ? 3.052   2.869   -14.043 1.00 29.43  ? 89  SER A O   1 
ATOM   392  C  CB  . SER A 1 50  ? 6.149   3.254   -14.666 1.00 32.07  ? 89  SER A CB  1 
ATOM   393  O  OG  . SER A 1 50  ? 7.136   3.179   -15.664 1.00 35.20  ? 89  SER A OG  1 
ATOM   394  N  N   . PHE A 1 51  ? 4.202   1.231   -12.937 1.00 27.81  ? 90  PHE A N   1 
ATOM   395  C  CA  . PHE A 1 51  ? 3.268   1.078   -11.803 1.00 27.44  ? 90  PHE A CA  1 
ATOM   396  C  C   . PHE A 1 51  ? 3.918   1.658   -10.560 1.00 31.18  ? 90  PHE A C   1 
ATOM   397  O  O   . PHE A 1 51  ? 5.046   1.245   -10.113 1.00 28.81  ? 90  PHE A O   1 
ATOM   398  C  CB  . PHE A 1 51  ? 2.869   -0.367  -11.570 1.00 29.36  ? 90  PHE A CB  1 
ATOM   399  C  CG  . PHE A 1 51  ? 1.733   -0.820  -12.435 1.00 29.38  ? 90  PHE A CG  1 
ATOM   400  C  CD1 . PHE A 1 51  ? 0.570   -1.290  -11.865 1.00 31.31  ? 90  PHE A CD1 1 
ATOM   401  C  CD2 . PHE A 1 51  ? 1.811   -0.735  -13.817 1.00 30.11  ? 90  PHE A CD2 1 
ATOM   402  C  CE1 . PHE A 1 51  ? -0.441  -1.773  -12.665 1.00 31.51  ? 90  PHE A CE1 1 
ATOM   403  C  CE2 . PHE A 1 51  ? 0.777   -1.176  -14.615 1.00 33.91  ? 90  PHE A CE2 1 
ATOM   404  C  CZ  . PHE A 1 51  ? -0.353  -1.683  -14.037 1.00 32.29  ? 90  PHE A CZ  1 
ATOM   405  N  N   . LEU A 1 52  ? 3.189   2.598   -9.959  1.00 28.10  ? 91  LEU A N   1 
ATOM   406  C  CA  . LEU A 1 52  ? 3.697   3.390   -8.814  1.00 26.87  ? 91  LEU A CA  1 
ATOM   407  C  C   . LEU A 1 52  ? 2.763   3.099   -7.641  1.00 28.94  ? 91  LEU A C   1 
ATOM   408  O  O   . LEU A 1 52  ? 1.530   2.892   -7.873  1.00 26.85  ? 91  LEU A O   1 
ATOM   409  C  CB  . LEU A 1 52  ? 3.663   4.875   -9.149  1.00 31.03  ? 91  LEU A CB  1 
ATOM   410  C  CG  . LEU A 1 52  ? 4.885   5.493   -9.823  1.00 34.71  ? 91  LEU A CG  1 
ATOM   411  C  CD1 . LEU A 1 52  ? 5.290   4.734   -11.057 1.00 38.26  ? 91  LEU A CD1 1 
ATOM   412  C  CD2 . LEU A 1 52  ? 4.566   6.948   -10.145 1.00 33.32  ? 91  LEU A CD2 1 
ATOM   413  N  N   . LEU A 1 53  ? 3.327   3.095   -6.435  1.00 24.77  ? 92  LEU A N   1 
ATOM   414  C  CA  . LEU A 1 53  ? 2.581   2.810   -5.203  1.00 25.48  ? 92  LEU A CA  1 
ATOM   415  C  C   . LEU A 1 53  ? 2.889   3.948   -4.236  1.00 24.66  ? 92  LEU A C   1 
ATOM   416  O  O   . LEU A 1 53  ? 4.070   4.293   -4.013  1.00 27.36  ? 92  LEU A O   1 
ATOM   417  C  CB  . LEU A 1 53  ? 2.993   1.430   -4.662  1.00 26.63  ? 92  LEU A CB  1 
ATOM   418  C  CG  . LEU A 1 53  ? 2.545   1.148   -3.233  1.00 26.62  ? 92  LEU A CG  1 
ATOM   419  C  CD1 . LEU A 1 53  ? 1.059   1.072   -3.134  1.00 25.43  ? 92  LEU A CD1 1 
ATOM   420  C  CD2 . LEU A 1 53  ? 3.161   -0.169  -2.707  1.00 26.12  ? 92  LEU A CD2 1 
ATOM   421  N  N   . ASP A 1 54  ? 1.855   4.523   -3.631  1.00 26.49  ? 93  ASP A N   1 
ATOM   422  C  CA  . ASP A 1 54  ? 2.062   5.447   -2.493  1.00 24.24  ? 93  ASP A CA  1 
ATOM   423  C  C   . ASP A 1 54  ? 1.007   5.149   -1.424  1.00 21.78  ? 93  ASP A C   1 
ATOM   424  O  O   . ASP A 1 54  ? 0.191   4.231   -1.574  1.00 23.42  ? 93  ASP A O   1 
ATOM   425  C  CB  . ASP A 1 54  ? 2.128   6.920   -2.935  1.00 26.85  ? 93  ASP A CB  1 
ATOM   426  C  CG  . ASP A 1 54  ? 0.886   7.410   -3.651  1.00 26.69  ? 93  ASP A CG  1 
ATOM   427  O  OD1 . ASP A 1 54  ? -0.168  6.744   -3.551  1.00 27.77  ? 93  ASP A OD1 1 
ATOM   428  O  OD2 . ASP A 1 54  ? 0.984   8.481   -4.283  1.00 30.42  ? 93  ASP A OD2 1 
ATOM   429  N  N   . PHE A 1 55  ? 1.124   5.861   -0.317  1.00 25.03  ? 94  PHE A N   1 
ATOM   430  C  CA  . PHE A 1 55  ? 0.297   5.656   0.895   1.00 25.32  ? 94  PHE A CA  1 
ATOM   431  C  C   . PHE A 1 55  ? -0.298  7.005   1.285   1.00 25.15  ? 94  PHE A C   1 
ATOM   432  O  O   . PHE A 1 55  ? 0.436   7.869   1.731   1.00 27.53  ? 94  PHE A O   1 
ATOM   433  C  CB  . PHE A 1 55  ? 1.143   5.033   2.005   1.00 22.88  ? 94  PHE A CB  1 
ATOM   434  C  CG  . PHE A 1 55  ? 1.733   3.700   1.625   1.00 23.55  ? 94  PHE A CG  1 
ATOM   435  C  CD1 . PHE A 1 55  ? 1.002   2.538   1.816   1.00 26.43  ? 94  PHE A CD1 1 
ATOM   436  C  CD2 . PHE A 1 55  ? 2.918   3.618   0.925   1.00 26.37  ? 94  PHE A CD2 1 
ATOM   437  C  CE1 . PHE A 1 55  ? 1.503   1.302   1.431   1.00 26.81  ? 94  PHE A CE1 1 
ATOM   438  C  CE2 . PHE A 1 55  ? 3.411   2.382   0.527   1.00 24.20  ? 94  PHE A CE2 1 
ATOM   439  C  CZ  . PHE A 1 55  ? 2.698   1.231   0.767   1.00 25.88  ? 94  PHE A CZ  1 
ATOM   440  N  N   . VAL A 1 56  ? -1.612  7.110   1.184   1.00 28.32  ? 95  VAL A N   1 
ATOM   441  C  CA  . VAL A 1 56  ? -2.353  8.343   1.586   1.00 26.81  ? 95  VAL A CA  1 
ATOM   442  C  C   . VAL A 1 56  ? -2.598  8.244   3.084   1.00 24.11  ? 95  VAL A C   1 
ATOM   443  O  O   . VAL A 1 56  ? -3.209  7.255   3.478   1.00 25.77  ? 95  VAL A O   1 
ATOM   444  C  CB  . VAL A 1 56  ? -3.687  8.414   0.825   1.00 26.59  ? 95  VAL A CB  1 
ATOM   445  C  CG1 . VAL A 1 56  ? -4.506  9.635   1.235   1.00 24.62  ? 95  VAL A CG1 1 
ATOM   446  C  CG2 . VAL A 1 56  ? -3.430  8.384   -0.674  1.00 31.09  ? 95  VAL A CG2 1 
ATOM   447  N  N   . ALA A 1 57  ? -2.298  9.299   3.836   1.00 26.53  ? 96  ALA A N   1 
ATOM   448  C  CA  . ALA A 1 57  ? -2.706  9.452   5.245   1.00 27.28  ? 96  ALA A CA  1 
ATOM   449  C  C   . ALA A 1 57  ? -4.218  9.609   5.271   1.00 26.16  ? 96  ALA A C   1 
ATOM   450  O  O   . ALA A 1 57  ? -4.730  10.587  4.648   1.00 25.16  ? 96  ALA A O   1 
ATOM   451  C  CB  . ALA A 1 57  ? -1.933  10.600  5.887   1.00 27.79  ? 96  ALA A CB  1 
ATOM   452  N  N   . ALA A 1 58  ? -4.932  8.588   5.755   1.00 25.26  ? 97  ALA A N   1 
ATOM   453  C  CA  . ALA A 1 58  ? -6.404  8.436   5.672   1.00 25.55  ? 97  ALA A CA  1 
ATOM   454  C  C   . ALA A 1 58  ? -7.101  9.511   6.529   1.00 30.70  ? 97  ALA A C   1 
ATOM   455  O  O   . ALA A 1 58  ? -8.276  9.903   6.240   1.00 28.54  ? 97  ALA A O   1 
ATOM   456  C  CB  . ALA A 1 58  ? -6.847  7.076   6.090   1.00 29.04  ? 97  ALA A CB  1 
ATOM   457  N  N   . ASP A 1 59  ? -6.404  9.959   7.556   1.00 28.44  ? 98  ASP A N   1 
ATOM   458  C  CA  . ASP A 1 59  ? -6.860  11.073  8.421   1.00 30.03  ? 98  ASP A CA  1 
ATOM   459  C  C   . ASP A 1 59  ? -5.599  11.757  8.902   1.00 31.83  ? 98  ASP A C   1 
ATOM   460  O  O   . ASP A 1 59  ? -4.502  11.200  8.684   1.00 34.36  ? 98  ASP A O   1 
ATOM   461  C  CB  . ASP A 1 59  ? -7.787  10.555  9.511   1.00 28.66  ? 98  ASP A CB  1 
ATOM   462  C  CG  . ASP A 1 59  ? -7.060  9.541   10.410  1.00 30.55  ? 98  ASP A CG  1 
ATOM   463  O  OD1 . ASP A 1 59  ? -6.102  9.945   11.061  1.00 33.25  ? 98  ASP A OD1 1 
ATOM   464  O  OD2 . ASP A 1 59  ? -7.468  8.387   10.395  1.00 32.49  ? 98  ASP A OD2 1 
ATOM   465  N  N   . ASN A 1 60  ? -5.772  12.867  9.606   1.00 31.25  ? 99  ASN A N   1 
ATOM   466  C  CA  . ASN A 1 60  ? -4.665  13.732  10.043  1.00 32.56  ? 99  ASN A CA  1 
ATOM   467  C  C   . ASN A 1 60  ? -4.266  13.432  11.494  1.00 33.25  ? 99  ASN A C   1 
ATOM   468  O  O   . ASN A 1 60  ? -3.519  14.260  12.053  1.00 38.73  ? 99  ASN A O   1 
ATOM   469  C  CB  . ASN A 1 60  ? -5.075  15.198  9.912   1.00 36.92  ? 99  ASN A CB  1 
ATOM   470  C  CG  . ASN A 1 60  ? -5.181  15.626  8.473   1.00 39.25  ? 99  ASN A CG  1 
ATOM   471  O  OD1 . ASN A 1 60  ? -5.931  16.544  8.164   1.00 47.79  ? 99  ASN A OD1 1 
ATOM   472  N  ND2 . ASN A 1 60  ? -4.447  14.969  7.608   1.00 35.12  ? 99  ASN A ND2 1 
ATOM   473  N  N   . HIS A 1 61  ? -4.662  12.296  12.063  1.00 34.91  ? 100 HIS A N   1 
ATOM   474  C  CA  . HIS A 1 61  ? -4.501  12.041  13.517  1.00 34.47  ? 100 HIS A CA  1 
ATOM   475  C  C   . HIS A 1 61  ? -3.492  10.920  13.834  1.00 41.65  ? 100 HIS A C   1 
ATOM   476  O  O   . HIS A 1 61  ? -3.189  10.054  12.963  1.00 35.22  ? 100 HIS A O   1 
ATOM   477  C  CB  . HIS A 1 61  ? -5.842  11.680  14.141  1.00 35.09  ? 100 HIS A CB  1 
ATOM   478  C  CG  . HIS A 1 61  ? -6.876  12.748  14.109  1.00 39.71  ? 100 HIS A CG  1 
ATOM   479  N  ND1 . HIS A 1 61  ? -7.313  13.376  15.275  1.00 38.94  ? 100 HIS A ND1 1 
ATOM   480  C  CD2 . HIS A 1 61  ? -7.607  13.259  13.087  1.00 37.18  ? 100 HIS A CD2 1 
ATOM   481  C  CE1 . HIS A 1 61  ? -8.268  14.236  14.965  1.00 45.39  ? 100 HIS A CE1 1 
ATOM   482  N  NE2 . HIS A 1 61  ? -8.472  14.180  13.624  1.00 35.52  ? 100 HIS A NE2 1 
ATOM   483  N  N   . ARG A 1 62  ? -3.020  10.945  15.081  1.00 41.98  ? 101 ARG A N   1 
ATOM   484  C  CA  . ARG A 1 62  ? -2.191  9.901   15.726  1.00 40.34  ? 101 ARG A CA  1 
ATOM   485  C  C   . ARG A 1 62  ? -3.152  8.926   16.414  1.00 36.42  ? 101 ARG A C   1 
ATOM   486  O  O   . ARG A 1 62  ? -4.128  9.377   17.067  1.00 42.55  ? 101 ARG A O   1 
ATOM   487  C  CB  . ARG A 1 62  ? -1.206  10.635  16.646  1.00 52.51  ? 101 ARG A CB  1 
ATOM   488  C  CG  . ARG A 1 62  ? -0.554  9.808   17.749  1.00 61.20  ? 101 ARG A CG  1 
ATOM   489  C  CD  . ARG A 1 62  ? 0.618   10.541  18.394  1.00 66.15  ? 101 ARG A CD  1 
ATOM   490  N  NE  . ARG A 1 62  ? 1.641   10.782  17.384  1.00 75.49  ? 101 ARG A NE  1 
ATOM   491  C  CZ  . ARG A 1 62  ? 2.534   9.885   16.967  1.00 83.62  ? 101 ARG A CZ  1 
ATOM   492  N  NH1 . ARG A 1 62  ? 2.577   8.673   17.500  1.00 82.04  ? 101 ARG A NH1 1 
ATOM   493  N  NH2 . ARG A 1 62  ? 3.398   10.213  16.017  1.00 86.13  ? 101 ARG A NH2 1 
ATOM   494  N  N   . TRP A 1 63  ? -2.943  7.625   16.246  1.00 32.93  ? 102 TRP A N   1 
ATOM   495  C  CA  . TRP A 1 63  ? -3.819  6.575   16.805  1.00 31.39  ? 102 TRP A CA  1 
ATOM   496  C  C   . TRP A 1 63  ? -3.061  5.858   17.945  1.00 34.81  ? 102 TRP A C   1 
ATOM   497  O  O   . TRP A 1 63  ? -1.851  5.709   17.830  1.00 36.01  ? 102 TRP A O   1 
ATOM   498  C  CB  . TRP A 1 63  ? -4.233  5.600   15.694  1.00 33.21  ? 102 TRP A CB  1 
ATOM   499  C  CG  . TRP A 1 63  ? -5.183  6.200   14.694  1.00 29.60  ? 102 TRP A CG  1 
ATOM   500  C  CD1 . TRP A 1 63  ? -4.884  7.072   13.681  1.00 31.59  ? 102 TRP A CD1 1 
ATOM   501  C  CD2 . TRP A 1 63  ? -6.589  5.948   14.598  1.00 28.80  ? 102 TRP A CD2 1 
ATOM   502  N  NE1 . TRP A 1 63  ? -6.017  7.366   12.963  1.00 31.07  ? 102 TRP A NE1 1 
ATOM   503  C  CE2 . TRP A 1 63  ? -7.087  6.745   13.536  1.00 28.81  ? 102 TRP A CE2 1 
ATOM   504  C  CE3 . TRP A 1 63  ? -7.493  5.185   15.343  1.00 31.57  ? 102 TRP A CE3 1 
ATOM   505  C  CZ2 . TRP A 1 63  ? -8.421  6.720   13.161  1.00 32.97  ? 102 TRP A CZ2 1 
ATOM   506  C  CZ3 . TRP A 1 63  ? -8.820  5.178   14.986  1.00 33.97  ? 102 TRP A CZ3 1 
ATOM   507  C  CH2 . TRP A 1 63  ? -9.273  5.923   13.889  1.00 33.96  ? 102 TRP A CH2 1 
ATOM   508  N  N   . LYS A 1 64  ? -3.771  5.416   18.971  1.00 35.71  ? 103 LYS A N   1 
ATOM   509  C  CA  . LYS A 1 64  ? -3.210  4.649   20.122  1.00 41.20  ? 103 LYS A CA  1 
ATOM   510  C  C   . LYS A 1 64  ? -4.122  3.448   20.416  1.00 39.43  ? 103 LYS A C   1 
ATOM   511  O  O   . LYS A 1 64  ? -5.332  3.552   20.240  1.00 34.45  ? 103 LYS A O   1 
ATOM   512  C  CB  . LYS A 1 64  ? -3.069  5.590   21.320  1.00 52.12  ? 103 LYS A CB  1 
ATOM   513  C  CG  . LYS A 1 64  ? -4.197  6.607   21.443  1.00 64.93  ? 103 LYS A CG  1 
ATOM   514  C  CD  . LYS A 1 64  ? -4.163  7.527   22.655  1.00 73.60  ? 103 LYS A CD  1 
ATOM   515  C  CE  . LYS A 1 64  ? -5.237  8.597   22.572  1.00 76.53  ? 103 LYS A CE  1 
ATOM   516  N  NZ  . LYS A 1 64  ? -5.820  8.912   23.897  1.00 76.89  ? 103 LYS A NZ  1 
ATOM   517  N  N   . TYR A 1 65  ? -3.566  2.321   20.856  1.00 41.01  ? 104 TYR A N   1 
ATOM   518  C  CA  . TYR A 1 65  ? -4.357  1.097   21.140  1.00 40.09  ? 104 TYR A CA  1 
ATOM   519  C  C   . TYR A 1 65  ? -4.671  1.165   22.638  1.00 41.95  ? 104 TYR A C   1 
ATOM   520  O  O   . TYR A 1 65  ? -3.759  1.016   23.410  1.00 44.09  ? 104 TYR A O   1 
ATOM   521  C  CB  . TYR A 1 65  ? -3.601  -0.167  20.711  1.00 38.78  ? 104 TYR A CB  1 
ATOM   522  C  CG  . TYR A 1 65  ? -4.411  -1.443  20.689  1.00 39.73  ? 104 TYR A CG  1 
ATOM   523  C  CD1 . TYR A 1 65  ? -5.429  -1.634  19.781  1.00 38.70  ? 104 TYR A CD1 1 
ATOM   524  C  CD2 . TYR A 1 65  ? -4.150  -2.493  21.565  1.00 40.57  ? 104 TYR A CD2 1 
ATOM   525  C  CE1 . TYR A 1 65  ? -6.159  -2.812  19.722  1.00 42.03  ? 104 TYR A CE1 1 
ATOM   526  C  CE2 . TYR A 1 65  ? -4.880  -3.675  21.521  1.00 37.19  ? 104 TYR A CE2 1 
ATOM   527  C  CZ  . TYR A 1 65  ? -5.877  -3.850  20.595  1.00 38.99  ? 104 TYR A CZ  1 
ATOM   528  O  OH  . TYR A 1 65  ? -6.623  -4.998  20.542  1.00 39.97  ? 104 TYR A OH  1 
ATOM   529  N  N   . VAL A 1 66  ? -5.892  1.544   22.985  1.00 44.10  ? 105 VAL A N   1 
ATOM   530  C  CA  . VAL A 1 66  ? -6.298  1.853   24.386  1.00 49.87  ? 105 VAL A CA  1 
ATOM   531  C  C   . VAL A 1 66  ? -7.334  0.814   24.781  1.00 48.72  ? 105 VAL A C   1 
ATOM   532  O  O   . VAL A 1 66  ? -8.429  0.771   24.150  1.00 49.32  ? 105 VAL A O   1 
ATOM   533  C  CB  . VAL A 1 66  ? -6.840  3.287   24.529  1.00 48.05  ? 105 VAL A CB  1 
ATOM   534  C  CG1 . VAL A 1 66  ? -7.544  3.505   25.864  1.00 48.89  ? 105 VAL A CG1 1 
ATOM   535  C  CG2 . VAL A 1 66  ? -5.737  4.313   24.337  1.00 46.92  ? 105 VAL A CG2 1 
ATOM   536  N  N   . ASN A 1 67  ? -6.984  -0.006  25.767  1.00 53.44  ? 106 ASN A N   1 
ATOM   537  C  CA  . ASN A 1 67  ? -7.899  -1.019  26.341  1.00 58.34  ? 106 ASN A CA  1 
ATOM   538  C  C   . ASN A 1 67  ? -8.513  -1.816  25.195  1.00 53.35  ? 106 ASN A C   1 
ATOM   539  O  O   . ASN A 1 67  ? -9.747  -1.812  25.093  1.00 48.33  ? 106 ASN A O   1 
ATOM   540  C  CB  . ASN A 1 67  ? -8.950  -0.357  27.236  1.00 66.08  ? 106 ASN A CB  1 
ATOM   541  C  CG  . ASN A 1 67  ? -8.321  0.238   28.480  1.00 69.30  ? 106 ASN A CG  1 
ATOM   542  O  OD1 . ASN A 1 67  ? -7.618  -0.457  29.209  1.00 74.68  ? 106 ASN A OD1 1 
ATOM   543  N  ND2 . ASN A 1 67  ? -8.551  1.518   28.718  1.00 64.53  ? 106 ASN A ND2 1 
ATOM   544  N  N   . GLY A 1 68  ? -7.656  -2.434  24.364  1.00 53.88  ? 107 GLY A N   1 
ATOM   545  C  CA  . GLY A 1 68  ? -8.043  -3.406  23.318  1.00 48.74  ? 107 GLY A CA  1 
ATOM   546  C  C   . GLY A 1 68  ? -8.752  -2.753  22.144  1.00 47.97  ? 107 GLY A C   1 
ATOM   547  O  O   . GLY A 1 68  ? -9.469  -3.457  21.417  1.00 47.27  ? 107 GLY A O   1 
ATOM   548  N  N   . GLU A 1 69  ? -8.612  -1.443  21.973  1.00 45.94  ? 108 GLU A N   1 
ATOM   549  C  CA  . GLU A 1 69  ? -9.367  -0.721  20.917  1.00 52.42  ? 108 GLU A CA  1 
ATOM   550  C  C   . GLU A 1 69  ? -8.485  0.414   20.396  1.00 43.70  ? 108 GLU A C   1 
ATOM   551  O  O   . GLU A 1 69  ? -7.806  1.067   21.191  1.00 40.40  ? 108 GLU A O   1 
ATOM   552  C  CB  . GLU A 1 69  ? -10.761 -0.318  21.424  1.00 59.85  ? 108 GLU A CB  1 
ATOM   553  C  CG  . GLU A 1 69  ? -10.857 1.034   22.135  1.00 73.79  ? 108 GLU A CG  1 
ATOM   554  C  CD  . GLU A 1 69  ? -12.246 1.683   22.173  1.00 83.99  ? 108 GLU A CD  1 
ATOM   555  O  OE1 . GLU A 1 69  ? -13.236 1.015   21.785  1.00 80.95  ? 108 GLU A OE1 1 
ATOM   556  O  OE2 . GLU A 1 69  ? -12.343 2.869   22.590  1.00 85.60  ? 108 GLU A OE2 1 
ATOM   557  N  N   . TRP A 1 70  ? -8.447  0.606   19.076  1.00 43.02  ? 109 TRP A N   1 
ATOM   558  C  CA  . TRP A 1 70  ? -7.706  1.732   18.450  1.00 35.15  ? 109 TRP A CA  1 
ATOM   559  C  C   . TRP A 1 70  ? -8.540  3.013   18.586  1.00 38.97  ? 109 TRP A C   1 
ATOM   560  O  O   . TRP A 1 70  ? -9.731  2.945   18.267  1.00 39.44  ? 109 TRP A O   1 
ATOM   561  C  CB  . TRP A 1 70  ? -7.410  1.438   16.966  1.00 37.44  ? 109 TRP A CB  1 
ATOM   562  C  CG  . TRP A 1 70  ? -6.257  0.511   16.754  1.00 34.23  ? 109 TRP A CG  1 
ATOM   563  C  CD1 . TRP A 1 70  ? -6.313  -0.811  16.399  1.00 34.02  ? 109 TRP A CD1 1 
ATOM   564  C  CD2 . TRP A 1 70  ? -4.867  0.840   16.881  1.00 28.23  ? 109 TRP A CD2 1 
ATOM   565  N  NE1 . TRP A 1 70  ? -5.053  -1.330  16.329  1.00 35.36  ? 109 TRP A NE1 1 
ATOM   566  C  CE2 . TRP A 1 70  ? -4.144  -0.339  16.599  1.00 33.26  ? 109 TRP A CE2 1 
ATOM   567  C  CE3 . TRP A 1 70  ? -4.145  2.005   17.145  1.00 28.87  ? 109 TRP A CE3 1 
ATOM   568  C  CZ2 . TRP A 1 70  ? -2.758  -0.372  16.620  1.00 34.92  ? 109 TRP A CZ2 1 
ATOM   569  C  CZ3 . TRP A 1 70  ? -2.774  1.963   17.207  1.00 35.55  ? 109 TRP A CZ3 1 
ATOM   570  C  CH2 . TRP A 1 70  ? -2.081  0.785   16.919  1.00 35.98  ? 109 TRP A CH2 1 
ATOM   571  N  N   . VAL A 1 71  ? -7.923  4.132   18.974  1.00 35.84  ? 110 VAL A N   1 
ATOM   572  C  CA  . VAL A 1 71  ? -8.633  5.439   19.196  1.00 39.89  ? 110 VAL A CA  1 
ATOM   573  C  C   . VAL A 1 71  ? -7.756  6.575   18.706  1.00 37.44  ? 110 VAL A C   1 
ATOM   574  O  O   . VAL A 1 71  ? -6.541  6.591   18.910  1.00 37.57  ? 110 VAL A O   1 
ATOM   575  C  CB  . VAL A 1 71  ? -9.079  5.648   20.660  1.00 44.57  ? 110 VAL A CB  1 
ATOM   576  C  CG1 . VAL A 1 71  ? -10.134 4.635   21.073  1.00 46.25  ? 110 VAL A CG1 1 
ATOM   577  C  CG2 . VAL A 1 71  ? -7.921  5.651   21.623  1.00 47.86  ? 110 VAL A CG2 1 
ATOM   578  N  N   . PRO A 1 72  ? -8.335  7.535   17.952  1.00 39.84  ? 111 PRO A N   1 
ATOM   579  C  CA  . PRO A 1 72  ? -7.564  8.654   17.458  1.00 40.45  ? 111 PRO A CA  1 
ATOM   580  C  C   . PRO A 1 72  ? -7.311  9.712   18.528  1.00 40.05  ? 111 PRO A C   1 
ATOM   581  O  O   . PRO A 1 72  ? -8.169  9.904   19.367  1.00 45.71  ? 111 PRO A O   1 
ATOM   582  C  CB  . PRO A 1 72  ? -8.427  9.243   16.338  1.00 39.69  ? 111 PRO A CB  1 
ATOM   583  C  CG  . PRO A 1 72  ? -9.830  8.819   16.641  1.00 39.05  ? 111 PRO A CG  1 
ATOM   584  C  CD  . PRO A 1 72  ? -9.731  7.579   17.512  1.00 43.30  ? 111 PRO A CD  1 
ATOM   585  N  N   . GLY A 1 73  ? -6.150  10.347  18.428  1.00 42.33  ? 112 GLY A N   1 
ATOM   586  C  CA  . GLY A 1 73  ? -5.780  11.550  19.184  1.00 44.65  ? 112 GLY A CA  1 
ATOM   587  C  C   . GLY A 1 73  ? -6.751  12.677  18.884  1.00 47.79  ? 112 GLY A C   1 
ATOM   588  O  O   . GLY A 1 73  ? -7.636  12.521  17.986  1.00 49.35  ? 112 GLY A O   1 
ATOM   589  N  N   . GLY A 1 74  ? -6.625  13.771  19.628  1.00 50.04  ? 113 GLY A N   1 
ATOM   590  C  CA  . GLY A 1 74  ? -7.497  14.941  19.468  1.00 52.69  ? 113 GLY A CA  1 
ATOM   591  C  C   . GLY A 1 74  ? -6.776  16.054  18.741  1.00 56.58  ? 113 GLY A C   1 
ATOM   592  O  O   . GLY A 1 74  ? -7.433  17.075  18.491  1.00 67.57  ? 113 GLY A O   1 
ATOM   593  N  N   . LYS A 1 75  ? -5.491  15.871  18.404  1.00 55.99  ? 114 LYS A N   1 
ATOM   594  C  CA  . LYS A 1 75  ? -4.632  16.968  17.879  1.00 60.71  ? 114 LYS A CA  1 
ATOM   595  C  C   . LYS A 1 75  ? -4.164  16.682  16.453  1.00 54.55  ? 114 LYS A C   1 
ATOM   596  O  O   . LYS A 1 75  ? -2.974  16.505  16.209  1.00 52.82  ? 114 LYS A O   1 
ATOM   597  C  CB  . LYS A 1 75  ? -3.436  17.215  18.801  1.00 66.19  ? 114 LYS A CB  1 
ATOM   598  C  CG  . LYS A 1 75  ? -2.974  18.667  18.823  1.00 76.74  ? 114 LYS A CG  1 
ATOM   599  C  CD  . LYS A 1 75  ? -4.126  19.662  19.004  1.00 79.07  ? 114 LYS A CD  1 
ATOM   600  C  CE  . LYS A 1 75  ? -3.734  20.964  19.673  1.00 85.77  ? 114 LYS A CE  1 
ATOM   601  N  NZ  . LYS A 1 75  ? -2.632  21.643  18.952  1.00 91.14  ? 114 LYS A NZ  1 
ATOM   602  N  N   . PRO A 1 76  ? -5.061  16.753  15.446  1.00 56.56  ? 115 PRO A N   1 
ATOM   603  C  CA  . PRO A 1 76  ? -4.663  16.533  14.058  1.00 54.72  ? 115 PRO A CA  1 
ATOM   604  C  C   . PRO A 1 76  ? -3.500  17.461  13.655  1.00 60.14  ? 115 PRO A C   1 
ATOM   605  O  O   . PRO A 1 76  ? -3.372  18.547  14.198  1.00 56.38  ? 115 PRO A O   1 
ATOM   606  C  CB  . PRO A 1 76  ? -5.921  16.795  13.210  1.00 56.88  ? 115 PRO A CB  1 
ATOM   607  C  CG  . PRO A 1 76  ? -6.929  17.427  14.160  1.00 62.79  ? 115 PRO A CG  1 
ATOM   608  C  CD  . PRO A 1 76  ? -6.487  17.079  15.572  1.00 60.73  ? 115 PRO A CD  1 
ATOM   609  N  N   . GLU A 1 77  ? -2.646  16.962  12.759  1.00 53.04  ? 116 GLU A N   1 
ATOM   610  C  CA  . GLU A 1 77  ? -1.603  17.738  12.047  1.00 57.74  ? 116 GLU A CA  1 
ATOM   611  C  C   . GLU A 1 77  ? -1.688  17.366  10.570  1.00 60.55  ? 116 GLU A C   1 
ATOM   612  O  O   . GLU A 1 77  ? -2.029  16.236  10.240  1.00 65.91  ? 116 GLU A O   1 
ATOM   613  C  CB  . GLU A 1 77  ? -0.221  17.422  12.615  1.00 62.75  ? 116 GLU A CB  1 
ATOM   614  C  CG  . GLU A 1 77  ? -0.139  17.512  14.130  1.00 65.36  ? 116 GLU A CG  1 
ATOM   615  C  CD  . GLU A 1 77  ? 1.206   17.057  14.681  1.00 73.46  ? 116 GLU A CD  1 
ATOM   616  O  OE1 . GLU A 1 77  ? 2.209   17.190  13.947  1.00 74.84  ? 116 GLU A OE1 1 
ATOM   617  O  OE2 . GLU A 1 77  ? 1.251   16.544  15.825  1.00 69.48  ? 116 GLU A OE2 1 
ATOM   618  N  N   . PRO A 1 78  ? -1.367  18.274  9.626   1.00 60.25  ? 117 PRO A N   1 
ATOM   619  C  CA  . PRO A 1 78  ? -1.484  17.962  8.204   1.00 63.55  ? 117 PRO A CA  1 
ATOM   620  C  C   . PRO A 1 78  ? -0.408  16.919  7.882   1.00 63.33  ? 117 PRO A C   1 
ATOM   621  O  O   . PRO A 1 78  ? 0.683   17.005  8.415   1.00 53.77  ? 117 PRO A O   1 
ATOM   622  C  CB  . PRO A 1 78  ? -1.243  19.285  7.463   1.00 62.65  ? 117 PRO A CB  1 
ATOM   623  C  CG  . PRO A 1 78  ? -1.119  20.337  8.562   1.00 63.73  ? 117 PRO A CG  1 
ATOM   624  C  CD  . PRO A 1 78  ? -0.779  19.600  9.848   1.00 65.30  ? 117 PRO A CD  1 
ATOM   625  N  N   . GLN A 1 79  ? -0.761  15.955  7.039   1.00 60.43  ? 118 GLN A N   1 
ATOM   626  C  CA  . GLN A 1 79  ? 0.201   14.878  6.730   1.00 69.57  ? 118 GLN A CA  1 
ATOM   627  C  C   . GLN A 1 79  ? 0.750   15.065  5.320   1.00 73.75  ? 118 GLN A C   1 
ATOM   628  O  O   . GLN A 1 79  ? -0.031  14.954  4.357   1.00 71.38  ? 118 GLN A O   1 
ATOM   629  C  CB  . GLN A 1 79  ? -0.487  13.529  6.922   1.00 64.29  ? 118 GLN A CB  1 
ATOM   630  C  CG  . GLN A 1 79  ? -1.181  13.389  8.264   1.00 65.17  ? 118 GLN A CG  1 
ATOM   631  C  CD  . GLN A 1 79  ? -0.208  13.160  9.392   1.00 64.52  ? 118 GLN A CD  1 
ATOM   632  O  OE1 . GLN A 1 79  ? 0.792   12.469  9.249   1.00 64.27  ? 118 GLN A OE1 1 
ATOM   633  N  NE2 . GLN A 1 79  ? -0.497  13.750  10.535  1.00 64.65  ? 118 GLN A NE2 1 
ATOM   634  N  N   . ALA A 1 80  ? 2.053   15.326  5.240   1.00 85.02  ? 119 ALA A N   1 
ATOM   635  C  CA  . ALA A 1 80  ? 2.757   15.491  3.949   1.00 86.39  ? 119 ALA A CA  1 
ATOM   636  C  C   . ALA A 1 80  ? 2.660   14.152  3.242   1.00 79.21  ? 119 ALA A C   1 
ATOM   637  O  O   . ALA A 1 80  ? 2.985   13.152  3.878   1.00 70.80  ? 119 ALA A O   1 
ATOM   638  C  CB  . ALA A 1 80  ? 4.207   15.843  4.173   1.00 87.89  ? 119 ALA A CB  1 
ATOM   639  N  N   . PRO A 1 81  ? 2.432   14.114  1.920   1.00 69.39  ? 120 PRO A N   1 
ATOM   640  C  CA  . PRO A 1 81  ? 2.236   12.872  1.207   1.00 63.15  ? 120 PRO A CA  1 
ATOM   641  C  C   . PRO A 1 81  ? 3.455   11.948  1.281   1.00 51.59  ? 120 PRO A C   1 
ATOM   642  O  O   . PRO A 1 81  ? 4.580   12.382  1.411   1.00 49.32  ? 120 PRO A O   1 
ATOM   643  C  CB  . PRO A 1 81  ? 2.096   13.341  -0.243  1.00 30.00  ? 120 PRO A CB  1 
ATOM   644  C  CG  . PRO A 1 81  ? 2.824   14.653  -0.259  1.00 30.00  ? 120 PRO A CG  1 
ATOM   645  C  CD  . PRO A 1 81  ? 2.374   15.267  1.040   1.00 30.00  ? 120 PRO A CD  1 
ATOM   646  N  N   . SER A 1 82  ? 3.199   10.652  1.165   1.00 45.74  ? 121 SER A N   1 
ATOM   647  C  CA  . SER A 1 82  ? 4.328   9.696   1.201   1.00 41.79  ? 121 SER A CA  1 
ATOM   648  C  C   . SER A 1 82  ? 5.091   9.743   -0.109  1.00 35.60  ? 121 SER A C   1 
ATOM   649  O  O   . SER A 1 82  ? 4.583   10.207  -1.124  1.00 37.19  ? 121 SER A O   1 
ATOM   650  C  CB  . SER A 1 82  ? 3.910   8.282   1.493   1.00 30.00  ? 121 SER A CB  1 
ATOM   651  O  OG  . SER A 1 82  ? 3.687   7.546   0.303   1.00 30.00  ? 121 SER A OG  1 
ATOM   652  N  N   . CYS A 1 83  ? 6.279   9.161   -0.069  1.00 34.15  ? 122 CYS A N   1 
ATOM   653  C  CA  . CYS A 1 83  ? 7.090   8.979   -1.284  1.00 34.12  ? 122 CYS A CA  1 
ATOM   654  C  C   . CYS A 1 83  ? 6.476   7.856   -2.126  1.00 31.47  ? 122 CYS A C   1 
ATOM   655  O  O   . CYS A 1 83  ? 5.691   7.063   -1.657  1.00 31.12  ? 122 CYS A O   1 
ATOM   656  C  CB  . CYS A 1 83  ? 8.555   8.734   -0.958  1.00 38.72  ? 122 CYS A CB  1 
ATOM   657  S  SG  . CYS A 1 83  ? 9.399   10.264  -0.492  1.00 48.87  ? 122 CYS A SG  1 
ATOM   658  N  N   . VAL A 1 84  ? 6.875   7.818   -3.372  1.00 32.34  ? 123 VAL A N   1 
ATOM   659  C  CA  . VAL A 1 84  ? 6.320   6.860   -4.341  1.00 30.09  ? 123 VAL A CA  1 
ATOM   660  C  C   . VAL A 1 84  ? 7.329   5.721   -4.504  1.00 29.31  ? 123 VAL A C   1 
ATOM   661  O  O   . VAL A 1 84  ? 8.540   5.974   -4.605  1.00 33.10  ? 123 VAL A O   1 
ATOM   662  C  CB  . VAL A 1 84  ? 5.993   7.582   -5.656  1.00 37.67  ? 123 VAL A CB  1 
ATOM   663  C  CG1 . VAL A 1 84  ? 7.204   8.228   -6.300  1.00 38.62  ? 123 VAL A CG1 1 
ATOM   664  C  CG2 . VAL A 1 84  ? 5.305   6.650   -6.622  1.00 40.59  ? 123 VAL A CG2 1 
ATOM   665  N  N   . TYR A 1 85  ? 6.814   4.494   -4.523  0.70 29.95  ? 124 TYR A N   1 
ATOM   666  C  CA  . TYR A 1 85  ? 7.558   3.244   -4.817  0.70 28.61  ? 124 TYR A CA  1 
ATOM   667  C  C   . TYR A 1 85  ? 7.265   2.853   -6.260  0.70 27.60  ? 124 TYR A C   1 
ATOM   668  O  O   . TYR A 1 85  ? 6.076   2.661   -6.591  0.70 26.93  ? 124 TYR A O   1 
ATOM   669  C  CB  . TYR A 1 85  ? 7.140   2.122   -3.864  0.70 28.93  ? 124 TYR A CB  1 
ATOM   670  C  CG  . TYR A 1 85  ? 7.770   0.779   -4.151  0.70 30.69  ? 124 TYR A CG  1 
ATOM   671  C  CD1 . TYR A 1 85  ? 9.019   0.448   -3.643  0.70 30.64  ? 124 TYR A CD1 1 
ATOM   672  C  CD2 . TYR A 1 85  ? 7.112   -0.168  -4.920  0.70 29.42  ? 124 TYR A CD2 1 
ATOM   673  C  CE1 . TYR A 1 85  ? 9.612   -0.772  -3.918  0.70 29.91  ? 124 TYR A CE1 1 
ATOM   674  C  CE2 . TYR A 1 85  ? 7.683   -1.402  -5.194  0.70 30.72  ? 124 TYR A CE2 1 
ATOM   675  C  CZ  . TYR A 1 85  ? 8.939   -1.701  -4.692  0.70 30.94  ? 124 TYR A CZ  1 
ATOM   676  O  OH  . TYR A 1 85  ? 9.505   -2.914  -4.941  0.70 29.57  ? 124 TYR A OH  1 
ATOM   677  N  N   . ILE A 1 86  ? 8.305   2.723   -7.087  0.70 26.97  ? 125 ILE A N   1 
ATOM   678  C  CA  . ILE A 1 86  ? 8.159   2.267   -8.499  0.70 28.57  ? 125 ILE A CA  1 
ATOM   679  C  C   . ILE A 1 86  ? 8.285   0.742   -8.512  0.70 29.43  ? 125 ILE A C   1 
ATOM   680  O  O   . ILE A 1 86  ? 9.318   0.210   -8.043  0.70 26.91  ? 125 ILE A O   1 
ATOM   681  C  CB  . ILE A 1 86  ? 9.179   2.973   -9.413  0.70 31.51  ? 125 ILE A CB  1 
ATOM   682  C  CG1 . ILE A 1 86  ? 9.034   4.495   -9.327  0.70 33.93  ? 125 ILE A CG1 1 
ATOM   683  C  CG2 . ILE A 1 86  ? 9.054   2.490   -10.852 0.70 30.15  ? 125 ILE A CG2 1 
ATOM   684  C  CD1 . ILE A 1 86  ? 10.324  5.236   -9.569  0.70 37.21  ? 125 ILE A CD1 1 
ATOM   685  N  N   . HIS A 1 87  ? 7.256   0.051   -9.001  0.70 27.32  ? 126 HIS A N   1 
ATOM   686  C  CA  . HIS A 1 87  ? 7.300   -1.421  -9.179  0.70 28.40  ? 126 HIS A CA  1 
ATOM   687  C  C   . HIS A 1 87  ? 8.582   -1.748  -9.939  0.70 27.80  ? 126 HIS A C   1 
ATOM   688  O  O   . HIS A 1 87  ? 8.896   -1.100  -10.935 0.70 26.29  ? 126 HIS A O   1 
ATOM   689  C  CB  . HIS A 1 87  ? 6.053   -1.960  -9.886  0.70 26.32  ? 126 HIS A CB  1 
ATOM   690  C  CG  . HIS A 1 87  ? 5.928   -3.436  -9.725  0.70 29.73  ? 126 HIS A CG  1 
ATOM   691  N  ND1 . HIS A 1 87  ? 6.746   -4.321  -10.415 0.70 29.64  ? 126 HIS A ND1 1 
ATOM   692  C  CD2 . HIS A 1 87  ? 5.164   -4.189  -8.908  0.70 30.50  ? 126 HIS A CD2 1 
ATOM   693  C  CE1 . HIS A 1 87  ? 6.460   -5.556  -10.052 0.70 29.69  ? 126 HIS A CE1 1 
ATOM   694  N  NE2 . HIS A 1 87  ? 5.492   -5.504  -9.128  0.70 31.51  ? 126 HIS A NE2 1 
ATOM   695  N  N   . PRO A 1 88  ? 9.378   -2.739  -9.489  0.70 29.52  ? 127 PRO A N   1 
ATOM   696  C  CA  . PRO A 1 88  ? 10.638  -3.057  -10.170 0.70 30.87  ? 127 PRO A CA  1 
ATOM   697  C  C   . PRO A 1 88  ? 10.503  -3.484  -11.644 0.70 31.38  ? 127 PRO A C   1 
ATOM   698  O  O   . PRO A 1 88  ? 11.443  -3.263  -12.411 0.70 30.51  ? 127 PRO A O   1 
ATOM   699  C  CB  . PRO A 1 88  ? 11.229  -4.187  -9.311  0.70 30.93  ? 127 PRO A CB  1 
ATOM   700  C  CG  . PRO A 1 88  ? 10.049  -4.775  -8.570  0.70 30.56  ? 127 PRO A CG  1 
ATOM   701  C  CD  . PRO A 1 88  ? 9.135   -3.590  -8.316  0.70 29.09  ? 127 PRO A CD  1 
ATOM   702  N  N   . ASP A 1 89  ? 9.351   -4.039  -12.037 0.70 31.54  ? 128 ASP A N   1 
ATOM   703  C  CA  . ASP A 1 89  ? 9.082   -4.455  -13.440 0.70 32.61  ? 128 ASP A CA  1 
ATOM   704  C  C   . ASP A 1 89  ? 8.961   -3.222  -14.347 0.70 31.43  ? 128 ASP A C   1 
ATOM   705  O  O   . ASP A 1 89  ? 8.997   -3.402  -15.566 0.70 31.25  ? 128 ASP A O   1 
ATOM   706  C  CB  . ASP A 1 89  ? 7.809   -5.293  -13.568 0.70 32.92  ? 128 ASP A CB  1 
ATOM   707  C  CG  . ASP A 1 89  ? 7.836   -6.674  -12.937 0.70 33.95  ? 128 ASP A CG  1 
ATOM   708  O  OD1 . ASP A 1 89  ? 8.762   -6.959  -12.148 0.70 35.06  ? 128 ASP A OD1 1 
ATOM   709  O  OD2 . ASP A 1 89  ? 6.876   -7.431  -13.190 0.70 33.11  ? 128 ASP A OD2 1 
ATOM   710  N  N   . SER A 1 90  ? 8.786   -2.016  -13.787 0.70 30.79  ? 129 SER A N   1 
ATOM   711  C  CA  . SER A 1 90  ? 8.629   -0.744  -14.551 0.70 29.86  ? 129 SER A CA  1 
ATOM   712  C  C   . SER A 1 90  ? 9.945   -0.374  -15.231 0.70 30.65  ? 129 SER A C   1 
ATOM   713  O  O   . SER A 1 90  ? 11.014  -0.648  -14.694 0.70 31.69  ? 129 SER A O   1 
ATOM   714  C  CB  . SER A 1 90  ? 8.179   0.385   -13.661 0.70 29.64  ? 129 SER A CB  1 
ATOM   715  O  OG  . SER A 1 90  ? 7.068   -0.002  -12.872 0.70 27.28  ? 129 SER A OG  1 
ATOM   716  N  N   . PRO A 1 91  ? 9.942   0.228   -16.442 0.70 32.30  ? 130 PRO A N   1 
ATOM   717  C  CA  . PRO A 1 91  ? 8.749   0.392   -17.269 0.70 32.05  ? 130 PRO A CA  1 
ATOM   718  C  C   . PRO A 1 91  ? 8.460   -0.900  -18.043 0.70 33.18  ? 130 PRO A C   1 
ATOM   719  O  O   . PRO A 1 91  ? 9.396   -1.653  -18.265 0.70 33.47  ? 130 PRO A O   1 
ATOM   720  C  CB  . PRO A 1 91  ? 9.178   1.515   -18.213 0.70 34.23  ? 130 PRO A CB  1 
ATOM   721  C  CG  . PRO A 1 91  ? 10.642  1.246   -18.437 0.70 35.06  ? 130 PRO A CG  1 
ATOM   722  C  CD  . PRO A 1 91  ? 11.150  0.727   -17.110 0.70 35.00  ? 130 PRO A CD  1 
ATOM   723  N  N   . ASN A 1 92  ? 7.213   -1.157  -18.440 0.70 32.47  ? 131 ASN A N   1 
ATOM   724  C  CA  . ASN A 1 92  ? 6.900   -2.421  -19.155 0.70 33.01  ? 131 ASN A CA  1 
ATOM   725  C  C   . ASN A 1 92  ? 5.640   -2.282  -20.018 0.70 34.44  ? 131 ASN A C   1 
ATOM   726  O  O   . ASN A 1 92  ? 4.913   -1.286  -19.886 0.70 33.92  ? 131 ASN A O   1 
ATOM   727  C  CB  . ASN A 1 92  ? 6.848   -3.611  -18.190 0.70 33.03  ? 131 ASN A CB  1 
ATOM   728  C  CG  . ASN A 1 92  ? 7.645   -4.792  -18.710 0.70 34.58  ? 131 ASN A CG  1 
ATOM   729  O  OD1 . ASN A 1 92  ? 7.452   -5.213  -19.849 0.70 33.30  ? 131 ASN A OD1 1 
ATOM   730  N  ND2 . ASN A 1 92  ? 8.552   -5.319  -17.897 0.70 30.70  ? 131 ASN A ND2 1 
ATOM   731  N  N   . PHE A 1 93  ? 5.460   -3.226  -20.946 1.00 35.01  ? 132 PHE A N   1 
ATOM   732  C  CA  . PHE A 1 93  ? 4.338   -3.216  -21.910 1.00 37.18  ? 132 PHE A CA  1 
ATOM   733  C  C   . PHE A 1 93  ? 3.065   -3.539  -21.138 1.00 32.95  ? 132 PHE A C   1 
ATOM   734  O  O   . PHE A 1 93  ? 3.145   -4.298  -20.161 1.00 35.74  ? 132 PHE A O   1 
ATOM   735  C  CB  . PHE A 1 93  ? 4.584   -4.222  -23.035 1.00 40.54  ? 132 PHE A CB  1 
ATOM   736  C  CG  . PHE A 1 93  ? 5.743   -3.840  -23.916 1.00 39.72  ? 132 PHE A CG  1 
ATOM   737  C  CD1 . PHE A 1 93  ? 5.611   -2.819  -24.842 1.00 42.95  ? 132 PHE A CD1 1 
ATOM   738  C  CD2 . PHE A 1 93  ? 6.973   -4.464  -23.790 1.00 43.09  ? 132 PHE A CD2 1 
ATOM   739  C  CE1 . PHE A 1 93  ? 6.678   -2.424  -25.632 1.00 43.54  ? 132 PHE A CE1 1 
ATOM   740  C  CE2 . PHE A 1 93  ? 8.039   -4.079  -24.595 1.00 41.02  ? 132 PHE A CE2 1 
ATOM   741  C  CZ  . PHE A 1 93  ? 7.892   -3.055  -25.504 1.00 40.75  ? 132 PHE A CZ  1 
ATOM   742  N  N   . GLY A 1 94  ? 1.939   -2.996  -21.575 1.00 38.60  ? 133 GLY A N   1 
ATOM   743  C  CA  . GLY A 1 94  ? 0.621   -3.427  -21.080 1.00 37.85  ? 133 GLY A CA  1 
ATOM   744  C  C   . GLY A 1 94  ? 0.471   -4.943  -20.971 1.00 40.64  ? 133 GLY A C   1 
ATOM   745  O  O   . GLY A 1 94  ? -0.079  -5.409  -19.974 1.00 37.39  ? 133 GLY A O   1 
ATOM   746  N  N   . ALA A 1 95  ? 0.909   -5.730  -21.963 1.00 39.41  ? 134 ALA A N   1 
ATOM   747  C  CA  . ALA A 1 95  ? 0.766   -7.208  -21.940 1.00 40.21  ? 134 ALA A CA  1 
ATOM   748  C  C   . ALA A 1 95  ? 1.400   -7.796  -20.676 1.00 34.79  ? 134 ALA A C   1 
ATOM   749  O  O   . ALA A 1 95  ? 0.936   -8.833  -20.135 1.00 37.07  ? 134 ALA A O   1 
ATOM   750  C  CB  . ALA A 1 95  ? 1.447   -7.777  -23.153 1.00 41.94  ? 134 ALA A CB  1 
ATOM   751  N  N   . HIS A 1 96  ? 2.523   -7.212  -20.280 1.00 36.59  ? 135 HIS A N   1 
ATOM   752  C  CA  . HIS A 1 96  ? 3.328   -7.710  -19.144 1.00 35.68  ? 135 HIS A CA  1 
ATOM   753  C  C   . HIS A 1 96  ? 2.515   -7.548  -17.866 1.00 33.04  ? 135 HIS A C   1 
ATOM   754  O  O   . HIS A 1 96  ? 2.493   -8.452  -16.987 1.00 35.40  ? 135 HIS A O   1 
ATOM   755  C  CB  . HIS A 1 96  ? 4.625   -6.900  -19.025 1.00 35.29  ? 135 HIS A CB  1 
ATOM   756  C  CG  . HIS A 1 96  ? 5.401   -7.315  -17.837 1.00 36.82  ? 135 HIS A CG  1 
ATOM   757  N  ND1 . HIS A 1 96  ? 6.290   -8.365  -17.885 1.00 38.73  ? 135 HIS A ND1 1 
ATOM   758  C  CD2 . HIS A 1 96  ? 5.415   -6.842  -16.574 1.00 34.34  ? 135 HIS A CD2 1 
ATOM   759  C  CE1 . HIS A 1 96  ? 6.825   -8.536  -16.696 1.00 44.96  ? 135 HIS A CE1 1 
ATOM   760  N  NE2 . HIS A 1 96  ? 6.290   -7.618  -15.864 1.00 42.64  ? 135 HIS A NE2 1 
ATOM   761  N  N   . TRP A 1 97  ? 1.952   -6.377  -17.728 1.00 35.24  ? 136 TRP A N   1 
ATOM   762  C  CA  . TRP A 1 97  ? 1.184   -6.008  -16.522 1.00 32.51  ? 136 TRP A CA  1 
ATOM   763  C  C   . TRP A 1 97  ? -0.103  -6.824  -16.419 1.00 38.61  ? 136 TRP A C   1 
ATOM   764  O  O   . TRP A 1 97  ? -0.487  -7.147  -15.278 1.00 37.29  ? 136 TRP A O   1 
ATOM   765  C  CB  . TRP A 1 97  ? 0.891   -4.525  -16.577 1.00 33.07  ? 136 TRP A CB  1 
ATOM   766  C  CG  . TRP A 1 97  ? 2.108   -3.670  -16.498 1.00 30.34  ? 136 TRP A CG  1 
ATOM   767  C  CD1 . TRP A 1 97  ? 2.506   -2.783  -17.441 1.00 28.13  ? 136 TRP A CD1 1 
ATOM   768  C  CD2 . TRP A 1 97  ? 3.052   -3.571  -15.423 1.00 27.81  ? 136 TRP A CD2 1 
ATOM   769  N  NE1 . TRP A 1 97  ? 3.611   -2.110  -17.028 1.00 29.78  ? 136 TRP A NE1 1 
ATOM   770  C  CE2 . TRP A 1 97  ? 3.996   -2.600  -15.814 1.00 26.45  ? 136 TRP A CE2 1 
ATOM   771  C  CE3 . TRP A 1 97  ? 3.204   -4.203  -14.183 1.00 28.53  ? 136 TRP A CE3 1 
ATOM   772  C  CZ2 . TRP A 1 97  ? 5.033   -2.194  -14.989 1.00 27.93  ? 136 TRP A CZ2 1 
ATOM   773  C  CZ3 . TRP A 1 97  ? 4.265   -3.840  -13.386 1.00 28.61  ? 136 TRP A CZ3 1 
ATOM   774  C  CH2 . TRP A 1 97  ? 5.143   -2.834  -13.777 1.00 27.09  ? 136 TRP A CH2 1 
ATOM   775  N  N   . MET A 1 98  ? -0.712  -7.184  -17.559 1.00 38.18  ? 137 MET A N   1 
ATOM   776  C  CA  . MET A 1 98  ? -2.023  -7.882  -17.594 1.00 40.20  ? 137 MET A CA  1 
ATOM   777  C  C   . MET A 1 98  ? -1.856  -9.404  -17.548 1.00 40.17  ? 137 MET A C   1 
ATOM   778  O  O   . MET A 1 98  ? -2.853  -10.041 -17.255 1.00 39.28  ? 137 MET A O   1 
ATOM   779  C  CB  . MET A 1 98  ? -2.821  -7.496  -18.842 1.00 42.26  ? 137 MET A CB  1 
ATOM   780  C  CG  . MET A 1 98  ? -3.184  -6.030  -18.882 1.00 44.47  ? 137 MET A CG  1 
ATOM   781  S  SD  . MET A 1 98  ? -4.377  -5.627  -20.195 1.00 43.30  ? 137 MET A SD  1 
ATOM   782  C  CE  . MET A 1 98  ? -3.269  -5.453  -21.597 1.00 49.13  ? 137 MET A CE  1 
ATOM   783  N  N   . LYS A 1 99  ? -0.656  -9.975  -17.717 1.00 43.66  ? 138 LYS A N   1 
ATOM   784  C  CA  . LYS A 1 99  ? -0.493  -11.456 -17.822 1.00 46.69  ? 138 LYS A CA  1 
ATOM   785  C  C   . LYS A 1 99  ? -0.564  -12.120 -16.440 1.00 48.43  ? 138 LYS A C   1 
ATOM   786  O  O   . LYS A 1 99  ? -0.889  -13.332 -16.379 1.00 48.88  ? 138 LYS A O   1 
ATOM   787  C  CB  . LYS A 1 99  ? 0.765   -11.843 -18.614 1.00 47.64  ? 138 LYS A CB  1 
ATOM   788  C  CG  . LYS A 1 99  ? 2.126   -11.591 -17.979 1.00 51.95  ? 138 LYS A CG  1 
ATOM   789  C  CD  . LYS A 1 99  ? 3.272   -12.245 -18.779 1.00 61.54  ? 138 LYS A CD  1 
ATOM   790  C  CE  . LYS A 1 99  ? 4.670   -12.058 -18.209 1.00 64.75  ? 138 LYS A CE  1 
ATOM   791  N  NZ  . LYS A 1 99  ? 5.497   -11.107 -19.003 1.00 69.98  ? 138 LYS A NZ  1 
ATOM   792  N  N   . ALA A 1 100 ? -0.323  -11.385 -15.352 1.00 43.56  ? 139 ALA A N   1 
ATOM   793  C  CA  . ALA A 1 100 ? -0.479  -11.906 -13.975 1.00 39.53  ? 139 ALA A CA  1 
ATOM   794  C  C   . ALA A 1 100 ? -0.736  -10.744 -13.023 1.00 38.31  ? 139 ALA A C   1 
ATOM   795  O  O   . ALA A 1 100 ? -0.398  -9.619  -13.363 1.00 37.70  ? 139 ALA A O   1 
ATOM   796  C  CB  . ALA A 1 100 ? 0.756   -12.670 -13.565 1.00 43.56  ? 139 ALA A CB  1 
ATOM   797  N  N   . PRO A 1 101 ? -1.301  -10.983 -11.817 1.00 39.25  ? 140 PRO A N   1 
ATOM   798  C  CA  . PRO A 1 101 ? -1.495  -9.917  -10.848 1.00 38.57  ? 140 PRO A CA  1 
ATOM   799  C  C   . PRO A 1 101 ? -0.180  -9.164  -10.632 1.00 36.89  ? 140 PRO A C   1 
ATOM   800  O  O   . PRO A 1 101 ? 0.868   -9.763  -10.587 1.00 33.41  ? 140 PRO A O   1 
ATOM   801  C  CB  . PRO A 1 101 ? -1.924  -10.642 -9.568  1.00 42.06  ? 140 PRO A CB  1 
ATOM   802  C  CG  . PRO A 1 101 ? -2.605  -11.904 -10.069 1.00 44.01  ? 140 PRO A CG  1 
ATOM   803  C  CD  . PRO A 1 101 ? -1.854  -12.268 -11.338 1.00 43.95  ? 140 PRO A CD  1 
ATOM   804  N  N   . VAL A 1 102 ? -0.264  -7.848  -10.544 1.00 33.38  ? 141 VAL A N   1 
ATOM   805  C  CA  . VAL A 1 102 ? 0.915   -6.994  -10.251 1.00 31.36  ? 141 VAL A CA  1 
ATOM   806  C  C   . VAL A 1 102 ? 1.147   -7.006  -8.735  1.00 32.36  ? 141 VAL A C   1 
ATOM   807  O  O   . VAL A 1 102 ? 0.294   -6.509  -7.958  1.00 30.79  ? 141 VAL A O   1 
ATOM   808  C  CB  . VAL A 1 102 ? 0.734   -5.585  -10.825 1.00 30.07  ? 141 VAL A CB  1 
ATOM   809  C  CG1 . VAL A 1 102 ? 1.952   -4.731  -10.576 1.00 29.34  ? 141 VAL A CG1 1 
ATOM   810  C  CG2 . VAL A 1 102 ? 0.346   -5.635  -12.304 1.00 30.95  ? 141 VAL A CG2 1 
ATOM   811  N  N   . SER A 1 103 ? 2.269   -7.563  -8.306  1.00 32.48  ? 142 SER A N   1 
ATOM   812  C  CA  . SER A 1 103 ? 2.505   -7.865  -6.878  1.00 33.71  ? 142 SER A CA  1 
ATOM   813  C  C   . SER A 1 103 ? 3.576   -6.923  -6.302  1.00 31.43  ? 142 SER A C   1 
ATOM   814  O  O   . SER A 1 103 ? 4.709   -6.944  -6.768  1.00 30.86  ? 142 SER A O   1 
ATOM   815  C  CB  . SER A 1 103 ? 2.856   -9.305  -6.768  1.00 34.89  ? 142 SER A CB  1 
ATOM   816  O  OG  . SER A 1 103 ? 3.149   -9.641  -5.441  1.00 37.62  ? 142 SER A OG  1 
ATOM   817  N  N   . PHE A 1 104 ? 3.247   -6.129  -5.282  1.00 27.70  ? 143 PHE A N   1 
ATOM   818  C  CA  . PHE A 1 104 ? 4.204   -5.170  -4.663  1.00 27.77  ? 143 PHE A CA  1 
ATOM   819  C  C   . PHE A 1 104 ? 4.933   -5.853  -3.486  1.00 31.63  ? 143 PHE A C   1 
ATOM   820  O  O   . PHE A 1 104 ? 4.968   -5.358  -2.343  1.00 30.66  ? 143 PHE A O   1 
ATOM   821  C  CB  . PHE A 1 104 ? 3.441   -3.889  -4.294  1.00 29.25  ? 143 PHE A CB  1 
ATOM   822  C  CG  . PHE A 1 104 ? 2.989   -3.095  -5.502  1.00 29.02  ? 143 PHE A CG  1 
ATOM   823  C  CD1 . PHE A 1 104 ? 3.771   -2.083  -6.035  1.00 27.00  ? 143 PHE A CD1 1 
ATOM   824  C  CD2 . PHE A 1 104 ? 1.768   -3.361  -6.096  1.00 29.59  ? 143 PHE A CD2 1 
ATOM   825  C  CE1 . PHE A 1 104 ? 3.319   -1.317  -7.094  1.00 30.98  ? 143 PHE A CE1 1 
ATOM   826  C  CE2 . PHE A 1 104 ? 1.322   -2.595  -7.165  1.00 32.36  ? 143 PHE A CE2 1 
ATOM   827  C  CZ  . PHE A 1 104 ? 2.117   -1.612  -7.687  1.00 29.84  ? 143 PHE A CZ  1 
ATOM   828  N  N   . SER A 1 105 ? 5.574   -6.985  -3.753  1.00 33.11  ? 144 SER A N   1 
ATOM   829  C  CA  . SER A 1 105 ? 6.136   -7.856  -2.692  1.00 32.36  ? 144 SER A CA  1 
ATOM   830  C  C   . SER A 1 105 ? 7.429   -7.272  -2.108  1.00 31.85  ? 144 SER A C   1 
ATOM   831  O  O   . SER A 1 105 ? 7.778   -7.684  -0.965  1.00 34.98  ? 144 SER A O   1 
ATOM   832  C  CB  . SER A 1 105 ? 6.312   -9.250  -3.204  1.00 33.23  ? 144 SER A CB  1 
ATOM   833  O  OG  . SER A 1 105 ? 7.206   -9.231  -4.283  1.00 36.19  ? 144 SER A OG  1 
ATOM   834  N  N   . LYS A 1 106 ? 8.096   -6.349  -2.801  1.00 30.20  ? 145 LYS A N   1 
ATOM   835  C  CA  . LYS A 1 106 ? 9.463   -5.884  -2.425  1.00 31.48  ? 145 LYS A CA  1 
ATOM   836  C  C   . LYS A 1 106 ? 9.434   -4.482  -1.818  1.00 32.67  ? 145 LYS A C   1 
ATOM   837  O  O   . LYS A 1 106 ? 10.493  -3.994  -1.369  1.00 31.69  ? 145 LYS A O   1 
ATOM   838  C  CB  . LYS A 1 106 ? 10.410  -5.908  -3.628  1.00 32.02  ? 145 LYS A CB  1 
ATOM   839  C  CG  . LYS A 1 106 ? 10.539  -7.262  -4.288  1.00 31.02  ? 145 LYS A CG  1 
ATOM   840  C  CD  . LYS A 1 106 ? 11.029  -8.298  -3.334  1.00 32.97  ? 145 LYS A CD  1 
ATOM   841  C  CE  . LYS A 1 106 ? 11.627  -9.482  -4.065  1.00 33.12  ? 145 LYS A CE  1 
ATOM   842  N  NZ  . LYS A 1 106 ? 12.076  -10.469 -3.067  1.00 37.59  ? 145 LYS A NZ  1 
ATOM   843  N  N   . VAL A 1 107 ? 8.257   -3.850  -1.729  1.00 30.49  ? 146 VAL A N   1 
ATOM   844  C  CA  . VAL A 1 107 ? 8.194   -2.551  -1.023  1.00 30.54  ? 146 VAL A CA  1 
ATOM   845  C  C   . VAL A 1 107 ? 8.443   -2.792  0.459   1.00 26.83  ? 146 VAL A C   1 
ATOM   846  O  O   . VAL A 1 107 ? 7.846   -3.719  1.032   1.00 28.52  ? 146 VAL A O   1 
ATOM   847  C  CB  . VAL A 1 107 ? 6.881   -1.777  -1.257  1.00 27.63  ? 146 VAL A CB  1 
ATOM   848  C  CG1 . VAL A 1 107 ? 5.670   -2.475  -0.667  1.00 29.64  ? 146 VAL A CG1 1 
ATOM   849  C  CG2 . VAL A 1 107 ? 7.009   -0.371  -0.709  1.00 28.51  ? 146 VAL A CG2 1 
ATOM   850  N  N   . LYS A 1 108 ? 9.278   -1.937  1.032   1.00 30.11  ? 147 LYS A N   1 
ATOM   851  C  CA  . LYS A 1 108 ? 9.609   -1.943  2.482   1.00 33.48  ? 147 LYS A CA  1 
ATOM   852  C  C   . LYS A 1 108 ? 9.152   -0.642  3.135   1.00 31.99  ? 147 LYS A C   1 
ATOM   853  O  O   . LYS A 1 108 ? 9.477   0.438   2.632   1.00 34.14  ? 147 LYS A O   1 
ATOM   854  C  CB  . LYS A 1 108 ? 11.112  -2.085  2.700   1.00 40.26  ? 147 LYS A CB  1 
ATOM   855  C  CG  . LYS A 1 108 ? 11.668  -3.436  2.294   1.00 44.22  ? 147 LYS A CG  1 
ATOM   856  C  CD  . LYS A 1 108 ? 13.160  -3.417  2.047   1.00 48.86  ? 147 LYS A CD  1 
ATOM   857  C  CE  . LYS A 1 108 ? 13.955  -4.053  3.156   1.00 50.11  ? 147 LYS A CE  1 
ATOM   858  N  NZ  . LYS A 1 108 ? 15.298  -4.440  2.659   1.00 47.79  ? 147 LYS A NZ  1 
ATOM   859  N  N   . LEU A 1 109 ? 8.427   -0.776  4.232   1.00 35.43  ? 148 LEU A N   1 
ATOM   860  C  CA  . LEU A 1 109 ? 7.874   0.357   5.022   1.00 33.93  ? 148 LEU A CA  1 
ATOM   861  C  C   . LEU A 1 109 ? 8.828   0.645   6.182   1.00 37.32  ? 148 LEU A C   1 
ATOM   862  O  O   . LEU A 1 109 ? 9.097   -0.299  6.958   1.00 34.59  ? 148 LEU A O   1 
ATOM   863  C  CB  . LEU A 1 109 ? 6.499   -0.059  5.531   1.00 30.32  ? 148 LEU A CB  1 
ATOM   864  C  CG  . LEU A 1 109 ? 5.499   -0.512  4.457   1.00 29.52  ? 148 LEU A CG  1 
ATOM   865  C  CD1 . LEU A 1 109 ? 4.123   -0.765  5.056   1.00 31.93  ? 148 LEU A CD1 1 
ATOM   866  C  CD2 . LEU A 1 109 ? 5.467   0.496   3.318   1.00 31.40  ? 148 LEU A CD2 1 
ATOM   867  N  N   . THR A 1 110 ? 9.303   1.882   6.280   1.00 36.66  ? 149 THR A N   1 
ATOM   868  C  CA  . THR A 1 110 ? 10.234  2.323   7.349   1.00 40.80  ? 149 THR A CA  1 
ATOM   869  C  C   . THR A 1 110 ? 9.607   3.464   8.150   1.00 42.50  ? 149 THR A C   1 
ATOM   870  O  O   . THR A 1 110 ? 8.629   4.093   7.651   1.00 37.81  ? 149 THR A O   1 
ATOM   871  C  CB  . THR A 1 110 ? 11.613  2.711   6.780   1.00 41.47  ? 149 THR A CB  1 
ATOM   872  O  OG1 . THR A 1 110 ? 12.485  3.026   7.870   1.00 43.07  ? 149 THR A OG1 1 
ATOM   873  C  CG2 . THR A 1 110 ? 11.598  3.889   5.831   1.00 39.13  ? 149 THR A CG2 1 
ATOM   874  N  N   . ASN A 1 111 ? 10.215  3.763   9.306   1.00 42.35  ? 150 ASN A N   1 
ATOM   875  C  CA  . ASN A 1 111 ? 9.926   4.973   10.125  1.00 46.67  ? 150 ASN A CA  1 
ATOM   876  C  C   . ASN A 1 111 ? 11.065  6.002   10.043  1.00 51.98  ? 150 ASN A C   1 
ATOM   877  O  O   . ASN A 1 111 ? 10.924  7.026   10.707  1.00 48.72  ? 150 ASN A O   1 
ATOM   878  C  CB  . ASN A 1 111 ? 9.590   4.621   11.583  1.00 46.47  ? 150 ASN A CB  1 
ATOM   879  C  CG  . ASN A 1 111 ? 10.559  3.654   12.241  1.00 45.06  ? 150 ASN A CG  1 
ATOM   880  O  OD1 . ASN A 1 111 ? 10.238  3.082   13.274  1.00 52.74  ? 150 ASN A OD1 1 
ATOM   881  N  ND2 . ASN A 1 111 ? 11.719  3.444   11.654  1.00 43.42  ? 150 ASN A ND2 1 
ATOM   882  N  N   . LYS A 1 112 ? 12.122  5.800   9.244   1.00 56.61  ? 151 LYS A N   1 
ATOM   883  C  CA  . LYS A 1 112 ? 13.306  6.718   9.215   1.00 65.20  ? 151 LYS A CA  1 
ATOM   884  C  C   . LYS A 1 112 ? 13.655  7.091   7.771   1.00 70.19  ? 151 LYS A C   1 
ATOM   885  O  O   . LYS A 1 112 ? 13.707  6.170   6.930   1.00 69.42  ? 151 LYS A O   1 
ATOM   886  C  CB  . LYS A 1 112 ? 14.522  6.071   9.895   1.00 72.60  ? 151 LYS A CB  1 
ATOM   887  C  CG  . LYS A 1 112 ? 14.339  5.671   11.360  1.00 77.22  ? 151 LYS A CG  1 
ATOM   888  C  CD  . LYS A 1 112 ? 14.711  6.745   12.374  1.00 80.71  ? 151 LYS A CD  1 
ATOM   889  C  CE  . LYS A 1 112 ? 14.607  6.252   13.804  1.00 79.62  ? 151 LYS A CE  1 
ATOM   890  N  NZ  . LYS A 1 112 ? 14.745  7.363   14.775  1.00 81.83  ? 151 LYS A NZ  1 
ATOM   891  N  N   . LEU A 1 113 ? 13.887  8.384   7.497   1.00 77.81  ? 152 LEU A N   1 
ATOM   892  C  CA  . LEU A 1 113 ? 14.406  8.877   6.187   1.00 81.69  ? 152 LEU A CA  1 
ATOM   893  C  C   . LEU A 1 113 ? 15.684  8.095   5.861   1.00 87.28  ? 152 LEU A C   1 
ATOM   894  O  O   . LEU A 1 113 ? 16.570  8.022   6.736   1.00 89.29  ? 152 LEU A O   1 
ATOM   895  C  CB  . LEU A 1 113 ? 14.633  10.399  6.178   1.00 82.32  ? 152 LEU A CB  1 
ATOM   896  C  CG  . LEU A 1 113 ? 15.089  11.116  7.459   1.00 84.56  ? 152 LEU A CG  1 
ATOM   897  C  CD1 . LEU A 1 113 ? 13.908  11.570  8.309   1.00 83.61  ? 152 LEU A CD1 1 
ATOM   898  C  CD2 . LEU A 1 113 ? 16.082  10.314  8.296   1.00 86.87  ? 152 LEU A CD2 1 
ATOM   899  N  N   . ASN A 1 114 ? 15.746  7.479   4.676   1.00 93.04  ? 153 ASN A N   1 
ATOM   900  C  CA  . ASN A 1 114 ? 16.694  6.368   4.385   1.00 101.20 ? 153 ASN A CA  1 
ATOM   901  C  C   . ASN A 1 114 ? 17.170  6.414   2.927   1.00 100.09 ? 153 ASN A C   1 
ATOM   902  O  O   . ASN A 1 114 ? 16.501  7.074   2.099   1.00 101.77 ? 153 ASN A O   1 
ATOM   903  C  CB  . ASN A 1 114 ? 16.073  5.006   4.719   1.00 103.79 ? 153 ASN A CB  1 
ATOM   904  C  CG  . ASN A 1 114 ? 16.047  4.700   6.206   1.00 107.72 ? 153 ASN A CG  1 
ATOM   905  O  OD1 . ASN A 1 114 ? 16.923  5.124   6.962   1.00 104.98 ? 153 ASN A OD1 1 
ATOM   906  N  ND2 . ASN A 1 114 ? 15.040  3.956   6.635   1.00 105.47 ? 153 ASN A ND2 1 
ATOM   907  N  N   . GLY A 1 115 ? 18.269  5.693   2.654   1.00 100.64 ? 154 GLY A N   1 
ATOM   908  C  CA  . GLY A 1 115 ? 19.056  5.707   1.402   1.00 99.16  ? 154 GLY A CA  1 
ATOM   909  C  C   . GLY A 1 115 ? 18.189  5.705   0.158   1.00 90.89  ? 154 GLY A C   1 
ATOM   910  O  O   . GLY A 1 115 ? 18.185  6.716   -0.564  1.00 88.61  ? 154 GLY A O   1 
ATOM   911  N  N   . GLY A 1 116 ? 17.482  4.607   -0.093  1.00 84.85  ? 155 GLY A N   1 
ATOM   912  C  CA  . GLY A 1 116 ? 16.609  4.480   -1.273  1.00 82.87  ? 155 GLY A CA  1 
ATOM   913  C  C   . GLY A 1 116 ? 15.759  3.236   -1.191  1.00 76.21  ? 155 GLY A C   1 
ATOM   914  O  O   . GLY A 1 116 ? 16.039  2.380   -0.344  1.00 82.10  ? 155 GLY A O   1 
ATOM   915  N  N   . GLY A 1 117 ? 14.765  3.132   -2.064  1.00 71.01  ? 156 GLY A N   1 
ATOM   916  C  CA  . GLY A 1 117 ? 13.800  2.022   -2.058  1.00 66.95  ? 156 GLY A CA  1 
ATOM   917  C  C   . GLY A 1 117 ? 12.738  2.250   -1.001  1.00 58.76  ? 156 GLY A C   1 
ATOM   918  O  O   . GLY A 1 117 ? 11.611  2.601   -1.387  1.00 60.70  ? 156 GLY A O   1 
ATOM   919  N  N   . GLN A 1 118 ? 13.099  2.126   0.283   1.00 54.28  ? 157 GLN A N   1 
ATOM   920  C  CA  . GLN A 1 118 ? 12.133  2.076   1.419   1.00 48.77  ? 157 GLN A CA  1 
ATOM   921  C  C   . GLN A 1 118 ? 11.228  3.308   1.388   1.00 44.02  ? 157 GLN A C   1 
ATOM   922  O  O   . GLN A 1 118 ? 11.681  4.361   0.964   1.00 43.89  ? 157 GLN A O   1 
ATOM   923  C  CB  . GLN A 1 118 ? 12.802  2.046   2.798   1.00 50.69  ? 157 GLN A CB  1 
ATOM   924  C  CG  . GLN A 1 118 ? 13.804  0.930   2.992   1.00 57.42  ? 157 GLN A CG  1 
ATOM   925  C  CD  . GLN A 1 118 ? 15.187  1.495   3.187   1.00 61.40  ? 157 GLN A CD  1 
ATOM   926  O  OE1 . GLN A 1 118 ? 15.702  1.537   4.299   1.00 72.59  ? 157 GLN A OE1 1 
ATOM   927  N  NE2 . GLN A 1 118 ? 15.785  1.970   2.111   1.00 50.35  ? 157 GLN A NE2 1 
ATOM   928  N  N   . ILE A 1 119 ? 9.973   3.140   1.803   1.00 38.83  ? 158 ILE A N   1 
ATOM   929  C  CA  . ILE A 1 119 ? 8.982   4.242   1.896   1.00 37.79  ? 158 ILE A CA  1 
ATOM   930  C  C   . ILE A 1 119 ? 8.793   4.563   3.374   1.00 34.10  ? 158 ILE A C   1 
ATOM   931  O  O   . ILE A 1 119 ? 8.365   3.663   4.117   1.00 33.54  ? 158 ILE A O   1 
ATOM   932  C  CB  . ILE A 1 119 ? 7.654   3.832   1.242   1.00 35.39  ? 158 ILE A CB  1 
ATOM   933  C  CG1 . ILE A 1 119 ? 7.829   3.490   -0.240  1.00 34.74  ? 158 ILE A CG1 1 
ATOM   934  C  CG2 . ILE A 1 119 ? 6.593   4.880   1.493   1.00 36.16  ? 158 ILE A CG2 1 
ATOM   935  C  CD1 . ILE A 1 119 ? 8.470   4.592   -1.088  1.00 36.73  ? 158 ILE A CD1 1 
ATOM   936  N  N   . MET A 1 120 ? 9.028   5.819   3.741   1.00 37.48  ? 159 MET A N   1 
ATOM   937  C  CA  . MET A 1 120 ? 8.925   6.286   5.146   1.00 39.90  ? 159 MET A CA  1 
ATOM   938  C  C   . MET A 1 120 ? 7.470   6.615   5.454   1.00 37.67  ? 159 MET A C   1 
ATOM   939  O  O   . MET A 1 120 ? 6.854   7.395   4.710   1.00 38.06  ? 159 MET A O   1 
ATOM   940  C  CB  . MET A 1 120 ? 9.781   7.532   5.386   1.00 44.55  ? 159 MET A CB  1 
ATOM   941  C  CG  . MET A 1 120 ? 9.778   7.987   6.843   1.00 51.79  ? 159 MET A CG  1 
ATOM   942  S  SD  . MET A 1 120 ? 10.814  9.442   7.057   1.00 63.83  ? 159 MET A SD  1 
ATOM   943  C  CE  . MET A 1 120 ? 9.691   10.728  6.499   1.00 67.59  ? 159 MET A CE  1 
ATOM   944  N  N   . LEU A 1 121 ? 6.916   5.970   6.472   1.00 33.51  ? 160 LEU A N   1 
ATOM   945  C  CA  . LEU A 1 121 ? 5.578   6.313   6.997   1.00 31.93  ? 160 LEU A CA  1 
ATOM   946  C  C   . LEU A 1 121 ? 5.753   6.830   8.420   1.00 38.94  ? 160 LEU A C   1 
ATOM   947  O  O   . LEU A 1 121 ? 6.799   6.508   9.036   1.00 38.24  ? 160 LEU A O   1 
ATOM   948  C  CB  . LEU A 1 121 ? 4.704   5.063   6.973   1.00 34.91  ? 160 LEU A CB  1 
ATOM   949  C  CG  . LEU A 1 121 ? 4.548   4.388   5.624   1.00 30.71  ? 160 LEU A CG  1 
ATOM   950  C  CD1 . LEU A 1 121 ? 3.635   3.180   5.746   1.00 29.33  ? 160 LEU A CD1 1 
ATOM   951  C  CD2 . LEU A 1 121 ? 4.013   5.382   4.574   1.00 33.73  ? 160 LEU A CD2 1 
ATOM   952  N  N   . ASN A 1 122 ? 4.759   7.560   8.921   1.00 42.56  ? 161 ASN A N   1 
ATOM   953  C  CA  . ASN A 1 122 ? 4.680   7.962   10.349  1.00 42.83  ? 161 ASN A CA  1 
ATOM   954  C  C   . ASN A 1 122 ? 4.025   6.835   11.146  1.00 43.97  ? 161 ASN A C   1 
ATOM   955  O  O   . ASN A 1 122 ? 2.849   6.452   10.863  1.00 37.07  ? 161 ASN A O   1 
ATOM   956  C  CB  . ASN A 1 122 ? 3.863   9.226   10.582  1.00 42.33  ? 161 ASN A CB  1 
ATOM   957  C  CG  . ASN A 1 122 ? 4.441   10.445  9.906   1.00 46.08  ? 161 ASN A CG  1 
ATOM   958  O  OD1 . ASN A 1 122 ? 5.656   10.622  9.894   1.00 46.55  ? 161 ASN A OD1 1 
ATOM   959  N  ND2 . ASN A 1 122 ? 3.570   11.290  9.369   1.00 49.96  ? 161 ASN A ND2 1 
ATOM   960  N  N   . SER A 1 123 ? 4.719   6.362   12.170  1.00 35.77  ? 162 SER A N   1 
ATOM   961  C  CA  . SER A 1 123 ? 4.171   5.346   13.089  1.00 37.74  ? 162 SER A CA  1 
ATOM   962  C  C   . SER A 1 123 ? 2.861   5.863   13.692  1.00 31.40  ? 162 SER A C   1 
ATOM   963  O  O   . SER A 1 123 ? 2.770   7.065   13.935  1.00 34.92  ? 162 SER A O   1 
ATOM   964  C  CB  . SER A 1 123 ? 5.170   4.994   14.163  1.00 42.19  ? 162 SER A CB  1 
ATOM   965  O  OG  . SER A 1 123 ? 4.820   3.722   14.673  1.00 49.21  ? 162 SER A OG  1 
ATOM   966  N  N   . LEU A 1 124 ? 1.890   4.976   13.925  1.00 33.33  ? 163 LEU A N   1 
ATOM   967  C  CA  . LEU A 1 124 ? 0.574   5.263   14.561  1.00 31.79  ? 163 LEU A CA  1 
ATOM   968  C  C   . LEU A 1 124 ? -0.294  6.212   13.704  1.00 33.69  ? 163 LEU A C   1 
ATOM   969  O  O   . LEU A 1 124 ? -1.276  6.765   14.236  1.00 33.93  ? 163 LEU A O   1 
ATOM   970  C  CB  . LEU A 1 124 ? 0.814   5.823   15.967  1.00 37.68  ? 163 LEU A CB  1 
ATOM   971  C  CG  . LEU A 1 124 ? 1.531   4.853   16.921  1.00 39.74  ? 163 LEU A CG  1 
ATOM   972  C  CD1 . LEU A 1 124 ? 1.577   5.417   18.332  1.00 44.88  ? 163 LEU A CD1 1 
ATOM   973  C  CD2 . LEU A 1 124 ? 0.861   3.485   16.943  1.00 38.17  ? 163 LEU A CD2 1 
ATOM   974  N  N   . HIS A 1 125 ? 0.029   6.371   12.424  1.00 30.85  ? 164 HIS A N   1 
ATOM   975  C  CA  . HIS A 1 125 ? -0.915  6.950   11.429  1.00 31.99  ? 164 HIS A CA  1 
ATOM   976  C  C   . HIS A 1 125 ? -1.540  5.826   10.596  1.00 31.94  ? 164 HIS A C   1 
ATOM   977  O  O   . HIS A 1 125 ? -0.895  4.750   10.342  1.00 26.32  ? 164 HIS A O   1 
ATOM   978  C  CB  . HIS A 1 125 ? -0.253  8.034   10.602  1.00 33.37  ? 164 HIS A CB  1 
ATOM   979  C  CG  . HIS A 1 125 ? 0.076   9.211   11.452  1.00 41.17  ? 164 HIS A CG  1 
ATOM   980  N  ND1 . HIS A 1 125 ? 0.926   9.107   12.547  1.00 46.02  ? 164 HIS A ND1 1 
ATOM   981  C  CD2 . HIS A 1 125 ? -0.372  10.485  11.425  1.00 44.95  ? 164 HIS A CD2 1 
ATOM   982  C  CE1 . HIS A 1 125 ? 1.016   10.290  13.139  1.00 44.90  ? 164 HIS A CE1 1 
ATOM   983  N  NE2 . HIS A 1 125 ? 0.226   11.151  12.471  1.00 48.43  ? 164 HIS A NE2 1 
ATOM   984  N  N   . LYS A 1 126 ? -2.738  6.133   10.128  1.00 29.31  ? 165 LYS A N   1 
ATOM   985  C  CA  . LYS A 1 126 ? -3.564  5.246   9.312   1.00 29.06  ? 165 LYS A CA  1 
ATOM   986  C  C   . LYS A 1 126 ? -3.365  5.641   7.843   1.00 31.04  ? 165 LYS A C   1 
ATOM   987  O  O   . LYS A 1 126 ? -3.418  6.846   7.531   1.00 28.51  ? 165 LYS A O   1 
ATOM   988  C  CB  . LYS A 1 126 ? -4.993  5.376   9.796   1.00 31.18  ? 165 LYS A CB  1 
ATOM   989  C  CG  . LYS A 1 126 ? -5.954  4.398   9.159   1.00 35.54  ? 165 LYS A CG  1 
ATOM   990  C  CD  . LYS A 1 126 ? -7.347  4.491   9.709   1.00 39.78  ? 165 LYS A CD  1 
ATOM   991  C  CE  . LYS A 1 126 ? -7.586  3.546   10.871  1.00 42.60  ? 165 LYS A CE  1 
ATOM   992  N  NZ  . LYS A 1 126 ? -9.018  3.485   11.249  1.00 43.07  ? 165 LYS A NZ  1 
ATOM   993  N  N   . TYR A 1 127 ? -3.180  4.638   6.999   1.00 28.36  ? 166 TYR A N   1 
ATOM   994  C  CA  . TYR A 1 127 ? -2.753  4.781   5.590   1.00 24.42  ? 166 TYR A CA  1 
ATOM   995  C  C   . TYR A 1 127 ? -3.693  3.978   4.709   1.00 25.24  ? 166 TYR A C   1 
ATOM   996  O  O   . TYR A 1 127 ? -4.155  2.880   5.065   1.00 24.61  ? 166 TYR A O   1 
ATOM   997  C  CB  . TYR A 1 127 ? -1.289  4.383   5.395   1.00 24.89  ? 166 TYR A CB  1 
ATOM   998  C  CG  . TYR A 1 127 ? -0.322  5.354   6.005   1.00 27.48  ? 166 TYR A CG  1 
ATOM   999  C  CD1 . TYR A 1 127 ? -0.019  6.540   5.390   1.00 26.96  ? 166 TYR A CD1 1 
ATOM   1000 C  CD2 . TYR A 1 127 ? 0.237   5.109   7.247   1.00 29.29  ? 166 TYR A CD2 1 
ATOM   1001 C  CE1 . TYR A 1 127 ? 0.858   7.452   5.944   1.00 30.73  ? 166 TYR A CE1 1 
ATOM   1002 C  CE2 . TYR A 1 127 ? 1.093   6.028   7.826   1.00 28.27  ? 166 TYR A CE2 1 
ATOM   1003 C  CZ  . TYR A 1 127 ? 1.398   7.204   7.183   1.00 31.30  ? 166 TYR A CZ  1 
ATOM   1004 O  OH  . TYR A 1 127 ? 2.249   8.099   7.773   1.00 36.54  ? 166 TYR A OH  1 
ATOM   1005 N  N   . GLU A 1 128 ? -3.932  4.529   3.514   1.00 25.37  ? 167 GLU A N   1 
ATOM   1006 C  CA  . GLU A 1 128 ? -4.697  3.868   2.432   1.00 24.76  ? 167 GLU A CA  1 
ATOM   1007 C  C   . GLU A 1 128 ? -3.786  3.740   1.222   1.00 25.83  ? 167 GLU A C   1 
ATOM   1008 O  O   . GLU A 1 128 ? -3.376  4.740   0.632   1.00 23.48  ? 167 GLU A O   1 
ATOM   1009 C  CB  . GLU A 1 128 ? -5.942  4.682   2.047   1.00 22.45  ? 167 GLU A CB  1 
ATOM   1010 C  CG  . GLU A 1 128 ? -6.825  3.979   1.057   1.00 24.49  ? 167 GLU A CG  1 
ATOM   1011 C  CD  . GLU A 1 128 ? -8.187  4.669   0.934   1.00 22.81  ? 167 GLU A CD  1 
ATOM   1012 O  OE1 . GLU A 1 128 ? -8.218  5.658   0.142   1.00 25.50  ? 167 GLU A OE1 1 
ATOM   1013 O  OE2 . GLU A 1 128 ? -9.117  4.210   1.578   1.00 20.95  ? 167 GLU A OE2 1 
ATOM   1014 N  N   . PRO A 1 129 ? -3.321  2.505   0.932   1.00 23.38  ? 168 PRO A N   1 
ATOM   1015 C  CA  . PRO A 1 129 ? -2.542  2.267   -0.268  1.00 24.85  ? 168 PRO A CA  1 
ATOM   1016 C  C   . PRO A 1 129 ? -3.265  2.781   -1.531  1.00 21.96  ? 168 PRO A C   1 
ATOM   1017 O  O   . PRO A 1 129 ? -4.472  2.603   -1.606  1.00 24.56  ? 168 PRO A O   1 
ATOM   1018 C  CB  . PRO A 1 129 ? -2.398  0.750   -0.315  1.00 25.04  ? 168 PRO A CB  1 
ATOM   1019 C  CG  . PRO A 1 129 ? -2.459  0.345   1.171   1.00 24.14  ? 168 PRO A CG  1 
ATOM   1020 C  CD  . PRO A 1 129 ? -3.467  1.303   1.785   1.00 26.25  ? 168 PRO A CD  1 
ATOM   1021 N  N   . ARG A 1 130 ? -2.462  3.248   -2.480  1.00 23.27  ? 169 ARG A N   1 
ATOM   1022 C  CA  . ARG A 1 130 ? -2.897  3.895   -3.742  1.00 25.21  ? 169 ARG A CA  1 
ATOM   1023 C  C   . ARG A 1 130 ? -1.865  3.577   -4.833  1.00 24.88  ? 169 ARG A C   1 
ATOM   1024 O  O   . ARG A 1 130 ? -0.645  3.693   -4.606  1.00 25.61  ? 169 ARG A O   1 
ATOM   1025 C  CB  . ARG A 1 130 ? -3.120  5.395   -3.509  1.00 26.03  ? 169 ARG A CB  1 
ATOM   1026 C  CG  . ARG A 1 130 ? -3.591  6.148   -4.755  1.00 28.23  ? 169 ARG A CG  1 
ATOM   1027 C  CD  . ARG A 1 130 ? -3.844  7.585   -4.355  1.00 24.01  ? 169 ARG A CD  1 
ATOM   1028 N  NE  . ARG A 1 130 ? -2.605  8.285   -4.154  1.00 25.38  ? 169 ARG A NE  1 
ATOM   1029 C  CZ  . ARG A 1 130 ? -2.482  9.557   -3.916  1.00 25.60  ? 169 ARG A CZ  1 
ATOM   1030 N  NH1 . ARG A 1 130 ? -3.569  10.312  -3.815  1.00 25.80  ? 169 ARG A NH1 1 
ATOM   1031 N  NH2 . ARG A 1 130 ? -1.286  10.092  -3.810  1.00 24.56  ? 169 ARG A NH2 1 
ATOM   1032 N  N   . ILE A 1 131 ? -2.328  3.198   -6.013  1.00 24.72  ? 170 ILE A N   1 
ATOM   1033 C  CA  . ILE A 1 131 ? -1.399  3.027   -7.151  1.00 24.85  ? 170 ILE A CA  1 
ATOM   1034 C  C   . ILE A 1 131 ? -1.684  4.113   -8.201  1.00 30.02  ? 170 ILE A C   1 
ATOM   1035 O  O   . ILE A 1 131 ? -2.790  4.701   -8.225  1.00 25.86  ? 170 ILE A O   1 
ATOM   1036 C  CB  . ILE A 1 131 ? -1.465  1.605   -7.709  1.00 27.73  ? 170 ILE A CB  1 
ATOM   1037 C  CG1 . ILE A 1 131 ? -2.852  1.282   -8.244  1.00 29.05  ? 170 ILE A CG1 1 
ATOM   1038 C  CG2 . ILE A 1 131 ? -1.016  0.587   -6.670  1.00 28.83  ? 170 ILE A CG2 1 
ATOM   1039 C  CD1 . ILE A 1 131 ? -2.876  0.131   -9.216  1.00 36.86  ? 170 ILE A CD1 1 
ATOM   1040 N  N   . HIS A 1 132 ? -0.654  4.406   -8.964  1.00 26.89  ? 171 HIS A N   1 
ATOM   1041 C  CA  . HIS A 1 132 ? -0.724  5.229   -10.180 1.00 25.85  ? 171 HIS A CA  1 
ATOM   1042 C  C   . HIS A 1 132 ? -0.219  4.370   -11.328 1.00 27.92  ? 171 HIS A C   1 
ATOM   1043 O  O   . HIS A 1 132 ? 0.906   3.797   -11.189 1.00 27.51  ? 171 HIS A O   1 
ATOM   1044 C  CB  . HIS A 1 132 ? 0.107   6.473   -10.032 1.00 25.91  ? 171 HIS A CB  1 
ATOM   1045 C  CG  . HIS A 1 132 ? -0.164  7.203   -8.773  1.00 32.17  ? 171 HIS A CG  1 
ATOM   1046 N  ND1 . HIS A 1 132 ? -1.333  7.931   -8.574  1.00 30.02  ? 171 HIS A ND1 1 
ATOM   1047 C  CD2 . HIS A 1 132 ? 0.564   7.304   -7.639  1.00 28.52  ? 171 HIS A CD2 1 
ATOM   1048 C  CE1 . HIS A 1 132 ? -1.306  8.452   -7.364  1.00 28.68  ? 171 HIS A CE1 1 
ATOM   1049 N  NE2 . HIS A 1 132 ? -0.156  8.064   -6.760  1.00 29.91  ? 171 HIS A NE2 1 
ATOM   1050 N  N   . ILE A 1 133 ? -1.003  4.297   -12.398 1.00 29.09  ? 172 ILE A N   1 
ATOM   1051 C  CA  . ILE A 1 133 ? -0.565  3.624   -13.655 1.00 29.59  ? 172 ILE A CA  1 
ATOM   1052 C  C   . ILE A 1 133 ? -0.271  4.740   -14.644 1.00 32.93  ? 172 ILE A C   1 
ATOM   1053 O  O   . ILE A 1 133 ? -1.217  5.522   -14.990 1.00 31.08  ? 172 ILE A O   1 
ATOM   1054 C  CB  . ILE A 1 133 ? -1.588  2.628   -14.192 1.00 31.80  ? 172 ILE A CB  1 
ATOM   1055 C  CG1 . ILE A 1 133 ? -1.927  1.553   -13.178 1.00 31.08  ? 172 ILE A CG1 1 
ATOM   1056 C  CG2 . ILE A 1 133 ? -1.059  2.012   -15.482 1.00 28.60  ? 172 ILE A CG2 1 
ATOM   1057 C  CD1 . ILE A 1 133 ? -3.174  0.785   -13.497 1.00 33.52  ? 172 ILE A CD1 1 
ATOM   1058 N  N   . VAL A 1 134 ? 1.014   4.881   -14.974 1.00 34.30  ? 173 VAL A N   1 
ATOM   1059 C  CA  . VAL A 1 134 ? 1.565   6.024   -15.753 1.00 30.95  ? 173 VAL A CA  1 
ATOM   1060 C  C   . VAL A 1 134 ? 1.948   5.468   -17.137 1.00 35.05  ? 173 VAL A C   1 
ATOM   1061 O  O   . VAL A 1 134 ? 2.821   4.571   -17.203 1.00 33.24  ? 173 VAL A O   1 
ATOM   1062 C  CB  . VAL A 1 134 ? 2.734   6.709   -15.039 1.00 34.76  ? 173 VAL A CB  1 
ATOM   1063 C  CG1 . VAL A 1 134 ? 3.184   7.943   -15.810 1.00 36.20  ? 173 VAL A CG1 1 
ATOM   1064 C  CG2 . VAL A 1 134 ? 2.381   7.101   -13.590 1.00 36.01  ? 173 VAL A CG2 1 
ATOM   1065 N  N   . ARG A 1 135 ? 1.210   5.867   -18.165 1.00 37.13  ? 174 ARG A N   1 
ATOM   1066 C  CA  . ARG A 1 135 ? 1.586   5.587   -19.579 1.00 42.20  ? 174 ARG A CA  1 
ATOM   1067 C  C   . ARG A 1 135 ? 2.787   6.464   -19.909 1.00 41.67  ? 174 ARG A C   1 
ATOM   1068 O  O   . ARG A 1 135 ? 2.626   7.688   -19.871 1.00 42.31  ? 174 ARG A O   1 
ATOM   1069 C  CB  . ARG A 1 135 ? 0.402   5.848   -20.514 1.00 48.53  ? 174 ARG A CB  1 
ATOM   1070 C  CG  . ARG A 1 135 ? 0.651   5.426   -21.954 1.00 52.48  ? 174 ARG A CG  1 
ATOM   1071 C  CD  . ARG A 1 135 ? -0.647  5.364   -22.724 1.00 57.87  ? 174 ARG A CD  1 
ATOM   1072 N  NE  . ARG A 1 135 ? -0.396  5.062   -24.131 1.00 64.93  ? 174 ARG A NE  1 
ATOM   1073 C  CZ  . ARG A 1 135 ? -1.332  4.736   -25.022 1.00 65.19  ? 174 ARG A CZ  1 
ATOM   1074 N  NH1 . ARG A 1 135 ? -2.604  4.648   -24.671 1.00 64.96  ? 174 ARG A NH1 1 
ATOM   1075 N  NH2 . ARG A 1 135 ? -0.990  4.469   -26.269 1.00 64.52  ? 174 ARG A NH2 1 
ATOM   1076 N  N   . VAL A 1 136 ? 3.913   5.838   -20.271 1.00 46.83  ? 175 VAL A N   1 
ATOM   1077 C  CA  . VAL A 1 136 ? 5.257   6.469   -20.399 1.00 44.69  ? 175 VAL A CA  1 
ATOM   1078 C  C   . VAL A 1 136 ? 5.750   6.288   -21.849 1.00 58.81  ? 175 VAL A C   1 
ATOM   1079 O  O   . VAL A 1 136 ? 5.260   5.361   -22.554 1.00 50.20  ? 175 VAL A O   1 
ATOM   1080 C  CB  . VAL A 1 136 ? 6.256   5.829   -19.408 1.00 49.94  ? 175 VAL A CB  1 
ATOM   1081 C  CG1 . VAL A 1 136 ? 5.907   6.095   -17.948 1.00 50.40  ? 175 VAL A CG1 1 
ATOM   1082 C  CG2 . VAL A 1 136 ? 6.408   4.328   -19.618 1.00 49.68  ? 175 VAL A CG2 1 
ATOM   1083 N  N   . GLY A 1 137 ? 6.716   7.101   -22.283 1.00 69.23  ? 176 GLY A N   1 
ATOM   1084 C  CA  . GLY A 1 137 ? 7.441   6.897   -23.556 1.00 79.53  ? 176 GLY A CA  1 
ATOM   1085 C  C   . GLY A 1 137 ? 6.607   7.239   -24.782 1.00 86.07  ? 176 GLY A C   1 
ATOM   1086 O  O   . GLY A 1 137 ? 7.202   7.685   -25.792 1.00 88.01  ? 176 GLY A O   1 
ATOM   1087 N  N   . GLY A 1 138 ? 5.291   7.002   -24.718 1.00 83.15  ? 177 GLY A N   1 
ATOM   1088 C  CA  . GLY A 1 138 ? 4.318   7.473   -25.719 1.00 84.23  ? 177 GLY A CA  1 
ATOM   1089 C  C   . GLY A 1 138 ? 4.364   8.992   -25.859 1.00 84.25  ? 177 GLY A C   1 
ATOM   1090 O  O   . GLY A 1 138 ? 5.092   9.681   -25.146 1.00 71.86  ? 177 GLY A O   1 
ATOM   1091 N  N   . PRO A 1 139 ? 3.585   9.559   -26.800 1.00 90.41  ? 178 PRO A N   1 
ATOM   1092 C  CA  . PRO A 1 139 ? 3.517   11.012  -26.951 1.00 88.37  ? 178 PRO A CA  1 
ATOM   1093 C  C   . PRO A 1 139 ? 2.703   11.598  -25.790 1.00 87.48  ? 178 PRO A C   1 
ATOM   1094 O  O   . PRO A 1 139 ? 3.155   12.552  -25.163 1.00 77.36  ? 178 PRO A O   1 
ATOM   1095 C  CB  . PRO A 1 139 ? 2.800   11.196  -28.300 1.00 91.58  ? 178 PRO A CB  1 
ATOM   1096 C  CG  . PRO A 1 139 ? 1.975   9.921   -28.489 1.00 89.93  ? 178 PRO A CG  1 
ATOM   1097 C  CD  . PRO A 1 139 ? 2.710   8.830   -27.734 1.00 90.35  ? 178 PRO A CD  1 
ATOM   1098 N  N   . GLN A 1 140 ? 1.554   10.954  -25.540 1.00 86.80  ? 179 GLN A N   1 
ATOM   1099 C  CA  . GLN A 1 140 ? 0.469   11.351  -24.608 1.00 88.40  ? 179 GLN A CA  1 
ATOM   1100 C  C   . GLN A 1 140 ? 0.720   10.654  -23.267 1.00 73.60  ? 179 GLN A C   1 
ATOM   1101 O  O   . GLN A 1 140 ? 0.291   9.498   -23.091 1.00 68.64  ? 179 GLN A O   1 
ATOM   1102 C  CB  . GLN A 1 140 ? -0.900  10.984  -25.201 1.00 96.13  ? 179 GLN A CB  1 
ATOM   1103 C  CG  . GLN A 1 140 ? -1.172  9.477   -25.270 1.00 106.23 ? 179 GLN A CG  1 
ATOM   1104 C  CD  . GLN A 1 140 ? -1.797  9.005   -26.563 1.00 111.21 ? 179 GLN A CD  1 
ATOM   1105 O  OE1 . GLN A 1 140 ? -3.017  9.012   -26.736 1.00 112.91 ? 179 GLN A OE1 1 
ATOM   1106 N  NE2 . GLN A 1 140 ? -0.952  8.544   -27.473 1.00 107.06 ? 179 GLN A NE2 1 
ATOM   1107 N  N   . ARG A 1 141 ? 1.418   11.326  -22.359 1.00 61.94  ? 180 ARG A N   1 
ATOM   1108 C  CA  . ARG A 1 141 ? 1.465   10.901  -20.938 1.00 58.93  ? 180 ARG A CA  1 
ATOM   1109 C  C   . ARG A 1 141 ? 0.005   10.808  -20.446 1.00 52.75  ? 180 ARG A C   1 
ATOM   1110 O  O   . ARG A 1 141 ? -0.796  11.657  -20.883 1.00 46.35  ? 180 ARG A O   1 
ATOM   1111 C  CB  . ARG A 1 141 ? 2.366   11.871  -20.169 1.00 65.48  ? 180 ARG A CB  1 
ATOM   1112 C  CG  . ARG A 1 141 ? 2.361   11.646  -18.665 1.00 74.30  ? 180 ARG A CG  1 
ATOM   1113 C  CD  . ARG A 1 141 ? 3.621   12.089  -17.949 1.00 77.18  ? 180 ARG A CD  1 
ATOM   1114 N  NE  . ARG A 1 141 ? 4.439   10.929  -17.621 1.00 86.57  ? 180 ARG A NE  1 
ATOM   1115 C  CZ  . ARG A 1 141 ? 5.691   10.713  -18.025 1.00 85.10  ? 180 ARG A CZ  1 
ATOM   1116 N  NH1 . ARG A 1 141 ? 6.317   9.609   -17.652 1.00 72.64  ? 180 ARG A NH1 1 
ATOM   1117 N  NH2 . ARG A 1 141 ? 6.325   11.600  -18.775 1.00 90.68  ? 180 ARG A NH2 1 
ATOM   1118 N  N   . MET A 1 142 ? -0.351  9.746   -19.690 1.00 42.18  ? 181 MET A N   1 
ATOM   1119 C  CA  . MET A 1 142 ? -1.647  9.569   -18.984 1.00 37.02  ? 181 MET A CA  1 
ATOM   1120 C  C   . MET A 1 142 ? -1.371  8.879   -17.641 1.00 37.65  ? 181 MET A C   1 
ATOM   1121 O  O   . MET A 1 142 ? -0.439  8.037   -17.540 1.00 31.51  ? 181 MET A O   1 
ATOM   1122 C  CB  . MET A 1 142 ? -2.664  8.746   -19.789 1.00 36.73  ? 181 MET A CB  1 
ATOM   1123 C  CG  . MET A 1 142 ? -4.076  8.675   -19.187 1.00 39.64  ? 181 MET A CG  1 
ATOM   1124 S  SD  . MET A 1 142 ? -4.798  10.248  -18.605 1.00 41.80  ? 181 MET A SD  1 
ATOM   1125 C  CE  . MET A 1 142 ? -6.255  9.669   -17.731 1.00 49.59  ? 181 MET A CE  1 
ATOM   1126 N  N   . ILE A 1 143 ? -2.157  9.238   -16.634 1.00 34.89  ? 182 ILE A N   1 
ATOM   1127 C  CA  . ILE A 1 143 ? -2.104  8.613   -15.277 1.00 33.47  ? 182 ILE A CA  1 
ATOM   1128 C  C   . ILE A 1 143 ? -3.514  8.140   -14.943 1.00 33.23  ? 182 ILE A C   1 
ATOM   1129 O  O   . ILE A 1 143 ? -4.494  8.943   -15.123 1.00 31.79  ? 182 ILE A O   1 
ATOM   1130 C  CB  . ILE A 1 143 ? -1.545  9.592   -14.235 1.00 32.69  ? 182 ILE A CB  1 
ATOM   1131 C  CG1 . ILE A 1 143 ? -0.117  9.980   -14.575 1.00 34.71  ? 182 ILE A CG1 1 
ATOM   1132 C  CG2 . ILE A 1 143 ? -1.659  9.030   -12.805 1.00 33.32  ? 182 ILE A CG2 1 
ATOM   1133 C  CD1 . ILE A 1 143 ? 0.353   11.202  -13.892 1.00 37.05  ? 182 ILE A CD1 1 
ATOM   1134 N  N   . THR A 1 144 ? -3.629  6.907   -14.476 1.00 31.75  ? 183 THR A N   1 
ATOM   1135 C  CA  . THR A 1 144 ? -4.859  6.409   -13.811 1.00 34.80  ? 183 THR A CA  1 
ATOM   1136 C  C   . THR A 1 144 ? -4.477  6.045   -12.374 1.00 33.64  ? 183 THR A C   1 
ATOM   1137 O  O   . THR A 1 144 ? -3.464  5.354   -12.180 1.00 30.59  ? 183 THR A O   1 
ATOM   1138 C  CB  . THR A 1 144 ? -5.536  5.285   -14.577 1.00 38.18  ? 183 THR A CB  1 
ATOM   1139 O  OG1 . THR A 1 144 ? -4.810  4.084   -14.345 1.00 63.40  ? 183 THR A OG1 1 
ATOM   1140 C  CG2 . THR A 1 144 ? -5.607  5.556   -16.057 1.00 33.10  ? 183 THR A CG2 1 
ATOM   1141 N  N   . SER A 1 145 ? -5.244  6.546   -11.416 1.00 32.14  ? 184 SER A N   1 
ATOM   1142 C  CA  . SER A 1 145 ? -4.979  6.285   -9.985  1.00 28.79  ? 184 SER A CA  1 
ATOM   1143 C  C   . SER A 1 145 ? -6.084  5.411   -9.439  1.00 29.41  ? 184 SER A C   1 
ATOM   1144 O  O   . SER A 1 145 ? -7.244  5.518   -9.858  1.00 28.05  ? 184 SER A O   1 
ATOM   1145 C  CB  . SER A 1 145 ? -4.828  7.524   -9.244  1.00 29.16  ? 184 SER A CB  1 
ATOM   1146 O  OG  . SER A 1 145 ? -3.721  8.248   -9.769  1.00 30.77  ? 184 SER A OG  1 
ATOM   1147 N  N   . HIS A 1 146 ? -5.764  4.605   -8.445  1.00 25.52  ? 185 HIS A N   1 
ATOM   1148 C  CA  . HIS A 1 146 ? -6.755  3.775   -7.765  1.00 26.24  ? 185 HIS A CA  1 
ATOM   1149 C  C   . HIS A 1 146 ? -6.334  3.525   -6.320  1.00 25.41  ? 185 HIS A C   1 
ATOM   1150 O  O   . HIS A 1 146 ? -5.179  3.091   -6.051  1.00 27.98  ? 185 HIS A O   1 
ATOM   1151 C  CB  . HIS A 1 146 ? -6.913  2.458   -8.505  1.00 30.19  ? 185 HIS A CB  1 
ATOM   1152 C  CG  . HIS A 1 146 ? -8.163  1.747   -8.161  1.00 34.97  ? 185 HIS A CG  1 
ATOM   1153 N  ND1 . HIS A 1 146 ? -8.280  0.941   -7.045  1.00 41.46  ? 185 HIS A ND1 1 
ATOM   1154 C  CD2 . HIS A 1 146 ? -9.341  1.688   -8.796  1.00 37.03  ? 185 HIS A CD2 1 
ATOM   1155 C  CE1 . HIS A 1 146 ? -9.484  0.430   -7.011  1.00 39.35  ? 185 HIS A CE1 1 
ATOM   1156 N  NE2 . HIS A 1 146 ? -10.153 0.885   -8.050  1.00 38.99  ? 185 HIS A NE2 1 
ATOM   1157 N  N   A CYS A 1 147 ? -7.288  3.763   -5.417  0.25 27.30  ? 186 CYS A N   1 
ATOM   1158 N  N   B CYS A 1 147 ? -7.226  3.765   -5.371  0.25 24.86  ? 186 CYS A N   1 
ATOM   1159 C  CA  A CYS A 1 147 ? -7.198  3.549   -3.946  0.25 26.81  ? 186 CYS A CA  1 
ATOM   1160 C  CA  B CYS A 1 147 ? -6.927  3.527   -3.932  0.25 22.57  ? 186 CYS A CA  1 
ATOM   1161 C  C   A CYS A 1 147 ? -7.662  2.158   -3.578  0.25 26.58  ? 186 CYS A C   1 
ATOM   1162 C  C   B CYS A 1 147 ? -7.726  2.322   -3.446  0.25 23.55  ? 186 CYS A C   1 
ATOM   1163 O  O   A CYS A 1 147 ? -8.509  1.621   -4.319  0.25 25.18  ? 186 CYS A O   1 
ATOM   1164 O  O   B CYS A 1 147 ? -8.784  2.023   -4.007  0.25 22.30  ? 186 CYS A O   1 
ATOM   1165 C  CB  A CYS A 1 147 ? -8.167  4.458   -3.217  0.25 30.21  ? 186 CYS A CB  1 
ATOM   1166 C  CB  B CYS A 1 147 ? -7.222  4.775   -3.117  0.25 22.82  ? 186 CYS A CB  1 
ATOM   1167 S  SG  A CYS A 1 147 ? -7.631  6.175   -3.247  0.25 25.68  ? 186 CYS A SG  1 
ATOM   1168 S  SG  B CYS A 1 147 ? -8.933  5.330   -3.335  0.25 17.92  ? 186 CYS A SG  1 
ATOM   1169 N  N   . PHE A 1 148 ? -7.194  1.625   -2.441  1.00 26.07  ? 187 PHE A N   1 
ATOM   1170 C  CA  . PHE A 1 148 ? -7.691  0.312   -2.002  1.00 25.93  ? 187 PHE A CA  1 
ATOM   1171 C  C   . PHE A 1 148 ? -8.133  0.395   -0.554  1.00 27.91  ? 187 PHE A C   1 
ATOM   1172 O  O   . PHE A 1 148 ? -7.372  0.032   0.346   1.00 26.66  ? 187 PHE A O   1 
ATOM   1173 C  CB  . PHE A 1 148 ? -6.573  -0.700  -2.209  1.00 27.05  ? 187 PHE A CB  1 
ATOM   1174 C  CG  . PHE A 1 148 ? -6.202  -0.903  -3.653  1.00 26.47  ? 187 PHE A CG  1 
ATOM   1175 C  CD1 . PHE A 1 148 ? -6.944  -1.764  -4.458  1.00 29.63  ? 187 PHE A CD1 1 
ATOM   1176 C  CD2 . PHE A 1 148 ? -5.189  -0.158  -4.226  1.00 27.50  ? 187 PHE A CD2 1 
ATOM   1177 C  CE1 . PHE A 1 148 ? -6.622  -1.929  -5.803  1.00 29.95  ? 187 PHE A CE1 1 
ATOM   1178 C  CE2 . PHE A 1 148 ? -4.840  -0.359  -5.557  1.00 31.89  ? 187 PHE A CE2 1 
ATOM   1179 C  CZ  . PHE A 1 148 ? -5.549  -1.256  -6.337  1.00 29.02  ? 187 PHE A CZ  1 
ATOM   1180 N  N   . PRO A 1 149 ? -9.357  0.896   -0.282  1.00 26.28  ? 188 PRO A N   1 
ATOM   1181 C  CA  . PRO A 1 149 ? -9.840  0.955   1.098   1.00 26.50  ? 188 PRO A CA  1 
ATOM   1182 C  C   . PRO A 1 149 ? -9.667  -0.344  1.912   1.00 27.30  ? 188 PRO A C   1 
ATOM   1183 O  O   . PRO A 1 149 ? -9.462  -0.224  3.117   1.00 25.91  ? 188 PRO A O   1 
ATOM   1184 C  CB  . PRO A 1 149 ? -11.327 1.303   0.890   1.00 27.92  ? 188 PRO A CB  1 
ATOM   1185 C  CG  . PRO A 1 149 ? -11.356 2.133   -0.379  1.00 31.60  ? 188 PRO A CG  1 
ATOM   1186 C  CD  . PRO A 1 149 ? -10.292 1.501   -1.245  1.00 29.22  ? 188 PRO A CD  1 
ATOM   1187 N  N   . GLU A 1 150 ? -9.862  -1.512  1.275   1.00 27.12  ? 189 GLU A N   1 
ATOM   1188 C  CA  . GLU A 1 150 ? -9.730  -2.869  1.882   1.00 28.92  ? 189 GLU A CA  1 
ATOM   1189 C  C   . GLU A 1 150 ? -8.351  -3.072  2.521   1.00 27.41  ? 189 GLU A C   1 
ATOM   1190 O  O   . GLU A 1 150 ? -8.234  -3.963  3.401   1.00 26.43  ? 189 GLU A O   1 
ATOM   1191 C  CB  . GLU A 1 150 ? -10.069 -3.907  0.806   1.00 33.09  ? 189 GLU A CB  1 
ATOM   1192 C  CG  . GLU A 1 150 ? -11.209 -3.450  -0.115  1.00 36.87  ? 189 GLU A CG  1 
ATOM   1193 C  CD  . GLU A 1 150 ? -10.898 -2.994  -1.557  1.00 37.12  ? 189 GLU A CD  1 
ATOM   1194 O  OE1 . GLU A 1 150 ? -11.553 -3.593  -2.445  1.00 52.97  ? 189 GLU A OE1 1 
ATOM   1195 O  OE2 . GLU A 1 150 ? -10.045 -2.052  -1.849  1.00 25.02  ? 189 GLU A OE2 1 
ATOM   1196 N  N   . THR A 1 151 ? -7.339  -2.295  2.127   1.00 27.11  ? 190 THR A N   1 
ATOM   1197 C  CA  . THR A 1 151 ? -5.905  -2.521  2.452   1.00 26.89  ? 190 THR A CA  1 
ATOM   1198 C  C   . THR A 1 151 ? -5.430  -1.467  3.441   1.00 24.58  ? 190 THR A C   1 
ATOM   1199 O  O   . THR A 1 151 ? -4.218  -1.394  3.702   1.00 28.50  ? 190 THR A O   1 
ATOM   1200 C  CB  . THR A 1 151 ? -5.023  -2.552  1.194   1.00 27.43  ? 190 THR A CB  1 
ATOM   1201 O  OG1 . THR A 1 151 ? -4.922  -1.244  0.610   1.00 24.81  ? 190 THR A OG1 1 
ATOM   1202 C  CG2 . THR A 1 151 ? -5.553  -3.570  0.203   1.00 28.83  ? 190 THR A CG2 1 
ATOM   1203 N  N   . GLN A 1 152 ? -6.367  -0.632  3.936   1.00 23.66  ? 191 GLN A N   1 
ATOM   1204 C  CA  . GLN A 1 152 ? -6.041  0.337   5.002   1.00 21.98  ? 191 GLN A CA  1 
ATOM   1205 C  C   . GLN A 1 152 ? -5.337  -0.359  6.174   1.00 24.27  ? 191 GLN A C   1 
ATOM   1206 O  O   . GLN A 1 152 ? -5.713  -1.492  6.515   1.00 26.89  ? 191 GLN A O   1 
ATOM   1207 C  CB  . GLN A 1 152 ? -7.306  1.003   5.532   1.00 25.65  ? 191 GLN A CB  1 
ATOM   1208 C  CG  . GLN A 1 152 ? -7.698  2.156   4.623   1.00 30.08  ? 191 GLN A CG  1 
ATOM   1209 C  CD  . GLN A 1 152 ? -8.816  2.958   5.231   1.00 39.25  ? 191 GLN A CD  1 
ATOM   1210 O  OE1 . GLN A 1 152 ? -9.280  2.637   6.328   1.00 40.05  ? 191 GLN A OE1 1 
ATOM   1211 N  NE2 . GLN A 1 152 ? -9.241  4.001   4.514   1.00 40.20  ? 191 GLN A NE2 1 
ATOM   1212 N  N   . PHE A 1 153 ? -4.346  0.308   6.729   1.00 25.46  ? 192 PHE A N   1 
ATOM   1213 C  CA  . PHE A 1 153 ? -3.686  -0.168  7.957   1.00 27.61  ? 192 PHE A CA  1 
ATOM   1214 C  C   . PHE A 1 153 ? -3.150  0.999   8.772   1.00 27.20  ? 192 PHE A C   1 
ATOM   1215 O  O   . PHE A 1 153 ? -2.918  2.100   8.341   1.00 27.18  ? 192 PHE A O   1 
ATOM   1216 C  CB  . PHE A 1 153 ? -2.510  -1.082  7.567   1.00 24.13  ? 192 PHE A CB  1 
ATOM   1217 C  CG  . PHE A 1 153 ? -1.438  -0.405  6.776   1.00 23.89  ? 192 PHE A CG  1 
ATOM   1218 C  CD1 . PHE A 1 153 ? -0.430  0.303   7.390   1.00 25.22  ? 192 PHE A CD1 1 
ATOM   1219 C  CD2 . PHE A 1 153 ? -1.467  -0.421  5.389   1.00 24.82  ? 192 PHE A CD2 1 
ATOM   1220 C  CE1 . PHE A 1 153 ? 0.553   0.945   6.650   1.00 26.35  ? 192 PHE A CE1 1 
ATOM   1221 C  CE2 . PHE A 1 153 ? -0.500  0.230   4.655   1.00 23.68  ? 192 PHE A CE2 1 
ATOM   1222 C  CZ  . PHE A 1 153 ? 0.523   0.889   5.275   1.00 26.25  ? 192 PHE A CZ  1 
ATOM   1223 N  N   . ILE A 1 154 ? -2.820  0.685   10.023  1.00 26.84  ? 193 ILE A N   1 
ATOM   1224 C  CA  . ILE A 1 154 ? -2.063  1.609   10.891  1.00 25.74  ? 193 ILE A CA  1 
ATOM   1225 C  C   . ILE A 1 154 ? -0.632  1.112   10.946  1.00 30.40  ? 193 ILE A C   1 
ATOM   1226 O  O   . ILE A 1 154 ? -0.475  -0.112  11.141  1.00 30.02  ? 193 ILE A O   1 
ATOM   1227 C  CB  . ILE A 1 154 ? -2.685  1.635   12.297  1.00 30.24  ? 193 ILE A CB  1 
ATOM   1228 C  CG1 . ILE A 1 154 ? -4.152  2.069   12.242  1.00 31.53  ? 193 ILE A CG1 1 
ATOM   1229 C  CG2 . ILE A 1 154 ? -1.813  2.500   13.201  1.00 30.88  ? 193 ILE A CG2 1 
ATOM   1230 C  CD1 . ILE A 1 154 ? -4.890  2.060   13.561  1.00 36.94  ? 193 ILE A CD1 1 
ATOM   1231 N  N   . ALA A 1 155 ? 0.304   2.022   10.738  1.00 29.15  ? 194 ALA A N   1 
ATOM   1232 C  CA  . ALA A 1 155 ? 1.760   1.789   10.799  1.00 30.94  ? 194 ALA A CA  1 
ATOM   1233 C  C   . ALA A 1 155 ? 2.130   1.672   12.282  1.00 30.37  ? 194 ALA A C   1 
ATOM   1234 O  O   . ALA A 1 155 ? 1.713   2.534   13.053  1.00 33.15  ? 194 ALA A O   1 
ATOM   1235 C  CB  . ALA A 1 155 ? 2.477   2.908   10.104  1.00 34.65  ? 194 ALA A CB  1 
ATOM   1236 N  N   . VAL A 1 156 ? 2.778   0.574   12.663  1.00 31.34  ? 195 VAL A N   1 
ATOM   1237 C  CA  . VAL A 1 156 ? 3.131   0.263   14.091  1.00 32.02  ? 195 VAL A CA  1 
ATOM   1238 C  C   . VAL A 1 156 ? 4.584   -0.218  14.123  1.00 33.54  ? 195 VAL A C   1 
ATOM   1239 O  O   . VAL A 1 156 ? 5.029   -0.816  13.145  1.00 31.42  ? 195 VAL A O   1 
ATOM   1240 C  CB  . VAL A 1 156 ? 2.174   -0.767  14.724  1.00 32.30  ? 195 VAL A CB  1 
ATOM   1241 C  CG1 . VAL A 1 156 ? 0.727   -0.275  14.728  1.00 35.25  ? 195 VAL A CG1 1 
ATOM   1242 C  CG2 . VAL A 1 156 ? 2.282   -2.124  14.051  1.00 28.89  ? 195 VAL A CG2 1 
ATOM   1243 N  N   . THR A 1 157 ? 5.323   0.043   15.207  1.00 34.17  ? 196 THR A N   1 
ATOM   1244 C  CA  . THR A 1 157 ? 6.675   -0.546  15.389  1.00 39.02  ? 196 THR A CA  1 
ATOM   1245 C  C   . THR A 1 157 ? 6.561   -1.958  15.977  1.00 35.33  ? 196 THR A C   1 
ATOM   1246 O  O   . THR A 1 157 ? 7.560   -2.680  15.875  1.00 34.82  ? 196 THR A O   1 
ATOM   1247 C  CB  . THR A 1 157 ? 7.571   0.301   16.295  1.00 40.25  ? 196 THR A CB  1 
ATOM   1248 O  OG1 . THR A 1 157 ? 6.832   0.402   17.503  1.00 41.66  ? 196 THR A OG1 1 
ATOM   1249 C  CG2 . THR A 1 157 ? 7.893   1.655   15.712  1.00 42.33  ? 196 THR A CG2 1 
ATOM   1250 N  N   . ALA A 1 158 ? 5.418   -2.348  16.542  1.00 35.24  ? 197 ALA A N   1 
ATOM   1251 C  CA  . ALA A 1 158 ? 5.115   -3.751  16.920  1.00 34.62  ? 197 ALA A CA  1 
ATOM   1252 C  C   . ALA A 1 158 ? 3.606   -3.969  16.985  1.00 29.74  ? 197 ALA A C   1 
ATOM   1253 O  O   . ALA A 1 158 ? 2.895   -3.018  17.286  1.00 35.46  ? 197 ALA A O   1 
ATOM   1254 C  CB  . ALA A 1 158 ? 5.768   -4.077  18.252  1.00 35.35  ? 197 ALA A CB  1 
ATOM   1255 N  N   . TYR A 1 159 ? 3.118   -5.176  16.726  1.00 29.64  ? 198 TYR A N   1 
ATOM   1256 C  CA  . TYR A 1 159 ? 1.666   -5.450  16.740  1.00 30.96  ? 198 TYR A CA  1 
ATOM   1257 C  C   . TYR A 1 159 ? 1.036   -5.166  18.117  1.00 38.05  ? 198 TYR A C   1 
ATOM   1258 O  O   . TYR A 1 159 ? 1.535   -5.595  19.170  1.00 32.27  ? 198 TYR A O   1 
ATOM   1259 C  CB  . TYR A 1 159 ? 1.356   -6.863  16.274  1.00 33.63  ? 198 TYR A CB  1 
ATOM   1260 C  CG  . TYR A 1 159 ? 1.749   -7.133  14.850  1.00 33.56  ? 198 TYR A CG  1 
ATOM   1261 C  CD1 . TYR A 1 159 ? 1.394   -6.266  13.822  1.00 32.97  ? 198 TYR A CD1 1 
ATOM   1262 C  CD2 . TYR A 1 159 ? 2.516   -8.234  14.523  1.00 34.14  ? 198 TYR A CD2 1 
ATOM   1263 C  CE1 . TYR A 1 159 ? 1.761   -6.506  12.507  1.00 33.25  ? 198 TYR A CE1 1 
ATOM   1264 C  CE2 . TYR A 1 159 ? 2.882   -8.497  13.215  1.00 35.15  ? 198 TYR A CE2 1 
ATOM   1265 C  CZ  . TYR A 1 159 ? 2.492   -7.640  12.204  1.00 37.48  ? 198 TYR A CZ  1 
ATOM   1266 O  OH  . TYR A 1 159 ? 2.849   -7.917  10.930  1.00 34.35  ? 198 TYR A OH  1 
ATOM   1267 N  N   . GLN A 1 160 ? -0.130  -4.517  18.112  1.00 30.94  ? 199 GLN A N   1 
ATOM   1268 C  CA  . GLN A 1 160 ? -0.886  -4.175  19.339  1.00 29.52  ? 199 GLN A CA  1 
ATOM   1269 C  C   . GLN A 1 160 ? -2.008  -5.179  19.544  1.00 35.27  ? 199 GLN A C   1 
ATOM   1270 O  O   . GLN A 1 160 ? -2.177  -5.681  20.669  1.00 33.41  ? 199 GLN A O   1 
ATOM   1271 C  CB  . GLN A 1 160 ? -1.405  -2.746  19.210  1.00 33.82  ? 199 GLN A CB  1 
ATOM   1272 C  CG  . GLN A 1 160 ? -0.309  -1.726  18.978  1.00 36.52  ? 199 GLN A CG  1 
ATOM   1273 C  CD  . GLN A 1 160 ? 0.668   -1.692  20.118  1.00 42.50  ? 199 GLN A CD  1 
ATOM   1274 O  OE1 . GLN A 1 160 ? 0.292   -1.440  21.255  1.00 51.44  ? 199 GLN A OE1 1 
ATOM   1275 N  NE2 . GLN A 1 160 ? 1.924   -1.952  19.813  1.00 39.86  ? 199 GLN A NE2 1 
ATOM   1276 N  N   . ASN A 1 161 ? -2.736  -5.482  18.474  1.00 30.35  ? 200 ASN A N   1 
ATOM   1277 C  CA  . ASN A 1 161 ? -3.905  -6.370  18.540  1.00 32.56  ? 200 ASN A CA  1 
ATOM   1278 C  C   . ASN A 1 161 ? -3.380  -7.775  18.255  1.00 34.18  ? 200 ASN A C   1 
ATOM   1279 O  O   . ASN A 1 161 ? -2.928  -8.034  17.147  1.00 30.61  ? 200 ASN A O   1 
ATOM   1280 C  CB  . ASN A 1 161 ? -4.964  -5.895  17.562  1.00 32.75  ? 200 ASN A CB  1 
ATOM   1281 C  CG  . ASN A 1 161 ? -6.160  -6.796  17.535  1.00 34.02  ? 200 ASN A CG  1 
ATOM   1282 O  OD1 . ASN A 1 161 ? -6.248  -7.736  18.317  1.00 32.52  ? 200 ASN A OD1 1 
ATOM   1283 N  ND2 . ASN A 1 161 ? -7.105  -6.498  16.655  1.00 32.39  ? 200 ASN A ND2 1 
ATOM   1284 N  N   . GLU A 1 162 ? -3.411  -8.664  19.245  1.00 33.46  ? 201 GLU A N   1 
ATOM   1285 C  CA  . GLU A 1 162 ? -2.808  -10.002 19.065  1.00 33.21  ? 201 GLU A CA  1 
ATOM   1286 C  C   . GLU A 1 162 ? -3.636  -10.770 18.013  1.00 30.93  ? 201 GLU A C   1 
ATOM   1287 O  O   . GLU A 1 162 ? -3.104  -11.691 17.424  1.00 33.46  ? 201 GLU A O   1 
ATOM   1288 C  CB  . GLU A 1 162 ? -2.742  -10.683 20.443  1.00 38.48  ? 201 GLU A CB  1 
ATOM   1289 C  CG  . GLU A 1 162 ? -3.894  -11.618 20.690  1.00 46.92  ? 201 GLU A CG  1 
ATOM   1290 C  CD  . GLU A 1 162 ? -4.645  -11.553 22.011  1.00 63.66  ? 201 GLU A CD  1 
ATOM   1291 O  OE1 . GLU A 1 162 ? -4.928  -12.651 22.579  1.00 56.54  ? 201 GLU A OE1 1 
ATOM   1292 O  OE2 . GLU A 1 162 ? -5.026  -10.427 22.428  1.00 77.07  ? 201 GLU A OE2 1 
ATOM   1293 N  N   . GLU A 1 163 ? -4.895  -10.377 17.747  1.00 30.11  ? 202 GLU A N   1 
ATOM   1294 C  CA  . GLU A 1 163 ? -5.748  -11.076 16.756  1.00 33.76  ? 202 GLU A CA  1 
ATOM   1295 C  C   . GLU A 1 163 ? -5.130  -10.856 15.367  1.00 30.62  ? 202 GLU A C   1 
ATOM   1296 O  O   . GLU A 1 163 ? -5.306  -11.751 14.502  1.00 29.90  ? 202 GLU A O   1 
ATOM   1297 C  CB  . GLU A 1 163 ? -7.196  -10.573 16.742  1.00 33.32  ? 202 GLU A CB  1 
ATOM   1298 C  CG  . GLU A 1 163 ? -8.041  -10.901 17.958  1.00 36.91  ? 202 GLU A CG  1 
ATOM   1299 C  CD  . GLU A 1 163 ? -9.326  -10.076 17.948  1.00 49.04  ? 202 GLU A CD  1 
ATOM   1300 O  OE1 . GLU A 1 163 ? -10.434 -10.676 17.900  1.00 54.38  ? 202 GLU A OE1 1 
ATOM   1301 O  OE2 . GLU A 1 163 ? -9.214  -8.832  17.899  1.00 56.38  ? 202 GLU A OE2 1 
ATOM   1302 N  N   . ILE A 1 164 ? -4.465  -9.703  15.162  1.00 29.15  ? 203 ILE A N   1 
ATOM   1303 C  CA  . ILE A 1 164 ? -3.698  -9.377  13.918  1.00 29.62  ? 203 ILE A CA  1 
ATOM   1304 C  C   . ILE A 1 164 ? -2.456  -10.267 13.858  1.00 29.60  ? 203 ILE A C   1 
ATOM   1305 O  O   . ILE A 1 164 ? -2.187  -10.849 12.835  1.00 28.52  ? 203 ILE A O   1 
ATOM   1306 C  CB  . ILE A 1 164 ? -3.358  -7.872  13.848  1.00 29.32  ? 203 ILE A CB  1 
ATOM   1307 C  CG1 . ILE A 1 164 ? -4.622  -7.059  13.562  1.00 30.66  ? 203 ILE A CG1 1 
ATOM   1308 C  CG2 . ILE A 1 164 ? -2.241  -7.567  12.877  1.00 32.39  ? 203 ILE A CG2 1 
ATOM   1309 C  CD1 . ILE A 1 164 ? -5.231  -7.300  12.157  1.00 33.83  ? 203 ILE A CD1 1 
ATOM   1310 N  N   . THR A 1 165 ? -1.713  -10.343 14.954  1.00 29.09  ? 204 THR A N   1 
ATOM   1311 C  CA  . THR A 1 165 ? -0.501  -11.174 15.048  1.00 29.47  ? 204 THR A CA  1 
ATOM   1312 C  C   . THR A 1 165 ? -0.865  -12.589 14.613  1.00 27.69  ? 204 THR A C   1 
ATOM   1313 O  O   . THR A 1 165 ? -0.161  -13.102 13.776  1.00 31.18  ? 204 THR A O   1 
ATOM   1314 C  CB  . THR A 1 165 ? 0.091   -11.137 16.451  1.00 31.28  ? 204 THR A CB  1 
ATOM   1315 O  OG1 . THR A 1 165 ? 0.122   -9.776  16.881  1.00 30.63  ? 204 THR A OG1 1 
ATOM   1316 C  CG2 . THR A 1 165 ? 1.463   -11.768 16.472  1.00 32.42  ? 204 THR A CG2 1 
ATOM   1317 N  N   . ALA A 1 166 ? -1.983  -13.118 15.084  1.00 31.58  ? 205 ALA A N   1 
ATOM   1318 C  CA  . ALA A 1 166 ? -2.400  -14.515 14.817  1.00 32.95  ? 205 ALA A CA  1 
ATOM   1319 C  C   . ALA A 1 166 ? -2.754  -14.654 13.339  1.00 32.93  ? 205 ALA A C   1 
ATOM   1320 O  O   . ALA A 1 166 ? -2.400  -15.668 12.730  1.00 29.59  ? 205 ALA A O   1 
ATOM   1321 C  CB  . ALA A 1 166 ? -3.569  -14.921 15.679  1.00 36.43  ? 205 ALA A CB  1 
ATOM   1322 N  N   . LEU A 1 167 ? -3.500  -13.691 12.776  1.00 33.80  ? 206 LEU A N   1 
ATOM   1323 C  CA  . LEU A 1 167 ? -3.926  -13.806 11.358  1.00 31.10  ? 206 LEU A CA  1 
ATOM   1324 C  C   . LEU A 1 167 ? -2.703  -13.793 10.455  1.00 27.29  ? 206 LEU A C   1 
ATOM   1325 O  O   . LEU A 1 167 ? -2.725  -14.502 9.419   1.00 28.75  ? 206 LEU A O   1 
ATOM   1326 C  CB  . LEU A 1 167 ? -4.817  -12.613 10.988  1.00 33.39  ? 206 LEU A CB  1 
ATOM   1327 C  CG  . LEU A 1 167 ? -6.292  -12.868 10.730  1.00 40.43  ? 206 LEU A CG  1 
ATOM   1328 C  CD1 . LEU A 1 167 ? -6.794  -11.821 9.720   1.00 34.18  ? 206 LEU A CD1 1 
ATOM   1329 C  CD2 . LEU A 1 167 ? -6.589  -14.274 10.225  1.00 38.50  ? 206 LEU A CD2 1 
ATOM   1330 N  N   . LYS A 1 168 ? -1.764  -12.901 10.752  1.00 25.89  ? 207 LYS A N   1 
ATOM   1331 C  CA  . LYS A 1 168 ? -0.522  -12.692 9.981   1.00 26.84  ? 207 LYS A CA  1 
ATOM   1332 C  C   . LYS A 1 168 ? 0.224   -14.031 9.886   1.00 32.46  ? 207 LYS A C   1 
ATOM   1333 O  O   . LYS A 1 168 ? 0.634   -14.450 8.786   1.00 31.07  ? 207 LYS A O   1 
ATOM   1334 C  CB  . LYS A 1 168 ? 0.399   -11.652 10.616  1.00 26.83  ? 207 LYS A CB  1 
ATOM   1335 C  CG  . LYS A 1 168 ? -0.143  -10.219 10.643  1.00 31.93  ? 207 LYS A CG  1 
ATOM   1336 C  CD  . LYS A 1 168 ? 0.086   -9.436  9.389   1.00 33.16  ? 207 LYS A CD  1 
ATOM   1337 C  CE  . LYS A 1 168 ? -0.385  -8.004  9.584   1.00 33.97  ? 207 LYS A CE  1 
ATOM   1338 N  NZ  . LYS A 1 168 ? 0.270   -7.055  8.662   1.00 36.88  ? 207 LYS A NZ  1 
ATOM   1339 N  N   . ILE A 1 169 ? 0.359   -14.701 11.024  1.00 31.78  ? 208 ILE A N   1 
ATOM   1340 C  CA  . ILE A 1 169 ? 1.085   -16.001 11.038  1.00 29.32  ? 208 ILE A CA  1 
ATOM   1341 C  C   . ILE A 1 169 ? 0.220   -17.043 10.323  1.00 28.39  ? 208 ILE A C   1 
ATOM   1342 O  O   . ILE A 1 169 ? 0.754   -17.793 9.489   1.00 30.95  ? 208 ILE A O   1 
ATOM   1343 C  CB  . ILE A 1 169 ? 1.434   -16.369 12.495  1.00 29.80  ? 208 ILE A CB  1 
ATOM   1344 C  CG1 . ILE A 1 169 ? 2.479   -15.410 13.066  1.00 27.26  ? 208 ILE A CG1 1 
ATOM   1345 C  CG2 . ILE A 1 169 ? 1.907   -17.824 12.576  1.00 31.74  ? 208 ILE A CG2 1 
ATOM   1346 C  CD1 . ILE A 1 169 ? 2.471   -15.332 14.540  1.00 34.09  ? 208 ILE A CD1 1 
ATOM   1347 N  N   . LYS A 1 170 ? -1.074  -17.096 10.607  1.00 29.46  ? 209 LYS A N   1 
ATOM   1348 C  CA  . LYS A 1 170 ? -1.938  -18.189 10.074  1.00 30.21  ? 209 LYS A CA  1 
ATOM   1349 C  C   . LYS A 1 170 ? -1.819  -18.206 8.550   1.00 33.13  ? 209 LYS A C   1 
ATOM   1350 O  O   . LYS A 1 170 ? -1.741  -19.308 7.968   1.00 32.34  ? 209 LYS A O   1 
ATOM   1351 C  CB  . LYS A 1 170 ? -3.379  -18.021 10.562  1.00 31.26  ? 209 LYS A CB  1 
ATOM   1352 C  CG  . LYS A 1 170 ? -4.328  -19.163 10.228  1.00 34.43  ? 209 LYS A CG  1 
ATOM   1353 C  CD  . LYS A 1 170 ? -5.679  -19.048 10.960  1.00 37.59  ? 209 LYS A CD  1 
ATOM   1354 C  CE  . LYS A 1 170 ? -6.564  -20.282 10.874  1.00 41.37  ? 209 LYS A CE  1 
ATOM   1355 N  NZ  . LYS A 1 170 ? -7.277  -20.375 9.577   1.00 41.79  ? 209 LYS A NZ  1 
ATOM   1356 N  N   . TYR A 1 171 ? -1.801  -17.031 7.915   1.00 33.33  ? 210 TYR A N   1 
ATOM   1357 C  CA  . TYR A 1 171 ? -1.921  -16.903 6.442   1.00 34.57  ? 210 TYR A CA  1 
ATOM   1358 C  C   . TYR A 1 171 ? -0.581  -16.663 5.757   1.00 33.73  ? 210 TYR A C   1 
ATOM   1359 O  O   . TYR A 1 171 ? -0.567  -16.705 4.528   1.00 38.67  ? 210 TYR A O   1 
ATOM   1360 C  CB  . TYR A 1 171 ? -3.026  -15.895 6.101   1.00 35.66  ? 210 TYR A CB  1 
ATOM   1361 C  CG  . TYR A 1 171 ? -4.351  -16.539 6.395   1.00 33.86  ? 210 TYR A CG  1 
ATOM   1362 C  CD1 . TYR A 1 171 ? -4.767  -17.623 5.640   1.00 40.43  ? 210 TYR A CD1 1 
ATOM   1363 C  CD2 . TYR A 1 171 ? -5.093  -16.197 7.506   1.00 33.10  ? 210 TYR A CD2 1 
ATOM   1364 C  CE1 . TYR A 1 171 ? -5.949  -18.283 5.928   1.00 40.70  ? 210 TYR A CE1 1 
ATOM   1365 C  CE2 . TYR A 1 171 ? -6.276  -16.846 7.821   1.00 35.59  ? 210 TYR A CE2 1 
ATOM   1366 C  CZ  . TYR A 1 171 ? -6.695  -17.908 7.028   1.00 40.75  ? 210 TYR A CZ  1 
ATOM   1367 O  OH  . TYR A 1 171 ? -7.838  -18.609 7.309   1.00 39.56  ? 210 TYR A OH  1 
ATOM   1368 N  N   . ASN A 1 172 ? 0.515   -16.456 6.478   1.00 37.05  ? 211 ASN A N   1 
ATOM   1369 C  CA  . ASN A 1 172 ? 1.840   -16.336 5.838   1.00 41.89  ? 211 ASN A CA  1 
ATOM   1370 C  C   . ASN A 1 172 ? 2.360   -17.763 5.573   1.00 54.07  ? 211 ASN A C   1 
ATOM   1371 O  O   . ASN A 1 172 ? 1.767   -18.747 6.043   1.00 49.21  ? 211 ASN A O   1 
ATOM   1372 C  CB  . ASN A 1 172 ? 2.756   -15.407 6.627   1.00 47.62  ? 211 ASN A CB  1 
ATOM   1373 C  CG  . ASN A 1 172 ? 3.426   -16.056 7.825   1.00 49.59  ? 211 ASN A CG  1 
ATOM   1374 O  OD1 . ASN A 1 172 ? 4.017   -15.361 8.653   1.00 54.36  ? 211 ASN A OD1 1 
ATOM   1375 N  ND2 . ASN A 1 172 ? 3.373   -17.374 7.909   1.00 50.01  ? 211 ASN A ND2 1 
HETATM 1376 CD CD  . CD  B 2 .   ? -8.964  7.239   -1.570  0.50 24.79  ? 301 CD  A CD  1 
HETATM 1377 CD CD  . CD  C 2 .   ? -10.655 5.831   1.313   1.00 26.48  ? 302 CD  A CD  1 
HETATM 1378 CD CD  . CD  D 2 .   ? 11.752  9.068   -0.024  1.00 59.80  ? 303 CD  A CD  1 
HETATM 1379 CD CD  . CD  E 2 .   ? -9.898  15.329  12.367  1.00 34.74  ? 304 CD  A CD  1 
HETATM 1380 CD CD  . CD  F 2 .   ? 10.164  11.433  -2.513  1.00 60.72  ? 305 CD  A CD  1 
HETATM 1381 N  N1  . NWV G 3 .   ? 11.300  5.161   -13.608 0.70 35.21  ? 306 NWV A N1  1 
HETATM 1382 C  C4  . NWV G 3 .   ? 9.984   4.939   -14.017 0.70 37.18  ? 306 NWV A C4  1 
HETATM 1383 C  C5  . NWV G 3 .   ? 9.065   6.047   -13.619 0.70 36.97  ? 306 NWV A C5  1 
HETATM 1384 C  C6  . NWV G 3 .   ? 9.174   7.180   -12.878 0.70 39.18  ? 306 NWV A C6  1 
HETATM 1385 C  C7  . NWV G 3 .   ? 7.925   7.861   -12.974 0.70 38.46  ? 306 NWV A C7  1 
HETATM 1386 C  C8  . NWV G 3 .   ? 7.138   7.073   -13.771 0.70 38.69  ? 306 NWV A C8  1 
HETATM 1387 N  N   . NWV G 3 .   ? 12.280  1.345   -11.683 0.70 34.39  ? 306 NWV A N   1 
HETATM 1388 C  C   . NWV G 3 .   ? 11.975  -0.008  -11.282 0.70 33.24  ? 306 NWV A C   1 
HETATM 1389 O  O   . NWV G 3 .   ? 9.564   3.956   -14.665 0.70 33.72  ? 306 NWV A O   1 
HETATM 1390 C  C1  . NWV G 3 .   ? 12.031  1.913   -12.921 0.70 33.42  ? 306 NWV A C1  1 
HETATM 1391 C  C2  . NWV G 3 .   ? 12.468  3.227   -12.815 0.70 34.02  ? 306 NWV A C2  1 
HETATM 1392 C  C3  . NWV G 3 .   ? 12.419  4.231   -13.866 0.70 34.56  ? 306 NWV A C3  1 
HETATM 1393 C  C9  . NWV G 3 .   ? 12.982  3.395   -11.491 0.70 33.29  ? 306 NWV A C9  1 
HETATM 1394 N  N2  . NWV G 3 .   ? 12.859  2.234   -10.803 0.70 34.99  ? 306 NWV A N2  1 
HETATM 1395 O  O1  . NWV G 3 .   ? 7.834   5.956   -14.163 0.70 38.91  ? 306 NWV A O1  1 
HETATM 1396 O  O   . HOH H 4 .   ? -6.768  -13.632 14.868  1.00 42.72  ? 401 HOH A O   1 
HETATM 1397 O  O   . HOH H 4 .   ? 11.899  -2.959  -5.243  1.00 33.65  ? 402 HOH A O   1 
HETATM 1398 O  O   . HOH H 4 .   ? -3.807  2.907   -21.947 1.00 45.00  ? 403 HOH A O   1 
HETATM 1399 O  O   . HOH H 4 .   ? 14.103  0.009   13.486  1.00 56.74  ? 404 HOH A O   1 
HETATM 1400 O  O   . HOH H 4 .   ? -3.398  8.874   10.740  1.00 29.89  ? 405 HOH A O   1 
HETATM 1401 O  O   . HOH H 4 .   ? 6.734   -9.950  -13.001 1.00 38.20  ? 406 HOH A O   1 
HETATM 1402 O  O   . HOH H 4 .   ? -3.707  -8.440  -2.700  1.00 33.43  ? 407 HOH A O   1 
HETATM 1403 O  O   . HOH H 4 .   ? 6.917   7.451   12.907  1.00 46.80  ? 408 HOH A O   1 
HETATM 1404 O  O   . HOH H 4 .   ? 6.113   -5.645  0.558   1.00 31.13  ? 409 HOH A O   1 
HETATM 1405 O  O   . HOH H 4 .   ? 5.402   -3.722  6.756   1.00 33.04  ? 410 HOH A O   1 
HETATM 1406 O  O   . HOH H 4 .   ? -5.301  -8.831  -16.980 1.00 50.94  ? 411 HOH A O   1 
HETATM 1407 O  O   . HOH H 4 .   ? 11.651  -2.971  -17.838 0.50 34.23  ? 412 HOH A O   1 
HETATM 1408 O  O   . HOH H 4 .   ? -2.271  -10.532 -1.502  1.00 39.41  ? 413 HOH A O   1 
HETATM 1409 O  O   . HOH H 4 .   ? -4.909  10.393  -10.793 1.00 29.18  ? 414 HOH A O   1 
HETATM 1410 O  O   . HOH H 4 .   ? 12.422  7.089   -12.139 0.70 46.84  ? 415 HOH A O   1 
HETATM 1411 O  O   . HOH H 4 .   ? 4.293   -7.345  -12.490 1.00 38.55  ? 416 HOH A O   1 
HETATM 1412 O  O   . HOH H 4 .   ? -9.667  6.527   -9.275  1.00 44.06  ? 417 HOH A O   1 
HETATM 1413 O  O   . HOH H 4 .   ? 6.883   -8.987  -20.438 1.00 32.92  ? 418 HOH A O   1 
HETATM 1414 O  O   . HOH H 4 .   ? -5.890  10.179  -13.167 1.00 38.23  ? 419 HOH A O   1 
HETATM 1415 O  O   . HOH H 4 .   ? 7.902   -7.455  -21.296 1.00 44.00  ? 420 HOH A O   1 
HETATM 1416 O  O   . HOH H 4 .   ? -6.548  -3.908  5.615   1.00 26.68  ? 421 HOH A O   1 
HETATM 1417 O  O   . HOH H 4 .   ? -9.788  -1.290  17.652  1.00 42.99  ? 422 HOH A O   1 
HETATM 1418 O  O   . HOH H 4 .   ? -5.541  -3.977  15.345  1.00 28.15  ? 423 HOH A O   1 
HETATM 1419 O  O   . HOH H 4 .   ? 8.706   7.843   -15.932 1.00 95.50  ? 424 HOH A O   1 
HETATM 1420 O  O   . HOH H 4 .   ? 7.694   8.411   2.307   1.00 42.86  ? 425 HOH A O   1 
HETATM 1421 O  O   . HOH H 4 .   ? -11.397 2.600   -4.648  1.00 43.58  ? 426 HOH A O   1 
HETATM 1422 O  O   . HOH H 4 .   ? -7.415  8.044   -12.269 1.00 32.03  ? 427 HOH A O   1 
HETATM 1423 O  O   . HOH H 4 .   ? -2.697  -21.917 8.137   1.00 33.60  ? 428 HOH A O   1 
HETATM 1424 O  O   . HOH H 4 .   ? 12.930  1.880   -8.036  0.70 46.54  ? 429 HOH A O   1 
HETATM 1425 O  O   . HOH H 4 .   ? -7.607  -1.672  8.672   1.00 32.42  ? 430 HOH A O   1 
HETATM 1426 O  O   . HOH H 4 .   ? 8.858   -8.998  -10.234 1.00 36.20  ? 431 HOH A O   1 
HETATM 1427 O  O   . HOH H 4 .   ? 4.148   -8.780  -9.989  1.00 33.15  ? 432 HOH A O   1 
HETATM 1428 O  O   . HOH H 4 .   ? 2.227   -8.692  -14.207 1.00 34.93  ? 433 HOH A O   1 
HETATM 1429 O  O   . HOH H 4 .   ? -4.108  -7.824  21.827  1.00 40.04  ? 434 HOH A O   1 
HETATM 1430 O  O   . HOH H 4 .   ? 2.546   10.573  -3.192  1.00 39.43  ? 435 HOH A O   1 
HETATM 1431 O  O   . HOH H 4 .   ? 10.910  -0.056  -0.705  1.00 37.61  ? 436 HOH A O   1 
HETATM 1432 O  O   . HOH H 4 .   ? -3.026  -7.701  -14.069 1.00 36.57  ? 437 HOH A O   1 
HETATM 1433 O  O   . HOH H 4 .   ? 2.647   -4.816  -0.777  1.00 28.75  ? 438 HOH A O   1 
HETATM 1434 O  O   . HOH H 4 .   ? -8.178  8.342   -0.845  0.50 22.62  ? 439 HOH A O   1 
HETATM 1435 O  O   . HOH H 4 .   ? 5.019   -7.338  16.679  1.00 35.68  ? 440 HOH A O   1 
HETATM 1436 O  O   . HOH H 4 .   ? -10.049 -10.641 -4.721  1.00 52.89  ? 441 HOH A O   1 
HETATM 1437 O  O   . HOH H 4 .   ? 12.420  -3.133  -15.164 1.00 41.59  ? 442 HOH A O   1 
HETATM 1438 O  O   . HOH H 4 .   ? 14.948  -9.336  3.420   1.00 32.65  ? 443 HOH A O   1 
HETATM 1439 O  O   . HOH H 4 .   ? 7.433   -4.952  -5.313  1.00 27.74  ? 444 HOH A O   1 
HETATM 1440 O  O   . HOH H 4 .   ? -2.900  5.626   -17.392 1.00 43.13  ? 445 HOH A O   1 
HETATM 1441 O  O   . HOH H 4 .   ? -8.469  14.007  9.349   1.00 35.71  ? 446 HOH A O   1 
HETATM 1442 O  O   . HOH H 4 .   ? 11.251  -7.295  5.301   1.00 39.77  ? 447 HOH A O   1 
HETATM 1443 O  O   . HOH H 4 .   ? 8.208   -5.598  16.104  1.00 44.98  ? 448 HOH A O   1 
HETATM 1444 O  O   . HOH H 4 .   ? -11.090 -12.758 -2.733  1.00 39.26  ? 449 HOH A O   1 
HETATM 1445 O  O   . HOH H 4 .   ? -11.262 0.346   -11.985 1.00 42.16  ? 450 HOH A O   1 
HETATM 1446 O  O   . HOH H 4 .   ? -6.567  9.690   -4.057  1.00 27.20  ? 451 HOH A O   1 
HETATM 1447 O  O   . HOH H 4 .   ? 0.064   -11.827 0.375   1.00 35.11  ? 452 HOH A O   1 
HETATM 1448 O  O   . HOH H 4 .   ? 3.965   1.563   17.560  1.00 44.85  ? 453 HOH A O   1 
HETATM 1449 O  O   . HOH H 4 .   ? -13.384 -2.037  2.739   1.00 44.48  ? 454 HOH A O   1 
HETATM 1450 O  O   . HOH H 4 .   ? 11.742  6.507   -1.286  1.00 52.19  ? 455 HOH A O   1 
HETATM 1451 O  O   . HOH H 4 .   ? 14.835  -9.243  -2.114  1.00 45.60  ? 456 HOH A O   1 
HETATM 1452 O  O   . HOH H 4 .   ? -4.213  13.268  16.926  1.00 34.75  ? 457 HOH A O   1 
HETATM 1453 O  O   . HOH H 4 .   ? 9.015   10.055  -4.280  1.00 32.67  ? 458 HOH A O   1 
HETATM 1454 O  O   . HOH H 4 .   ? 7.930   -7.210  -6.982  1.00 35.73  ? 459 HOH A O   1 
HETATM 1455 O  O   . HOH H 4 .   ? -10.001 5.201   -6.585  1.00 24.21  ? 460 HOH A O   1 
HETATM 1456 O  O   . HOH H 4 .   ? 10.946  7.738   1.807   1.00 37.45  ? 461 HOH A O   1 
HETATM 1457 O  O   . HOH H 4 .   ? 2.908   -11.699 13.459  1.00 46.24  ? 462 HOH A O   1 
HETATM 1458 O  O   . HOH H 4 .   ? 6.615   -8.853  -8.865  1.00 35.39  ? 463 HOH A O   1 
HETATM 1459 O  O   . HOH H 4 .   ? -10.772 13.654  11.019  1.00 24.29  ? 464 HOH A O   1 
HETATM 1460 O  O   . HOH H 4 .   ? -11.234 16.378  14.055  1.00 25.38  ? 465 HOH A O   1 
HETATM 1461 O  O   . HOH H 4 .   ? -10.453 7.248   3.352   1.00 20.36  ? 466 HOH A O   1 
HETATM 1462 O  O   . HOH H 4 .   ? -6.166  -16.145 13.444  1.00 40.27  ? 467 HOH A O   1 
HETATM 1463 O  O   . HOH H 4 .   ? -9.016  16.914  11.138  1.00 33.83  ? 468 HOH A O   1 
HETATM 1464 O  O   . HOH H 4 .   ? 5.359   -7.843  -22.741 1.00 39.02  ? 469 HOH A O   1 
HETATM 1465 O  O   . HOH H 4 .   ? -10.026 -14.556 17.962  1.00 33.49  ? 470 HOH A O   1 
HETATM 1466 O  O   . HOH H 4 .   ? -0.758  -20.785 12.170  1.00 33.62  ? 471 HOH A O   1 
HETATM 1467 O  O   . HOH H 4 .   ? 15.785  -8.825  -3.897  1.00 40.59  ? 472 HOH A O   1 
HETATM 1468 O  O   . HOH H 4 .   ? -3.650  5.055   -19.988 1.00 34.13  ? 473 HOH A O   1 
HETATM 1469 O  O   . HOH H 4 .   ? 13.308  -5.171  -6.144  1.00 32.55  ? 474 HOH A O   1 
HETATM 1470 O  O   . HOH H 4 .   ? 4.613   -11.551 15.301  1.00 52.93  ? 475 HOH A O   1 
HETATM 1471 O  O   . HOH H 4 .   ? 12.603  10.234  -2.224  1.00 44.27  ? 476 HOH A O   1 
HETATM 1472 O  O   . HOH H 4 .   ? 11.443  13.126  -1.108  1.00 46.89  ? 477 HOH A O   1 
# 
